data_8FOJ
#
_entry.id   8FOJ
#
loop_
_entity.id
_entity.type
_entity.pdbx_description
1 polymer 'DNA polymerase'
2 polymer 'DNA primase'
3 polymer 'DNA primase large subunit'
4 polymer 'DNA polymerase alpha subunit B'
5 polymer 'template DNA'
6 polymer 'Primer RNA'
7 non-polymer 'IRON/SULFUR CLUSTER'
#
loop_
_entity_poly.entity_id
_entity_poly.type
_entity_poly.pdbx_seq_one_letter_code
_entity_poly.pdbx_strand_id
1 'polypeptide(L)'
;MSSKSEKLEKLRKLQAARNGTSIDDYEGDESDGDRIYDEIDEKEYRARKRQELLHDDFVVDDDGVGYVDRGVEEDWREVD
NSSSDEDTGNLASKDSKRKKNIKREKDHQITDMLRTQHSKSTLLAHAKKSQKKSIPIDNFDDILGEFESGEVEKPNILLP
SKLRENLNSSPTSEFKSSIKRVNGNDESSHDAGISKKVKIDPDSSTDKYLEIESSPLKLQSRKLRYANDVQDLLDDVENS
PVVATKRQNVLQDTLLANPPSAQSLADEEDDEDSDEDIILKRRTMRSVTTTRRVNIDSRSNPSTSPFVTAPGTPIGIKGL
TPSKSLQSNTDVATLAVNVKKEDVVDPETDTFQMFWLDYCEVNNTLILFGKVKLKDDNCVSAMVQINGLCRELFFLPREG
KTPTDIHEEIIPLLMDKYGLDNIRAKPQKMKYSFELPDIPSESDYLKVLLPYQTPKSSRDTIPSDLSSDTFYHVFGGNSN
IFESFVIQNRIMGPCWLDIKGADFNSIRNASHCAVEVSVDKPQNITPTTTKTMPNLRCLSLSIQTLMNPKENKQEIVSIT
LSAYRNISLDSPIPENIKPDDLCTLVRPPQSTSFPLGLAALAKQKLPGRVRLFNNEKAMLSCFCAMLKVEDPDVIIGHRL
QNVYLDVLAHRMHDLNIPTFSSIGRRLRRTWPEKFGRGNSNMNHFFISDICSGRLICDIANEMGQSLTPKCQSWDLSEMY
QVTCEKEHKPLDIDYQNPQYQNDVNSMTMALQENITNCMISAEVSYRIQLLTLTKQLTNLAGNAWAQTLGGTRAGRNEYI
LLHEFSRNGFIVPDKEGNRSRAQKQRQNEENADAPVNSKKAKYQGGLVFEPEKGLHKNYVLVMDFNSLYPSIIQEFNICF
TTVDRNKEDIDELPSVPPSEVDQGVLPRLLANLVDRRREVKKVMKTETDPHKRVQCDIRQQALKLTANSMYGCLGYVNSR
FYAKPLAMLVTNKGREILMNTRQLAESMNLLVVYGDTDSVMIDTGCDNYADAIKIGLGFKRLVNERYRLLEIDIDNVFKK
LLLHAKKKYAALTVNLDKNGNGTTVLEVKGLDMKRREFCPLSRDVSIHVLNTILSDKDPEEALQEVYDYLEDIRIKVETN
NIRIDKYKINMKLSKDPKAYPGGKNMPAVQVALRMRKAGRVVKAGSVITFVITKQDEIDNAADTPALSVAERAHALNEVM
IKSNNLIPDPQYYLEKQIFAPVERLLERIDSFNVVRLSEALGLDSKKYFRREGGNNNGEDINNLQPLETTITDVERFKDT
VTLELSCPSCDKRFPFGGIVSSNYYRVSYNGLQCKHCEQLFTPLQLTSQIEHSIRAHISLYYAGWLQCDDSTCGIVTRQV
SVFGKRCLNDGCTGVMRYKYSDKQLYNQLLYFDSLFDCEKNKKQELKPIYLPDDLDYPKEQLTESSIKALTEQNRELMET
GRSVVQKYLNDCGRRYVDMTSIFDFMLN
;
1
2 'polypeptide(L)'
;MTNSVKTNGPSSSDMEYYYKSLYPFKHIFNWLNHSPKPSRDMINREFAMAFRSGAYKRYNSFNSVQDFKAQIEKANPDRF
EIGAIYNKPPRERDTLLKSELKALEKELVFDIDMDDYDAFRTCCSGAQVCSKCWKFISLAMKITNTALREDFGYKDFIWV
FSGRRGAHCWVSDKRARALTDVQRRNVLDYVNVIRDRNTDKRLALKRPYHPHLARSLEQLKPFFVSIMLEEQNPWEDDQH
AIQTLLPALYDKQLIDSLKKYWLDNPRRSSKEKWNDIDQIATSLFKGPKQDSHIIKLRECKEDLVLMTLYPKLDVEVTKQ
TIHLLKAPFCIHPATGNVCVPIDESFAPEKAPKLIDLQTEMEKNNDVSLTALQPFINQFQAYVSSLLKNELGSVKRERED
DDEPASLDF
;
A
3 'polypeptide(L)'
;MFRQSKRRIASRKNFSSYDDIVKSELDVGNTNAANQIILSSSSSEEEKKLYARLYESKLSFYDLPPQGEITLEQFEIWAI
DRLKILLEIESCLSRNKSIKEIETIIKPQFQKLLPFNTESLEDRKKDYYSHFILRLCFCRSKELREKFVRAETFLFKIRF
NMLTSTDQTKFVQSLDLPLLQFISNEEKAELSHQLYQTVSASLQFQLNLNEEHQRKQYFQQEKFIKLPFENVIELVGNRL
VFLKDGYAYLPQFQQLNLLSNEFASKLNQELIKTYQYLPRLNEDDRLLPILNHLSSGYTIADFNQQKANQFSENVDDEIN
AQSVWSEEISSNYPLCIKNLMEGLKKNHHLRYYGRQQLSLFLKGIGLSADEALKFWSEAFTRNGNMTMEKFNKEYRYSFR
HNYGLEGNRINYKPWDCHTILSKPRPGRGDYHGCPFRDWSHERLSAELRSMKLTQAQIISVLDSCQKGEYTIACTKVFEM
THNSASADLEIGEQTHIAHPNLYFERSRQLQKKQQKLEKEKLFNNGNH
;
B
4 'polypeptide(L)'
;MSGSIDVITHFGPDADKPEIITALENLTKLHALSVEDLYIKWEQFSNQRRQTHTDLTSKNIDEFKQFLQLQMEKRANQIS
SSSKVNTSTKKPVIKKSLNSSPLFGLSIPKTPTLKKRKLHGPFSLSDSKQTYNVGSEAETNEKGNSSLKLEFTPGMAEDA
VGDSAPLSHAKSSDAKTPGSSTFQTPTTNTPTTSRQNVPAGEILDSLNPENIEISSGNPNVGLLSTEEPSYNQVKVEPFY
DAKKYKFRTMRQNLQEASDVLDDQIESFTKIIQNHYKLSPNDFADPTIQSQSEIYAVGRIVPDSPTYDKFLNPESLSLET
SRMGGVGRRVRLDLSQVNELSFFLGQIVAFKGKNANGDYFTVNSILPLPYPNSPVSTSQELQEFQANLEGSSLKVIVTCG
PYFANDNFSLELLQEFIDSINNEVKPHVLIMFGPFIDITHPLIASGKLPNFPQFKTQPKTLDELFLKLFTPILKTISPHI
QTVLIPSTKDAISNHAAYPQASLIRKALQLPKRNFKCMANPSSFQINEIYFGCSNVDTFKDLKEVIKGGTTSSRYRLDRV
SEHILQQRRYYPIFPGSIRTRIKPKDVSTKKETNDMESKEEKVYEHISGADLDVSYLGLTEFVGGFSPDIMIIPSELQHF
ARVVQNVVVINPGRFIRATGNRGSYAQITVQCPDLEDGKLTLVEGEEPVYLHNVWKRARVDLIAS
;
C
5 'polydeoxyribonucleotide' (DG)(DC)(DT)(DG)(DC)(DC)(DC)(DG)(DC)(DC)(DT) T
6 'polyribonucleotide' AGGCGAGCAG P
#
loop_
_chem_comp.id
_chem_comp.type
_chem_comp.name
_chem_comp.formula
A RNA linking ADENOSINE-5'-MONOPHOSPHATE 'C10 H14 N5 O7 P'
C RNA linking CYTIDINE-5'-MONOPHOSPHATE 'C9 H14 N3 O8 P'
DC DNA linking 2'-DEOXYCYTIDINE-5'-MONOPHOSPHATE 'C9 H14 N3 O7 P'
DG DNA linking 2'-DEOXYGUANOSINE-5'-MONOPHOSPHATE 'C10 H14 N5 O7 P'
DT DNA linking THYMIDINE-5'-MONOPHOSPHATE 'C10 H15 N2 O8 P'
G RNA linking GUANOSINE-5'-MONOPHOSPHATE 'C10 H14 N5 O8 P'
SF4 non-polymer 'IRON/SULFUR CLUSTER' 'Fe4 S4'
#
# COMPACT_ATOMS: atom_id res chain seq x y z
N THR A 351 29.07 -6.01 -79.68
CA THR A 351 29.23 -5.21 -78.47
C THR A 351 27.87 -4.78 -77.92
N PHE A 352 27.85 -4.40 -76.65
CA PHE A 352 26.63 -4.00 -75.97
C PHE A 352 26.92 -2.74 -75.17
N GLN A 353 26.09 -1.71 -75.37
CA GLN A 353 26.30 -0.40 -74.76
C GLN A 353 25.17 -0.11 -73.78
N MET A 354 25.52 0.21 -72.54
CA MET A 354 24.52 0.33 -71.48
C MET A 354 25.02 1.24 -70.37
N PHE A 355 24.24 2.26 -70.05
CA PHE A 355 24.51 3.16 -68.92
C PHE A 355 23.86 2.56 -67.67
N TRP A 356 24.67 2.13 -66.72
CA TRP A 356 24.13 1.41 -65.57
C TRP A 356 23.69 2.39 -64.50
N LEU A 357 22.70 2.00 -63.70
CA LEU A 357 22.20 2.88 -62.65
C LEU A 357 22.26 2.24 -61.26
N ASP A 358 21.97 0.95 -61.14
CA ASP A 358 21.90 0.33 -59.82
C ASP A 358 22.36 -1.12 -59.93
N TYR A 359 22.23 -1.85 -58.82
CA TYR A 359 22.71 -3.22 -58.72
C TYR A 359 21.97 -3.92 -57.59
N CYS A 360 22.07 -5.24 -57.57
CA CYS A 360 21.58 -6.03 -56.46
C CYS A 360 22.36 -7.34 -56.41
N GLU A 361 22.22 -8.05 -55.29
CA GLU A 361 22.89 -9.33 -55.09
C GLU A 361 21.86 -10.41 -54.82
N VAL A 362 21.95 -11.50 -55.58
CA VAL A 362 21.09 -12.65 -55.36
C VAL A 362 21.74 -13.91 -55.93
N ASN A 363 21.67 -15.01 -55.17
CA ASN A 363 22.19 -16.31 -55.58
C ASN A 363 23.67 -16.23 -55.95
N ASN A 364 24.41 -15.42 -55.18
CA ASN A 364 25.84 -15.21 -55.38
C ASN A 364 26.14 -14.66 -56.78
N THR A 365 25.20 -13.90 -57.33
CA THR A 365 25.36 -13.24 -58.62
C THR A 365 25.19 -11.74 -58.45
N LEU A 366 25.84 -10.99 -59.34
CA LEU A 366 25.74 -9.54 -59.35
C LEU A 366 24.99 -9.11 -60.60
N ILE A 367 23.92 -8.35 -60.43
CA ILE A 367 23.11 -7.85 -61.52
C ILE A 367 23.19 -6.33 -61.52
N LEU A 368 23.61 -5.76 -62.64
CA LEU A 368 23.62 -4.31 -62.81
C LEU A 368 22.33 -3.88 -63.49
N PHE A 369 21.64 -2.90 -62.90
CA PHE A 369 20.46 -2.32 -63.50
C PHE A 369 20.83 -1.07 -64.28
N GLY A 370 20.51 -1.08 -65.57
CA GLY A 370 20.85 0.03 -66.42
C GLY A 370 19.88 0.17 -67.56
N LYS A 371 20.25 1.00 -68.53
CA LYS A 371 19.41 1.28 -69.68
C LYS A 371 20.24 1.27 -70.95
N VAL A 372 19.63 0.79 -72.04
CA VAL A 372 20.31 0.53 -73.30
C VAL A 372 19.67 1.36 -74.39
N CYS A 379 16.44 5.18 -75.70
CA CYS A 379 17.07 4.52 -74.57
C CYS A 379 16.03 3.78 -73.74
N VAL A 380 16.19 2.45 -73.64
CA VAL A 380 15.28 1.61 -72.89
C VAL A 380 16.09 0.85 -71.85
N SER A 381 15.43 0.51 -70.74
CA SER A 381 16.10 -0.18 -69.63
C SER A 381 16.59 -1.55 -70.06
N ALA A 382 17.64 -2.03 -69.39
CA ALA A 382 18.27 -3.29 -69.75
C ALA A 382 18.92 -3.91 -68.52
N MET A 383 19.28 -5.18 -68.64
CA MET A 383 19.90 -5.94 -67.57
C MET A 383 21.18 -6.60 -68.05
N VAL A 384 22.13 -6.76 -67.12
CA VAL A 384 23.31 -7.59 -67.33
C VAL A 384 23.60 -8.34 -66.04
N GLN A 385 23.44 -9.66 -66.07
CA GLN A 385 23.81 -10.49 -64.94
C GLN A 385 25.27 -10.89 -65.07
N ILE A 386 26.04 -10.66 -64.03
CA ILE A 386 27.48 -10.87 -64.05
C ILE A 386 27.78 -12.12 -63.23
N ASN A 387 28.11 -13.20 -63.92
CA ASN A 387 28.55 -14.42 -63.27
C ASN A 387 30.06 -14.52 -63.36
N GLY A 388 30.63 -15.47 -62.61
CA GLY A 388 32.06 -15.70 -62.65
C GLY A 388 32.89 -14.70 -61.89
N LEU A 389 32.28 -13.77 -61.18
CA LEU A 389 33.03 -12.84 -60.36
C LEU A 389 33.78 -13.57 -59.26
N CYS A 390 35.00 -13.13 -58.99
CA CYS A 390 35.87 -13.80 -58.03
C CYS A 390 36.34 -12.81 -56.98
N ARG A 391 36.22 -13.20 -55.72
CA ARG A 391 36.87 -12.48 -54.64
C ARG A 391 38.37 -12.55 -54.81
N GLU A 392 39.02 -11.41 -54.71
CA GLU A 392 40.47 -11.33 -54.87
C GLU A 392 41.11 -11.61 -53.51
N LEU A 393 41.39 -12.89 -53.23
CA LEU A 393 42.02 -13.29 -52.00
C LEU A 393 43.53 -13.13 -52.10
N PHE A 394 44.11 -12.47 -51.10
CA PHE A 394 45.54 -12.22 -51.06
C PHE A 394 46.09 -12.83 -49.76
N PHE A 395 47.08 -13.71 -49.90
CA PHE A 395 47.64 -14.42 -48.76
C PHE A 395 49.08 -13.95 -48.53
N LEU A 396 49.39 -13.58 -47.29
CA LEU A 396 50.68 -13.00 -46.96
C LEU A 396 51.61 -14.10 -46.47
N PRO A 397 52.71 -14.40 -47.17
CA PRO A 397 53.57 -15.52 -46.77
C PRO A 397 54.32 -15.26 -45.47
N ARG A 398 54.64 -16.35 -44.78
CA ARG A 398 55.53 -16.31 -43.64
C ARG A 398 56.89 -15.71 -44.03
N GLU A 399 57.69 -15.40 -43.01
CA GLU A 399 59.03 -14.89 -43.24
C GLU A 399 59.87 -15.95 -43.93
N GLY A 400 60.11 -15.79 -45.21
CA GLY A 400 60.83 -16.75 -46.00
C GLY A 400 59.98 -17.71 -46.81
N LYS A 401 58.79 -17.28 -47.23
CA LYS A 401 57.91 -18.14 -48.02
C LYS A 401 57.48 -17.39 -49.28
N THR A 402 57.12 -18.15 -50.30
CA THR A 402 56.83 -17.64 -51.63
C THR A 402 55.38 -17.92 -51.98
N PRO A 403 54.80 -17.13 -52.89
CA PRO A 403 53.42 -17.40 -53.31
C PRO A 403 53.26 -18.74 -54.00
N THR A 404 54.34 -19.33 -54.52
CA THR A 404 54.27 -20.69 -55.04
C THR A 404 54.04 -21.70 -53.93
N ASP A 405 54.66 -21.47 -52.75
CA ASP A 405 54.39 -22.34 -51.61
C ASP A 405 52.94 -22.26 -51.16
N ILE A 406 52.41 -21.04 -51.08
CA ILE A 406 50.99 -20.86 -50.74
C ILE A 406 50.12 -21.54 -51.80
N HIS A 407 50.48 -21.39 -53.07
CA HIS A 407 49.73 -22.06 -54.13
C HIS A 407 49.69 -23.56 -53.88
N GLU A 408 50.87 -24.17 -53.74
CA GLU A 408 50.96 -25.62 -53.58
C GLU A 408 50.21 -26.11 -52.36
N GLU A 409 50.19 -25.33 -51.28
CA GLU A 409 49.48 -25.80 -50.10
C GLU A 409 47.98 -25.58 -50.19
N ILE A 410 47.54 -24.35 -50.41
CA ILE A 410 46.11 -24.07 -50.24
C ILE A 410 45.31 -24.40 -51.48
N ILE A 411 45.89 -24.23 -52.69
CA ILE A 411 45.09 -24.40 -53.90
C ILE A 411 44.48 -25.79 -54.00
N PRO A 412 45.22 -26.90 -53.81
CA PRO A 412 44.53 -28.20 -53.78
C PRO A 412 43.48 -28.30 -52.69
N LEU A 413 43.74 -27.72 -51.52
CA LEU A 413 42.74 -27.71 -50.47
C LEU A 413 41.51 -26.90 -50.88
N LEU A 414 41.71 -25.78 -51.57
CA LEU A 414 40.57 -25.01 -52.06
C LEU A 414 39.79 -25.78 -53.11
N MET A 415 40.48 -26.55 -53.96
CA MET A 415 39.78 -27.40 -54.92
C MET A 415 38.95 -28.46 -54.21
N ASP A 416 39.51 -29.07 -53.16
CA ASP A 416 38.76 -30.09 -52.42
C ASP A 416 37.55 -29.47 -51.73
N LYS A 417 37.73 -28.30 -51.12
CA LYS A 417 36.65 -27.67 -50.38
C LYS A 417 35.54 -27.19 -51.31
N TYR A 418 35.90 -26.48 -52.39
CA TYR A 418 34.92 -25.82 -53.23
C TYR A 418 34.57 -26.61 -54.48
N GLY A 419 35.27 -27.70 -54.77
CA GLY A 419 34.91 -28.58 -55.87
C GLY A 419 34.94 -27.97 -57.25
N LEU A 420 36.01 -27.24 -57.56
CA LEU A 420 36.19 -26.66 -58.89
C LEU A 420 37.02 -27.58 -59.76
N ASP A 421 37.16 -27.19 -61.04
CA ASP A 421 38.04 -27.93 -61.95
C ASP A 421 39.40 -27.27 -62.05
N ASN A 422 39.44 -25.94 -61.91
CA ASN A 422 40.68 -25.18 -61.90
C ASN A 422 40.47 -23.86 -61.17
N ILE A 423 41.54 -23.34 -60.56
CA ILE A 423 41.50 -22.07 -59.85
C ILE A 423 42.64 -21.21 -60.36
N ARG A 424 42.32 -19.96 -60.69
CA ARG A 424 43.33 -19.03 -61.19
C ARG A 424 44.09 -18.41 -60.04
N ALA A 425 45.41 -18.60 -60.02
CA ALA A 425 46.25 -18.08 -58.96
C ALA A 425 47.58 -17.64 -59.53
N LYS A 426 47.98 -16.41 -59.22
CA LYS A 426 49.21 -15.83 -59.72
C LYS A 426 49.86 -15.02 -58.60
N PRO A 427 51.18 -14.90 -58.58
CA PRO A 427 51.83 -14.05 -57.58
C PRO A 427 51.85 -12.59 -58.04
N GLN A 428 51.47 -11.70 -57.12
CA GLN A 428 51.50 -10.27 -57.40
C GLN A 428 52.05 -9.52 -56.19
N LYS A 429 52.81 -8.47 -56.47
CA LYS A 429 53.48 -7.69 -55.44
C LYS A 429 52.65 -6.46 -55.11
N MET A 430 52.30 -6.29 -53.83
CA MET A 430 51.46 -5.19 -53.40
C MET A 430 51.92 -4.69 -52.04
N LYS A 431 51.46 -3.48 -51.68
CA LYS A 431 51.86 -2.80 -50.46
C LYS A 431 50.81 -2.95 -49.38
N TYR A 432 51.19 -2.59 -48.16
CA TYR A 432 50.27 -2.53 -47.03
C TYR A 432 50.80 -1.53 -46.01
N SER A 433 49.96 -0.57 -45.61
CA SER A 433 50.37 0.42 -44.62
C SER A 433 49.23 0.77 -43.66
N PHE A 434 48.35 -0.18 -43.37
CA PHE A 434 47.18 0.03 -42.55
C PHE A 434 47.45 -0.39 -41.10
N GLU A 435 46.38 -0.50 -40.30
CA GLU A 435 46.50 -0.60 -38.84
C GLU A 435 46.69 -2.02 -38.33
N LEU A 436 46.69 -3.04 -39.18
CA LEU A 436 46.94 -4.40 -38.68
C LEU A 436 48.40 -4.57 -38.31
N PRO A 437 48.72 -4.98 -37.09
CA PRO A 437 50.12 -4.95 -36.63
C PRO A 437 50.97 -6.04 -37.28
N ASP A 438 52.27 -5.73 -37.35
CA ASP A 438 53.30 -6.68 -37.79
C ASP A 438 53.10 -7.17 -39.21
N ILE A 439 52.21 -6.53 -39.97
CA ILE A 439 52.08 -6.82 -41.39
C ILE A 439 53.12 -6.00 -42.13
N PRO A 440 54.06 -6.63 -42.84
CA PRO A 440 55.14 -5.88 -43.48
C PRO A 440 54.62 -4.97 -44.58
N SER A 441 55.38 -3.90 -44.82
CA SER A 441 54.95 -2.87 -45.76
C SER A 441 54.86 -3.41 -47.18
N GLU A 442 55.88 -4.15 -47.61
CA GLU A 442 55.92 -4.64 -48.99
C GLU A 442 56.36 -6.09 -49.00
N SER A 443 55.62 -6.91 -49.75
CA SER A 443 55.91 -8.34 -49.85
C SER A 443 55.26 -8.87 -51.12
N ASP A 444 55.46 -10.16 -51.37
CA ASP A 444 54.90 -10.82 -52.54
C ASP A 444 53.69 -11.65 -52.12
N TYR A 445 52.52 -11.26 -52.61
CA TYR A 445 51.27 -11.96 -52.30
C TYR A 445 50.95 -12.98 -53.39
N LEU A 446 50.04 -13.89 -53.06
CA LEU A 446 49.47 -14.82 -54.02
C LEU A 446 48.02 -14.45 -54.25
N LYS A 447 47.71 -13.94 -55.45
CA LYS A 447 46.34 -13.59 -55.80
C LYS A 447 45.60 -14.84 -56.23
N VAL A 448 44.66 -15.29 -55.41
CA VAL A 448 43.77 -16.40 -55.76
C VAL A 448 42.41 -15.81 -56.05
N LEU A 449 41.89 -16.06 -57.25
CA LEU A 449 40.58 -15.58 -57.66
C LEU A 449 39.56 -16.65 -57.32
N LEU A 450 38.95 -16.54 -56.13
CA LEU A 450 37.97 -17.53 -55.70
C LEU A 450 36.59 -17.05 -56.12
N PRO A 451 35.91 -17.73 -57.04
CA PRO A 451 34.64 -17.23 -57.55
C PRO A 451 33.56 -17.23 -56.48
N TYR A 452 32.59 -16.33 -56.66
CA TYR A 452 31.45 -16.28 -55.74
C TYR A 452 30.55 -17.49 -55.91
N GLN A 453 30.41 -18.00 -57.13
CA GLN A 453 29.52 -19.11 -57.44
C GLN A 453 30.35 -20.39 -57.44
N THR A 454 30.13 -21.25 -56.45
CA THR A 454 30.84 -22.51 -56.34
C THR A 454 29.87 -23.67 -56.23
N PRO A 455 30.25 -24.85 -56.71
CA PRO A 455 29.32 -25.99 -56.63
C PRO A 455 28.91 -26.35 -55.21
N LYS A 456 29.81 -26.16 -54.24
CA LYS A 456 29.53 -26.52 -52.85
C LYS A 456 29.93 -25.40 -51.92
N SER A 457 29.09 -25.16 -50.91
CA SER A 457 29.34 -24.21 -49.82
C SER A 457 29.73 -22.83 -50.33
N SER A 458 28.90 -22.25 -51.20
CA SER A 458 29.17 -20.89 -51.68
C SER A 458 28.91 -19.84 -50.60
N ARG A 459 28.28 -20.20 -49.50
CA ARG A 459 27.98 -19.27 -48.41
C ARG A 459 29.02 -19.28 -47.31
N ASP A 460 30.05 -20.12 -47.42
CA ASP A 460 31.09 -20.23 -46.39
C ASP A 460 32.28 -19.37 -46.80
N THR A 461 32.78 -18.57 -45.86
CA THR A 461 33.91 -17.70 -46.10
C THR A 461 35.18 -18.28 -45.49
N ILE A 462 36.32 -17.84 -46.01
CA ILE A 462 37.62 -18.21 -45.47
C ILE A 462 38.05 -17.13 -44.49
N PRO A 463 38.23 -17.45 -43.21
CA PRO A 463 38.57 -16.42 -42.23
C PRO A 463 39.94 -15.80 -42.52
N SER A 464 40.07 -14.53 -42.14
CA SER A 464 41.30 -13.79 -42.42
C SER A 464 42.47 -14.30 -41.60
N ASP A 465 42.21 -15.14 -40.60
CA ASP A 465 43.25 -15.60 -39.67
C ASP A 465 43.71 -17.02 -39.96
N LEU A 466 43.54 -17.51 -41.19
CA LEU A 466 44.01 -18.84 -41.54
C LEU A 466 45.53 -18.84 -41.50
N SER A 467 46.09 -19.41 -40.44
CA SER A 467 47.53 -19.45 -40.23
C SER A 467 48.05 -20.81 -40.68
N SER A 468 48.92 -20.79 -41.69
CA SER A 468 49.50 -22.01 -42.24
C SER A 468 51.00 -21.83 -42.38
N ASP A 469 51.69 -22.91 -42.71
CA ASP A 469 53.15 -22.85 -42.87
C ASP A 469 53.58 -22.04 -44.08
N THR A 470 52.65 -21.67 -44.97
CA THR A 470 52.98 -20.89 -46.16
C THR A 470 52.49 -19.45 -46.07
N PHE A 471 51.31 -19.23 -45.49
CA PHE A 471 50.75 -17.90 -45.31
C PHE A 471 50.17 -17.76 -43.90
N TYR A 472 50.16 -16.53 -43.39
CA TYR A 472 49.55 -16.27 -42.09
C TYR A 472 48.40 -15.26 -42.12
N HIS A 473 48.25 -14.48 -43.18
CA HIS A 473 47.14 -13.53 -43.25
C HIS A 473 46.41 -13.68 -44.58
N VAL A 474 45.10 -13.47 -44.53
CA VAL A 474 44.23 -13.58 -45.69
C VAL A 474 43.49 -12.26 -45.87
N PHE A 475 43.44 -11.78 -47.11
CA PHE A 475 42.70 -10.56 -47.43
C PHE A 475 41.64 -10.87 -48.49
N GLY A 476 40.58 -10.08 -48.49
CA GLY A 476 39.49 -10.32 -49.41
C GLY A 476 38.60 -11.48 -49.05
N GLY A 477 38.72 -12.01 -47.83
CA GLY A 477 37.92 -13.16 -47.44
C GLY A 477 36.43 -12.88 -47.42
N ASN A 478 36.05 -11.64 -47.07
CA ASN A 478 34.66 -11.24 -47.04
C ASN A 478 34.37 -10.09 -48.01
N SER A 479 34.99 -10.09 -49.18
CA SER A 479 34.78 -9.02 -50.15
C SER A 479 33.35 -9.05 -50.68
N ASN A 480 32.81 -7.87 -50.97
CA ASN A 480 31.48 -7.74 -51.53
C ASN A 480 31.54 -7.89 -53.04
N ILE A 481 30.55 -8.59 -53.60
CA ILE A 481 30.57 -8.90 -55.03
C ILE A 481 30.49 -7.62 -55.86
N PHE A 482 29.59 -6.71 -55.50
CA PHE A 482 29.52 -5.43 -56.18
C PHE A 482 30.79 -4.62 -55.94
N GLU A 483 31.30 -4.62 -54.71
CA GLU A 483 32.52 -3.89 -54.39
C GLU A 483 33.71 -4.45 -55.17
N SER A 484 33.87 -5.77 -55.20
CA SER A 484 34.98 -6.38 -55.93
C SER A 484 34.86 -6.11 -57.43
N PHE A 485 33.65 -6.25 -57.98
CA PHE A 485 33.45 -5.99 -59.40
C PHE A 485 33.80 -4.55 -59.74
N VAL A 486 33.38 -3.61 -58.90
CA VAL A 486 33.61 -2.20 -59.18
C VAL A 486 35.08 -1.85 -59.01
N ILE A 487 35.76 -2.46 -58.04
CA ILE A 487 37.16 -2.14 -57.79
C ILE A 487 38.05 -2.72 -58.89
N GLN A 488 37.83 -3.99 -59.26
CA GLN A 488 38.66 -4.60 -60.29
C GLN A 488 38.48 -3.89 -61.62
N ASN A 489 37.25 -3.58 -62.00
CA ASN A 489 36.96 -2.89 -63.25
C ASN A 489 37.10 -1.38 -63.15
N ARG A 490 37.41 -0.86 -61.96
CA ARG A 490 37.73 0.56 -61.76
C ARG A 490 36.59 1.47 -62.22
N ILE A 491 35.36 1.05 -61.95
CA ILE A 491 34.17 1.79 -62.38
C ILE A 491 33.85 2.86 -61.35
N MET A 492 34.03 4.12 -61.73
CA MET A 492 33.87 5.27 -60.84
C MET A 492 32.50 5.90 -61.11
N GLY A 493 31.47 5.32 -60.50
CA GLY A 493 30.13 5.86 -60.59
C GLY A 493 29.39 5.48 -61.85
N PRO A 494 28.18 6.01 -62.00
CA PRO A 494 27.35 5.67 -63.17
C PRO A 494 27.89 6.32 -64.44
N CYS A 495 28.40 5.48 -65.34
CA CYS A 495 28.88 5.93 -66.63
C CYS A 495 28.56 4.85 -67.66
N TRP A 496 29.05 5.05 -68.87
CA TRP A 496 28.91 4.03 -69.92
C TRP A 496 29.72 2.79 -69.57
N LEU A 497 29.24 1.64 -70.06
CA LEU A 497 29.96 0.39 -69.97
C LEU A 497 30.02 -0.24 -71.35
N ASP A 498 31.20 -0.69 -71.75
CA ASP A 498 31.36 -1.43 -73.00
C ASP A 498 31.23 -2.92 -72.71
N ILE A 499 30.08 -3.50 -73.06
CA ILE A 499 29.79 -4.90 -72.80
C ILE A 499 29.92 -5.66 -74.11
N LYS A 500 30.62 -6.79 -74.06
CA LYS A 500 30.82 -7.64 -75.23
C LYS A 500 30.34 -9.06 -74.93
N GLY A 501 29.87 -9.73 -75.97
CA GLY A 501 29.40 -11.11 -75.84
C GLY A 501 28.20 -11.27 -74.92
N ALA A 510 13.18 -12.36 -66.04
CA ALA A 510 13.91 -12.15 -64.81
C ALA A 510 13.87 -10.69 -64.33
N SER A 511 13.38 -9.77 -65.16
CA SER A 511 13.32 -8.37 -64.81
C SER A 511 12.12 -7.74 -65.52
N HIS A 512 11.85 -6.48 -65.20
CA HIS A 512 10.73 -5.75 -65.77
C HIS A 512 11.14 -4.94 -67.00
N CYS A 513 12.33 -5.17 -67.53
CA CYS A 513 12.82 -4.47 -68.70
C CYS A 513 12.30 -5.12 -69.97
N ALA A 514 12.63 -4.49 -71.11
CA ALA A 514 12.39 -5.13 -72.40
C ALA A 514 13.67 -5.76 -72.94
N VAL A 515 14.83 -5.38 -72.39
CA VAL A 515 16.12 -5.90 -72.80
C VAL A 515 16.74 -6.61 -71.61
N GLU A 516 17.15 -7.86 -71.80
CA GLU A 516 17.78 -8.65 -70.75
C GLU A 516 18.91 -9.47 -71.37
N VAL A 517 20.14 -9.24 -70.90
CA VAL A 517 21.30 -10.01 -71.31
C VAL A 517 22.13 -10.37 -70.08
N SER A 518 23.18 -11.14 -70.30
CA SER A 518 24.08 -11.57 -69.24
C SER A 518 25.47 -11.78 -69.82
N VAL A 519 26.47 -11.77 -68.93
CA VAL A 519 27.87 -11.99 -69.30
C VAL A 519 28.45 -13.06 -68.39
N ASP A 520 29.25 -13.96 -68.98
CA ASP A 520 29.81 -15.07 -68.23
C ASP A 520 30.98 -14.67 -67.34
N LYS A 521 31.74 -13.64 -67.72
CA LYS A 521 32.92 -13.22 -66.95
C LYS A 521 32.85 -11.74 -66.67
N PRO A 522 33.48 -11.26 -65.59
CA PRO A 522 33.42 -9.82 -65.28
C PRO A 522 34.21 -8.95 -66.23
N GLN A 523 35.30 -9.46 -66.82
CA GLN A 523 36.15 -8.65 -67.69
C GLN A 523 35.44 -8.22 -68.97
N ASN A 524 34.30 -8.81 -69.30
CA ASN A 524 33.57 -8.44 -70.51
C ASN A 524 33.01 -7.03 -70.45
N ILE A 525 33.02 -6.40 -69.28
CA ILE A 525 32.46 -5.06 -69.09
C ILE A 525 33.61 -4.11 -68.77
N THR A 526 33.84 -3.14 -69.66
CA THR A 526 34.89 -2.14 -69.48
C THR A 526 34.30 -0.75 -69.54
N PRO A 527 34.67 0.13 -68.60
CA PRO A 527 34.09 1.47 -68.57
C PRO A 527 34.57 2.32 -69.74
N THR A 528 33.75 3.31 -70.09
CA THR A 528 33.99 4.18 -71.22
C THR A 528 34.26 5.61 -70.74
N THR A 529 35.10 6.32 -71.49
CA THR A 529 35.49 7.69 -71.16
C THR A 529 34.38 8.70 -71.36
N THR A 530 33.39 8.39 -72.19
CA THR A 530 32.37 9.37 -72.60
C THR A 530 31.69 9.99 -71.40
N LYS A 531 31.47 11.31 -71.46
CA LYS A 531 30.91 12.07 -70.36
C LYS A 531 29.40 12.28 -70.46
N THR A 532 28.81 12.01 -71.60
CA THR A 532 27.38 12.22 -71.78
C THR A 532 26.59 11.18 -70.98
N MET A 533 25.30 11.47 -70.79
CA MET A 533 24.40 10.60 -70.07
C MET A 533 23.00 10.84 -70.60
N PRO A 534 22.35 9.82 -71.14
CA PRO A 534 21.13 10.05 -71.92
C PRO A 534 19.93 10.36 -71.04
N ASN A 535 18.78 10.43 -71.71
CA ASN A 535 17.52 10.77 -71.04
C ASN A 535 17.12 9.71 -70.01
N LEU A 536 16.54 10.19 -68.92
CA LEU A 536 16.04 9.36 -67.83
C LEU A 536 14.52 9.38 -67.81
N ARG A 537 13.93 8.26 -67.39
CA ARG A 537 12.49 8.16 -67.17
C ARG A 537 12.22 8.49 -65.70
N CYS A 538 11.79 9.73 -65.44
CA CYS A 538 11.54 10.20 -64.08
C CYS A 538 10.08 9.99 -63.71
N LEU A 539 9.82 9.90 -62.41
CA LEU A 539 8.47 9.67 -61.89
C LEU A 539 8.35 10.25 -60.50
N SER A 540 7.56 11.31 -60.35
CA SER A 540 7.33 11.91 -59.04
C SER A 540 6.16 11.22 -58.34
N LEU A 541 6.28 11.03 -57.03
CA LEU A 541 5.25 10.41 -56.23
C LEU A 541 4.86 11.31 -55.05
N SER A 542 3.55 11.44 -54.84
CA SER A 542 3.00 12.10 -53.66
C SER A 542 1.71 11.37 -53.28
N ILE A 543 1.68 10.81 -52.09
CA ILE A 543 0.63 9.87 -51.68
C ILE A 543 -0.12 10.44 -50.49
N GLN A 544 -1.45 10.52 -50.61
CA GLN A 544 -2.32 10.87 -49.50
C GLN A 544 -2.50 9.63 -48.62
N THR A 545 -2.47 9.82 -47.31
CA THR A 545 -2.45 8.74 -46.37
C THR A 545 -3.66 8.81 -45.44
N LEU A 546 -4.18 7.63 -45.08
CA LEU A 546 -5.27 7.49 -44.14
C LEU A 546 -4.80 6.59 -43.01
N MET A 547 -5.21 6.93 -41.79
CA MET A 547 -4.89 6.12 -40.61
C MET A 547 -6.18 5.48 -40.10
N ASN A 548 -6.14 4.18 -39.89
CA ASN A 548 -7.31 3.42 -39.43
C ASN A 548 -7.14 3.12 -37.95
N PRO A 549 -7.99 3.67 -37.07
CA PRO A 549 -7.76 3.48 -35.63
C PRO A 549 -7.92 2.05 -35.14
N LYS A 550 -8.16 1.08 -36.03
CA LYS A 550 -8.31 -0.30 -35.58
C LYS A 550 -6.96 -1.01 -35.51
N GLU A 551 -6.20 -0.97 -36.60
CA GLU A 551 -4.90 -1.64 -36.67
C GLU A 551 -3.73 -0.67 -36.65
N ASN A 552 -3.99 0.64 -36.63
CA ASN A 552 -2.94 1.67 -36.69
C ASN A 552 -2.02 1.43 -37.89
N LYS A 553 -2.64 1.33 -39.06
CA LYS A 553 -1.93 1.10 -40.30
C LYS A 553 -2.29 2.21 -41.28
N GLN A 554 -1.30 2.72 -42.01
CA GLN A 554 -1.47 3.89 -42.85
C GLN A 554 -1.95 3.45 -44.22
N GLU A 555 -3.25 3.57 -44.45
CA GLU A 555 -3.88 3.08 -45.68
C GLU A 555 -3.90 4.16 -46.76
N ILE A 556 -3.56 3.75 -47.97
CA ILE A 556 -3.41 4.66 -49.10
C ILE A 556 -4.77 4.89 -49.74
N VAL A 557 -5.09 6.16 -49.99
CA VAL A 557 -6.39 6.55 -50.53
C VAL A 557 -6.28 7.09 -51.94
N SER A 558 -5.22 7.84 -52.24
CA SER A 558 -5.05 8.41 -53.57
C SER A 558 -3.57 8.62 -53.84
N ILE A 559 -3.19 8.42 -55.10
CA ILE A 559 -1.80 8.59 -55.54
C ILE A 559 -1.81 9.44 -56.79
N THR A 560 -0.87 10.37 -56.89
CA THR A 560 -0.65 11.15 -58.10
C THR A 560 0.65 10.72 -58.75
N LEU A 561 0.58 10.34 -60.02
CA LEU A 561 1.72 9.81 -60.76
C LEU A 561 2.00 10.72 -61.95
N SER A 562 3.23 11.24 -62.02
CA SER A 562 3.66 12.17 -63.05
C SER A 562 5.01 11.73 -63.60
N ALA A 563 5.08 11.54 -64.91
CA ALA A 563 6.27 11.03 -65.56
C ALA A 563 6.91 12.11 -66.42
N TYR A 564 8.18 12.42 -66.14
CA TYR A 564 9.00 13.32 -66.95
C TYR A 564 9.97 12.42 -67.72
N ARG A 565 9.50 11.91 -68.85
CA ARG A 565 10.14 10.78 -69.54
C ARG A 565 11.52 11.07 -70.09
N ASN A 566 11.87 12.33 -70.32
CA ASN A 566 13.08 12.67 -71.07
C ASN A 566 13.88 13.77 -70.38
N ASN A 576 9.46 24.90 -64.14
CA ASN A 576 8.03 24.67 -64.37
C ASN A 576 7.80 23.77 -65.58
N ILE A 577 8.53 22.65 -65.63
CA ILE A 577 8.41 21.75 -66.77
C ILE A 577 7.09 21.00 -66.70
N LYS A 578 6.42 20.91 -67.85
CA LYS A 578 5.12 20.26 -68.04
C LYS A 578 5.29 18.75 -68.17
N PRO A 579 4.62 17.99 -67.31
CA PRO A 579 4.77 16.53 -67.36
C PRO A 579 4.20 15.97 -68.65
N ASP A 580 4.79 14.86 -69.11
CA ASP A 580 4.27 14.19 -70.29
C ASP A 580 2.89 13.59 -70.04
N ASP A 581 2.64 13.07 -68.83
CA ASP A 581 1.33 12.56 -68.49
C ASP A 581 1.06 12.87 -67.02
N LEU A 582 -0.21 12.83 -66.63
CA LEU A 582 -0.60 13.12 -65.26
C LEU A 582 -1.75 12.18 -64.89
N CYS A 583 -1.49 11.27 -63.95
CA CYS A 583 -2.44 10.24 -63.57
C CYS A 583 -2.67 10.29 -62.06
N THR A 584 -3.92 10.06 -61.66
CA THR A 584 -4.30 10.09 -60.26
C THR A 584 -5.27 8.95 -59.97
N LEU A 585 -4.81 7.98 -59.20
CA LEU A 585 -5.64 6.87 -58.74
C LEU A 585 -6.22 7.24 -57.39
N VAL A 586 -7.40 6.69 -57.09
CA VAL A 586 -8.06 6.99 -55.82
C VAL A 586 -9.01 5.85 -55.48
N ARG A 587 -9.13 5.56 -54.18
CA ARG A 587 -10.06 4.59 -53.64
C ARG A 587 -10.98 5.29 -52.65
N PRO A 588 -12.21 4.80 -52.47
CA PRO A 588 -13.12 5.43 -51.52
C PRO A 588 -12.66 5.22 -50.09
N PRO A 589 -12.44 6.30 -49.34
CA PRO A 589 -11.90 6.14 -47.98
C PRO A 589 -12.90 5.63 -46.97
N GLN A 590 -14.20 5.79 -47.23
CA GLN A 590 -15.22 5.44 -46.24
C GLN A 590 -16.22 4.41 -46.75
N SER A 591 -16.63 4.50 -48.01
CA SER A 591 -17.63 3.59 -48.56
C SER A 591 -16.99 2.60 -49.51
N ARG A 609 -5.21 12.33 -66.20
CA ARG A 609 -6.12 11.20 -66.09
C ARG A 609 -6.40 10.87 -64.63
N VAL A 610 -7.61 10.41 -64.35
CA VAL A 610 -8.01 9.94 -63.03
C VAL A 610 -8.74 8.61 -63.20
N ARG A 611 -8.33 7.60 -62.44
CA ARG A 611 -8.98 6.30 -62.45
C ARG A 611 -9.65 6.07 -61.10
N LEU A 612 -10.90 5.63 -61.15
CA LEU A 612 -11.70 5.34 -59.96
C LEU A 612 -11.70 3.84 -59.72
N PHE A 613 -11.71 3.44 -58.46
CA PHE A 613 -11.64 2.03 -58.09
C PHE A 613 -12.65 1.73 -56.98
N ASN A 614 -13.03 0.45 -56.91
CA ASN A 614 -13.91 -0.01 -55.83
C ASN A 614 -13.21 -0.05 -54.48
N ASN A 615 -11.90 -0.26 -54.45
CA ASN A 615 -11.19 -0.47 -53.19
C ASN A 615 -9.71 -0.25 -53.42
N GLU A 616 -8.91 -0.62 -52.40
CA GLU A 616 -7.48 -0.39 -52.43
C GLU A 616 -6.75 -1.42 -53.28
N LYS A 617 -7.22 -2.66 -53.30
CA LYS A 617 -6.44 -3.75 -53.90
C LYS A 617 -6.34 -3.62 -55.41
N ALA A 618 -7.46 -3.38 -56.08
CA ALA A 618 -7.43 -3.16 -57.52
C ALA A 618 -6.64 -1.91 -57.86
N MET A 619 -6.81 -0.87 -57.04
CA MET A 619 -6.01 0.35 -57.18
C MET A 619 -4.52 0.03 -57.22
N LEU A 620 -4.04 -0.75 -56.25
CA LEU A 620 -2.61 -0.97 -56.12
C LEU A 620 -2.09 -1.94 -57.18
N SER A 621 -2.91 -2.93 -57.57
CA SER A 621 -2.51 -3.79 -58.68
C SER A 621 -2.40 -3.01 -59.98
N CYS A 622 -3.35 -2.11 -60.24
CA CYS A 622 -3.26 -1.26 -61.42
C CYS A 622 -2.05 -0.33 -61.32
N PHE A 623 -1.73 0.13 -60.11
CA PHE A 623 -0.51 0.90 -59.91
C PHE A 623 0.71 0.11 -60.35
N CYS A 624 0.80 -1.15 -59.92
CA CYS A 624 1.96 -1.97 -60.27
C CYS A 624 2.04 -2.19 -61.78
N ALA A 625 0.90 -2.47 -62.42
CA ALA A 625 0.90 -2.69 -63.86
C ALA A 625 1.31 -1.45 -64.62
N MET A 626 0.72 -0.29 -64.29
CA MET A 626 1.05 0.93 -65.01
C MET A 626 2.44 1.42 -64.65
N LEU A 627 2.96 0.98 -63.50
CA LEU A 627 4.35 1.29 -63.15
C LEU A 627 5.32 0.47 -63.98
N LYS A 628 5.00 -0.81 -64.21
CA LYS A 628 5.80 -1.60 -65.13
C LYS A 628 5.75 -1.03 -66.54
N VAL A 629 4.55 -0.58 -66.97
CA VAL A 629 4.44 0.04 -68.28
C VAL A 629 5.28 1.31 -68.34
N GLU A 630 5.19 2.16 -67.32
CA GLU A 630 6.02 3.36 -67.26
C GLU A 630 7.49 3.00 -67.14
N ASP A 631 7.82 2.09 -66.24
CA ASP A 631 9.19 1.64 -66.01
C ASP A 631 10.16 2.81 -65.83
N PRO A 632 9.94 3.66 -64.82
CA PRO A 632 10.76 4.86 -64.69
C PRO A 632 12.18 4.54 -64.26
N ASP A 633 13.12 5.36 -64.74
CA ASP A 633 14.51 5.24 -64.30
C ASP A 633 14.72 5.78 -62.89
N VAL A 634 14.05 6.87 -62.53
CA VAL A 634 14.17 7.49 -61.22
C VAL A 634 12.78 7.78 -60.69
N ILE A 635 12.52 7.41 -59.45
CA ILE A 635 11.26 7.74 -58.78
C ILE A 635 11.54 8.91 -57.84
N ILE A 636 10.67 9.90 -57.86
CA ILE A 636 10.87 11.15 -57.13
C ILE A 636 9.75 11.31 -56.11
N GLY A 637 10.06 11.99 -55.00
CA GLY A 637 9.03 12.30 -54.04
C GLY A 637 9.56 13.08 -52.86
N HIS A 638 8.66 13.32 -51.91
CA HIS A 638 8.97 14.07 -50.69
C HIS A 638 8.86 13.10 -49.52
N ARG A 639 9.97 12.93 -48.79
CA ARG A 639 10.05 11.99 -47.67
C ARG A 639 9.65 10.57 -48.08
N LEU A 640 10.16 10.09 -49.22
CA LEU A 640 9.89 8.72 -49.63
C LEU A 640 10.76 7.73 -48.87
N GLN A 641 11.84 8.20 -48.26
CA GLN A 641 12.86 7.29 -47.74
C GLN A 641 12.39 6.59 -46.47
N ASN A 642 11.67 7.29 -45.60
CA ASN A 642 11.36 6.75 -44.28
C ASN A 642 9.88 6.86 -43.91
N VAL A 643 9.04 7.42 -44.77
CA VAL A 643 7.60 7.42 -44.51
C VAL A 643 6.82 6.79 -45.66
N TYR A 644 6.86 7.44 -46.82
CA TYR A 644 5.88 7.16 -47.87
C TYR A 644 6.11 5.84 -48.57
N LEU A 645 7.36 5.54 -48.98
CA LEU A 645 7.60 4.25 -49.64
C LEU A 645 7.50 3.11 -48.65
N ASP A 646 7.86 3.35 -47.39
CA ASP A 646 7.64 2.36 -46.34
C ASP A 646 6.16 2.01 -46.23
N VAL A 647 5.31 3.03 -46.18
CA VAL A 647 3.87 2.80 -46.08
C VAL A 647 3.35 2.11 -47.33
N LEU A 648 3.85 2.51 -48.50
CA LEU A 648 3.45 1.87 -49.74
C LEU A 648 3.79 0.38 -49.72
N ALA A 649 4.99 0.03 -49.27
CA ALA A 649 5.40 -1.36 -49.24
C ALA A 649 4.59 -2.17 -48.22
N HIS A 650 4.31 -1.56 -47.07
CA HIS A 650 3.52 -2.27 -46.05
C HIS A 650 2.10 -2.52 -46.54
N ARG A 651 1.50 -1.54 -47.22
CA ARG A 651 0.17 -1.74 -47.78
C ARG A 651 0.22 -2.70 -48.97
N MET A 652 1.37 -2.80 -49.64
CA MET A 652 1.56 -3.78 -50.69
C MET A 652 1.50 -5.19 -50.14
N HIS A 653 2.16 -5.44 -49.01
CA HIS A 653 2.13 -6.75 -48.38
C HIS A 653 0.77 -7.06 -47.79
N ASP A 654 0.18 -6.10 -47.05
CA ASP A 654 -1.06 -6.38 -46.32
C ASP A 654 -2.16 -6.88 -47.27
N LEU A 655 -2.18 -6.37 -48.50
CA LEU A 655 -3.13 -6.81 -49.50
C LEU A 655 -2.65 -8.03 -50.29
N ASN A 656 -1.38 -8.41 -50.14
CA ASN A 656 -0.81 -9.58 -50.84
C ASN A 656 -0.97 -9.48 -52.35
N ILE A 657 -0.32 -8.48 -52.93
CA ILE A 657 -0.34 -8.30 -54.38
C ILE A 657 0.86 -9.04 -54.99
N PRO A 658 0.68 -9.67 -56.16
CA PRO A 658 1.80 -10.42 -56.75
C PRO A 658 2.78 -9.58 -57.52
N THR A 659 2.34 -8.46 -58.10
CA THR A 659 3.18 -7.62 -58.94
C THR A 659 3.89 -6.53 -58.15
N PHE A 660 4.15 -6.76 -56.86
CA PHE A 660 4.78 -5.72 -56.05
C PHE A 660 6.24 -5.52 -56.39
N SER A 661 6.79 -6.37 -57.26
CA SER A 661 8.18 -6.26 -57.66
C SER A 661 8.39 -5.23 -58.77
N SER A 662 7.32 -4.62 -59.29
CA SER A 662 7.45 -3.54 -60.25
C SER A 662 7.85 -2.23 -59.62
N ILE A 663 7.76 -2.11 -58.29
CA ILE A 663 8.28 -0.92 -57.61
C ILE A 663 9.79 -0.84 -57.74
N GLY A 664 10.46 -1.97 -57.97
CA GLY A 664 11.83 -1.98 -58.43
C GLY A 664 11.87 -2.40 -59.88
N ARG A 665 13.04 -2.76 -60.39
CA ARG A 665 13.12 -3.27 -61.75
C ARG A 665 13.34 -4.77 -61.79
N ARG A 666 13.73 -5.39 -60.68
CA ARG A 666 13.93 -6.82 -60.59
C ARG A 666 12.60 -7.54 -60.34
N LEU A 667 12.37 -8.62 -61.08
CA LEU A 667 11.17 -9.42 -60.94
C LEU A 667 11.31 -10.39 -59.77
N ARG A 668 10.23 -10.55 -59.00
CA ARG A 668 10.18 -11.49 -57.90
C ARG A 668 8.77 -12.05 -57.79
N ARG A 669 8.64 -13.20 -57.13
CA ARG A 669 7.33 -13.81 -56.97
C ARG A 669 6.83 -13.73 -55.53
N THR A 670 7.73 -13.82 -54.55
CA THR A 670 7.34 -13.79 -53.14
C THR A 670 8.24 -12.83 -52.38
N TRP A 671 7.69 -12.26 -51.31
CA TRP A 671 8.41 -11.39 -50.41
C TRP A 671 9.54 -12.14 -49.72
N PRO A 672 10.67 -11.48 -49.47
CA PRO A 672 11.67 -12.05 -48.57
C PRO A 672 11.06 -12.64 -47.31
N GLU A 673 11.72 -13.69 -46.79
CA GLU A 673 11.14 -14.46 -45.70
C GLU A 673 10.90 -13.60 -44.45
N LYS A 674 11.93 -12.89 -43.99
CA LYS A 674 11.83 -12.13 -42.74
C LYS A 674 11.31 -10.70 -42.93
N PHE A 675 10.14 -10.52 -43.53
CA PHE A 675 9.50 -9.21 -43.59
C PHE A 675 8.18 -9.30 -42.82
N ASN A 681 14.20 -1.58 -38.57
CA ASN A 681 15.56 -1.37 -39.07
C ASN A 681 15.85 -2.25 -40.28
N MET A 682 15.48 -3.52 -40.22
CA MET A 682 15.75 -4.43 -41.32
C MET A 682 14.77 -4.19 -42.47
N ASN A 683 13.59 -3.65 -42.17
CA ASN A 683 12.62 -3.42 -43.21
C ASN A 683 13.12 -2.35 -44.19
N HIS A 684 13.78 -1.32 -43.67
CA HIS A 684 14.40 -0.32 -44.53
C HIS A 684 15.32 -0.99 -45.53
N PHE A 685 16.16 -1.92 -45.06
CA PHE A 685 17.08 -2.64 -45.94
C PHE A 685 16.31 -3.48 -46.95
N PHE A 686 15.21 -4.12 -46.53
CA PHE A 686 14.50 -5.02 -47.43
C PHE A 686 13.81 -4.27 -48.56
N ILE A 687 13.14 -3.15 -48.26
CA ILE A 687 12.57 -2.36 -49.36
C ILE A 687 13.67 -1.71 -50.20
N SER A 688 14.80 -1.37 -49.58
CA SER A 688 15.92 -0.87 -50.38
C SER A 688 16.43 -1.94 -51.34
N ASP A 689 16.40 -3.20 -50.92
CA ASP A 689 16.84 -4.29 -51.78
C ASP A 689 15.83 -4.58 -52.89
N ILE A 690 14.53 -4.62 -52.56
CA ILE A 690 13.54 -4.94 -53.57
C ILE A 690 13.40 -3.80 -54.58
N CYS A 691 13.58 -2.56 -54.13
CA CYS A 691 13.46 -1.43 -55.04
C CYS A 691 14.74 -1.18 -55.82
N SER A 692 15.80 -1.95 -55.58
CA SER A 692 17.00 -1.89 -56.39
C SER A 692 16.66 -2.14 -57.85
N GLY A 693 16.89 -1.13 -58.68
CA GLY A 693 16.47 -1.11 -60.07
C GLY A 693 15.67 0.12 -60.43
N ARG A 694 14.91 0.66 -59.48
CA ARG A 694 14.29 1.97 -59.59
C ARG A 694 14.92 2.87 -58.54
N LEU A 695 15.12 4.12 -58.90
CA LEU A 695 16.03 4.98 -58.15
C LEU A 695 15.27 5.88 -57.19
N ILE A 696 15.57 5.75 -55.90
CA ILE A 696 14.91 6.53 -54.86
C ILE A 696 15.47 7.96 -54.88
N CYS A 697 14.63 8.91 -55.28
CA CYS A 697 14.99 10.33 -55.26
C CYS A 697 14.09 11.02 -54.24
N ASP A 698 14.56 11.04 -52.99
CA ASP A 698 13.87 11.74 -51.92
C ASP A 698 14.45 13.15 -51.84
N ILE A 699 13.57 14.15 -51.79
CA ILE A 699 14.03 15.53 -51.79
C ILE A 699 14.06 16.12 -50.39
N ALA A 700 13.33 15.51 -49.45
CA ALA A 700 13.35 15.92 -48.05
C ALA A 700 14.23 15.01 -47.20
N ASN A 701 15.01 14.14 -47.82
CA ASN A 701 15.89 13.23 -47.12
C ASN A 701 17.19 13.93 -46.74
N GLU A 702 18.11 13.19 -46.14
CA GLU A 702 19.33 13.80 -45.61
C GLU A 702 20.13 14.49 -46.70
N MET A 703 20.36 13.80 -47.81
CA MET A 703 21.06 14.43 -48.94
C MET A 703 20.26 15.60 -49.49
N GLY A 704 18.96 15.42 -49.69
CA GLY A 704 18.14 16.51 -50.18
C GLY A 704 18.10 17.69 -49.22
N GLN A 705 17.93 17.42 -47.93
CA GLN A 705 17.85 18.51 -46.96
C GLN A 705 19.21 19.21 -46.81
N SER A 706 20.30 18.51 -47.13
CA SER A 706 21.60 19.15 -47.08
C SER A 706 21.74 20.22 -48.15
N LEU A 707 20.89 20.18 -49.18
CA LEU A 707 20.93 21.15 -50.26
C LEU A 707 20.01 22.33 -50.06
N THR A 708 19.12 22.28 -49.07
CA THR A 708 18.26 23.41 -48.71
C THR A 708 18.34 23.66 -47.21
N PRO A 709 19.48 24.15 -46.72
CA PRO A 709 19.58 24.51 -45.30
C PRO A 709 18.63 25.64 -44.90
N LYS A 710 18.19 26.46 -45.86
CA LYS A 710 17.23 27.52 -45.59
C LYS A 710 15.87 26.99 -45.18
N CYS A 711 15.59 25.71 -45.41
CA CYS A 711 14.41 25.06 -44.87
C CYS A 711 14.57 24.88 -43.36
N GLN A 712 13.43 24.80 -42.67
CA GLN A 712 13.43 24.60 -41.23
C GLN A 712 12.66 23.37 -40.80
N SER A 713 11.51 23.11 -41.41
CA SER A 713 10.78 21.87 -41.23
C SER A 713 10.86 20.97 -42.46
N TRP A 714 11.35 21.50 -43.58
CA TRP A 714 11.50 20.77 -44.83
C TRP A 714 10.16 20.22 -45.33
N ASP A 715 9.08 20.91 -45.00
CA ASP A 715 7.77 20.51 -45.50
C ASP A 715 7.64 20.88 -46.98
N LEU A 716 6.58 20.36 -47.59
CA LEU A 716 6.43 20.48 -49.04
C LEU A 716 6.23 21.93 -49.46
N SER A 717 5.28 22.62 -48.82
CA SER A 717 5.01 24.02 -49.16
C SER A 717 6.20 24.90 -48.84
N GLU A 718 6.84 24.66 -47.69
CA GLU A 718 8.02 25.44 -47.31
C GLU A 718 9.15 25.25 -48.31
N MET A 719 9.41 24.00 -48.71
CA MET A 719 10.50 23.73 -49.64
C MET A 719 10.21 24.35 -51.01
N TYR A 720 8.96 24.24 -51.47
CA TYR A 720 8.59 24.91 -52.71
C TYR A 720 8.79 26.42 -52.60
N GLN A 721 8.40 27.00 -51.46
CA GLN A 721 8.52 28.44 -51.28
C GLN A 721 9.97 28.90 -51.25
N VAL A 722 10.86 28.07 -50.70
CA VAL A 722 12.24 28.49 -50.55
C VAL A 722 13.03 28.24 -51.83
N THR A 723 12.73 27.15 -52.55
CA THR A 723 13.49 26.83 -53.74
C THR A 723 12.95 27.47 -55.01
N CYS A 724 11.64 27.73 -55.07
CA CYS A 724 11.00 28.24 -56.28
C CYS A 724 10.41 29.63 -56.11
N GLU A 725 10.40 30.18 -54.89
CA GLU A 725 9.81 31.49 -54.61
C GLU A 725 8.36 31.55 -55.07
N LYS A 726 7.63 30.46 -54.84
CA LYS A 726 6.24 30.36 -55.22
C LYS A 726 5.43 29.91 -54.01
N GLU A 727 4.27 30.53 -53.82
CA GLU A 727 3.45 30.31 -52.64
C GLU A 727 2.46 29.18 -52.87
N HIS A 728 2.44 28.22 -51.96
CA HIS A 728 1.43 27.16 -51.95
C HIS A 728 0.91 27.04 -50.53
N LYS A 729 -0.41 27.10 -50.37
CA LYS A 729 -1.04 26.92 -49.08
C LYS A 729 -1.33 25.43 -48.88
N PRO A 730 -0.74 24.77 -47.90
CA PRO A 730 -1.01 23.34 -47.70
C PRO A 730 -2.42 23.12 -47.16
N LEU A 731 -3.18 22.28 -47.86
CA LEU A 731 -4.54 21.97 -47.45
C LEU A 731 -4.53 20.75 -46.53
N ASP A 732 -5.07 20.93 -45.33
CA ASP A 732 -5.11 19.86 -44.33
C ASP A 732 -6.25 18.93 -44.71
N ILE A 733 -5.91 17.76 -45.24
CA ILE A 733 -6.90 16.79 -45.69
C ILE A 733 -6.84 15.57 -44.78
N ASP A 734 -7.91 15.34 -44.03
CA ASP A 734 -8.02 14.20 -43.12
C ASP A 734 -9.25 13.40 -43.57
N TYR A 735 -9.02 12.20 -44.10
CA TYR A 735 -10.08 11.43 -44.72
C TYR A 735 -11.07 10.83 -43.73
N GLN A 736 -10.75 10.86 -42.43
CA GLN A 736 -11.71 10.42 -41.42
C GLN A 736 -12.94 11.32 -41.36
N ASN A 737 -12.84 12.54 -41.88
CA ASN A 737 -13.96 13.45 -41.88
C ASN A 737 -15.09 12.87 -42.72
N PRO A 738 -16.33 12.86 -42.23
CA PRO A 738 -17.43 12.23 -42.99
C PRO A 738 -17.73 12.91 -44.32
N GLN A 739 -17.28 14.14 -44.53
CA GLN A 739 -17.64 14.85 -45.76
C GLN A 739 -17.08 14.19 -47.01
N TYR A 740 -16.03 13.37 -46.86
CA TYR A 740 -15.40 12.77 -48.03
C TYR A 740 -16.15 11.57 -48.58
N GLN A 741 -17.21 11.13 -47.90
CA GLN A 741 -17.94 9.95 -48.36
C GLN A 741 -19.11 10.32 -49.28
N ASN A 742 -19.61 11.55 -49.20
CA ASN A 742 -20.76 11.97 -49.99
C ASN A 742 -20.56 13.28 -50.74
N ASP A 743 -19.63 14.14 -50.31
CA ASP A 743 -19.39 15.41 -50.98
C ASP A 743 -18.33 15.19 -52.05
N VAL A 744 -18.73 15.34 -53.31
CA VAL A 744 -17.79 15.16 -54.42
C VAL A 744 -16.76 16.27 -54.44
N ASN A 745 -17.16 17.50 -54.13
CA ASN A 745 -16.26 18.65 -54.22
C ASN A 745 -15.07 18.54 -53.27
N SER A 746 -15.29 18.03 -52.05
CA SER A 746 -14.18 17.84 -51.12
C SER A 746 -13.18 16.82 -51.66
N MET A 747 -13.67 15.72 -52.21
CA MET A 747 -12.78 14.72 -52.80
C MET A 747 -12.01 15.32 -53.97
N THR A 748 -12.69 16.16 -54.75
CA THR A 748 -12.04 16.84 -55.87
C THR A 748 -10.92 17.76 -55.38
N MET A 749 -11.19 18.53 -54.32
CA MET A 749 -10.17 19.42 -53.77
C MET A 749 -9.00 18.63 -53.22
N ALA A 750 -9.28 17.47 -52.60
CA ALA A 750 -8.22 16.61 -52.12
C ALA A 750 -7.34 16.11 -53.26
N LEU A 751 -7.96 15.67 -54.36
CA LEU A 751 -7.18 15.21 -55.51
C LEU A 751 -6.38 16.35 -56.13
N GLN A 752 -6.98 17.55 -56.18
CA GLN A 752 -6.26 18.72 -56.68
C GLN A 752 -5.04 19.01 -55.83
N GLU A 753 -5.17 18.92 -54.51
CA GLU A 753 -4.04 19.14 -53.62
C GLU A 753 -2.99 18.05 -53.80
N ASN A 754 -3.42 16.81 -54.02
CA ASN A 754 -2.45 15.72 -54.23
C ASN A 754 -1.65 15.94 -55.52
N ILE A 755 -2.34 16.33 -56.59
CA ILE A 755 -1.65 16.59 -57.86
C ILE A 755 -0.72 17.78 -57.72
N THR A 756 -1.17 18.82 -56.99
CA THR A 756 -0.31 19.96 -56.73
C THR A 756 0.93 19.56 -55.95
N ASN A 757 0.74 18.69 -54.95
CA ASN A 757 1.87 18.20 -54.17
C ASN A 757 2.86 17.44 -55.03
N CYS A 758 2.36 16.60 -55.95
CA CYS A 758 3.25 15.84 -56.81
C CYS A 758 4.01 16.75 -57.77
N MET A 759 3.30 17.69 -58.42
CA MET A 759 4.00 18.64 -59.28
C MET A 759 5.04 19.45 -58.52
N ILE A 760 4.70 19.90 -57.31
CA ILE A 760 5.63 20.68 -56.51
C ILE A 760 6.85 19.85 -56.13
N SER A 761 6.64 18.60 -55.75
CA SER A 761 7.78 17.73 -55.43
C SER A 761 8.69 17.58 -56.64
N ALA A 762 8.12 17.34 -57.82
CA ALA A 762 8.95 17.17 -59.02
C ALA A 762 9.69 18.46 -59.37
N GLU A 763 9.01 19.59 -59.31
CA GLU A 763 9.64 20.86 -59.64
C GLU A 763 10.76 21.20 -58.67
N VAL A 764 10.56 20.92 -57.38
CA VAL A 764 11.62 21.14 -56.39
C VAL A 764 12.79 20.21 -56.67
N SER A 765 12.49 18.97 -57.05
CA SER A 765 13.56 18.01 -57.36
C SER A 765 14.42 18.51 -58.51
N TYR A 766 13.78 19.01 -59.57
CA TYR A 766 14.54 19.48 -60.72
C TYR A 766 15.24 20.80 -60.44
N ARG A 767 14.67 21.64 -59.57
CA ARG A 767 15.26 22.94 -59.30
C ARG A 767 16.55 22.82 -58.49
N ILE A 768 16.54 22.04 -57.41
CA ILE A 768 17.71 21.97 -56.54
C ILE A 768 18.79 21.05 -57.08
N GLN A 769 18.52 20.34 -58.19
CA GLN A 769 19.54 19.58 -58.91
C GLN A 769 20.19 18.52 -58.02
N LEU A 770 19.34 17.76 -57.31
CA LEU A 770 19.86 16.66 -56.50
C LEU A 770 20.53 15.60 -57.36
N LEU A 771 19.93 15.28 -58.51
CA LEU A 771 20.41 14.19 -59.35
C LEU A 771 21.83 14.47 -59.86
N THR A 772 22.06 15.68 -60.38
CA THR A 772 23.37 16.00 -60.94
C THR A 772 24.44 16.03 -59.86
N LEU A 773 24.13 16.64 -58.70
CA LEU A 773 25.11 16.70 -57.62
C LEU A 773 25.46 15.30 -57.14
N THR A 774 24.46 14.45 -56.93
CA THR A 774 24.75 13.10 -56.48
C THR A 774 25.49 12.30 -57.56
N LYS A 775 25.21 12.56 -58.83
CA LYS A 775 25.96 11.90 -59.90
C LYS A 775 27.43 12.27 -59.85
N GLN A 776 27.72 13.57 -59.66
CA GLN A 776 29.11 14.00 -59.54
C GLN A 776 29.77 13.41 -58.31
N LEU A 777 29.06 13.39 -57.17
CA LEU A 777 29.58 12.77 -55.97
C LEU A 777 29.94 11.31 -56.20
N THR A 778 29.06 10.56 -56.88
CA THR A 778 29.32 9.14 -57.09
C THR A 778 30.47 8.93 -58.07
N ASN A 779 30.50 9.69 -59.18
CA ASN A 779 31.59 9.53 -60.13
C ASN A 779 32.92 9.92 -59.50
N LEU A 780 32.90 10.79 -58.49
CA LEU A 780 34.11 11.04 -57.73
C LEU A 780 34.44 9.88 -56.79
N ALA A 781 33.44 9.34 -56.11
CA ALA A 781 33.64 8.32 -55.08
C ALA A 781 33.69 6.91 -55.64
N GLY A 782 32.99 6.64 -56.74
CA GLY A 782 32.96 5.29 -57.28
C GLY A 782 32.11 4.32 -56.50
N ASN A 783 31.27 4.82 -55.60
CA ASN A 783 30.38 3.97 -54.83
C ASN A 783 29.07 3.79 -55.60
N ALA A 784 28.03 3.33 -54.91
CA ALA A 784 26.70 3.28 -55.48
C ALA A 784 26.08 4.68 -55.48
N TRP A 785 25.52 5.07 -56.63
CA TRP A 785 24.75 6.30 -56.71
C TRP A 785 23.37 6.12 -56.11
N ALA A 786 22.89 4.87 -56.07
CA ALA A 786 21.76 4.54 -55.22
C ALA A 786 22.11 4.81 -53.76
N GLN A 787 23.32 4.43 -53.35
CA GLN A 787 23.79 4.75 -52.01
C GLN A 787 23.96 6.26 -51.83
N THR A 788 24.40 6.95 -52.89
CA THR A 788 24.59 8.38 -52.80
C THR A 788 23.27 9.10 -52.50
N LEU A 789 22.20 8.71 -53.19
CA LEU A 789 20.89 9.27 -52.83
C LEU A 789 20.37 8.74 -51.50
N GLY A 790 20.69 7.49 -51.15
CA GLY A 790 20.16 6.88 -49.94
C GLY A 790 20.48 7.65 -48.68
N GLY A 791 21.61 8.37 -48.68
CA GLY A 791 21.97 9.18 -47.53
C GLY A 791 22.83 8.46 -46.51
N THR A 792 23.94 7.89 -46.97
CA THR A 792 24.88 7.22 -46.10
C THR A 792 26.04 8.14 -45.74
N ARG A 793 26.73 7.80 -44.65
CA ARG A 793 27.98 8.45 -44.29
C ARG A 793 29.20 7.63 -44.65
N ALA A 794 29.21 6.35 -44.29
CA ALA A 794 30.30 5.45 -44.62
C ALA A 794 30.16 4.84 -46.02
N GLY A 795 29.41 5.51 -46.91
CA GLY A 795 29.28 5.03 -48.27
C GLY A 795 30.27 5.66 -49.23
N ARG A 796 30.34 6.99 -49.22
CA ARG A 796 31.27 7.71 -50.07
C ARG A 796 32.58 8.02 -49.37
N ASN A 797 32.74 7.62 -48.11
CA ASN A 797 34.00 7.76 -47.41
C ASN A 797 34.84 6.49 -47.46
N GLU A 798 34.32 5.43 -48.09
CA GLU A 798 35.00 4.15 -48.17
C GLU A 798 35.34 3.75 -49.60
N TYR A 799 34.39 3.90 -50.52
CA TYR A 799 34.63 3.46 -51.89
C TYR A 799 35.64 4.35 -52.59
N ILE A 800 35.70 5.63 -52.21
CA ILE A 800 36.73 6.50 -52.77
C ILE A 800 38.12 6.02 -52.38
N LEU A 801 38.30 5.66 -51.10
CA LEU A 801 39.58 5.13 -50.67
C LEU A 801 39.86 3.78 -51.32
N LEU A 802 38.85 2.92 -51.42
CA LEU A 802 39.01 1.65 -52.11
C LEU A 802 39.51 1.83 -53.54
N HIS A 803 38.82 2.67 -54.33
CA HIS A 803 39.24 2.92 -55.70
C HIS A 803 40.64 3.49 -55.77
N GLU A 804 40.91 4.54 -54.99
CA GLU A 804 42.18 5.24 -55.11
C GLU A 804 43.35 4.34 -54.68
N PHE A 805 43.16 3.56 -53.61
CA PHE A 805 44.25 2.72 -53.13
C PHE A 805 44.43 1.48 -53.99
N SER A 806 43.34 0.91 -54.51
CA SER A 806 43.47 -0.26 -55.38
C SER A 806 44.02 0.12 -56.74
N ARG A 807 43.82 1.37 -57.16
CA ARG A 807 44.45 1.84 -58.39
C ARG A 807 45.95 2.05 -58.21
N ASN A 808 46.42 2.14 -56.96
CA ASN A 808 47.83 2.28 -56.65
C ASN A 808 48.43 1.01 -56.07
N GLY A 809 47.77 -0.13 -56.24
CA GLY A 809 48.30 -1.39 -55.79
C GLY A 809 48.42 -1.55 -54.28
N PHE A 810 47.43 -1.06 -53.54
CA PHE A 810 47.41 -1.22 -52.09
C PHE A 810 46.35 -2.21 -51.65
N ILE A 811 46.75 -3.11 -50.76
CA ILE A 811 45.84 -4.03 -50.10
C ILE A 811 44.98 -3.24 -49.13
N VAL A 812 43.67 -3.42 -49.22
CA VAL A 812 42.73 -2.71 -48.35
C VAL A 812 42.33 -3.60 -47.19
N PRO A 813 42.14 -3.05 -45.98
CA PRO A 813 41.62 -3.87 -44.89
C PRO A 813 40.19 -4.30 -45.18
N ASP A 814 39.85 -5.51 -44.71
CA ASP A 814 38.52 -6.04 -44.93
C ASP A 814 37.50 -5.31 -44.05
N LYS A 815 36.23 -5.48 -44.41
CA LYS A 815 35.15 -4.92 -43.59
C LYS A 815 34.84 -5.84 -42.41
N VAL A 848 37.43 23.37 -28.55
CA VAL A 848 36.05 23.81 -28.41
C VAL A 848 35.97 24.90 -27.35
N PHE A 849 35.25 25.97 -27.68
CA PHE A 849 35.07 27.11 -26.79
C PHE A 849 33.68 27.02 -26.16
N GLU A 850 33.56 27.47 -24.92
CA GLU A 850 32.24 27.50 -24.28
C GLU A 850 31.41 28.64 -24.87
N PRO A 851 30.10 28.45 -25.04
CA PRO A 851 29.30 29.47 -25.71
C PRO A 851 29.00 30.67 -24.83
N GLU A 852 28.73 31.80 -25.48
CA GLU A 852 28.20 32.99 -24.82
C GLU A 852 26.69 32.93 -24.89
N LYS A 853 26.08 32.42 -23.82
CA LYS A 853 24.63 32.22 -23.80
C LYS A 853 23.93 33.55 -23.56
N GLY A 854 23.12 33.97 -24.52
CA GLY A 854 22.34 35.18 -24.36
C GLY A 854 22.07 35.84 -25.70
N LEU A 855 21.39 36.99 -25.62
CA LEU A 855 21.06 37.77 -26.80
C LEU A 855 22.18 38.74 -27.13
N HIS A 856 22.64 38.71 -28.38
CA HIS A 856 23.66 39.61 -28.89
C HIS A 856 23.01 40.62 -29.81
N LYS A 857 23.20 41.91 -29.52
CA LYS A 857 22.59 42.96 -30.33
C LYS A 857 23.21 43.06 -31.72
N ASN A 858 24.52 42.88 -31.82
CA ASN A 858 25.23 43.05 -33.08
C ASN A 858 25.04 41.84 -33.99
N TYR A 859 25.36 42.02 -35.26
CA TYR A 859 25.27 40.94 -36.24
C TYR A 859 26.23 39.80 -35.88
N VAL A 860 25.79 38.58 -36.14
CA VAL A 860 26.60 37.39 -35.90
C VAL A 860 26.80 36.68 -37.23
N LEU A 861 28.06 36.40 -37.57
CA LEU A 861 28.42 35.77 -38.83
C LEU A 861 28.72 34.29 -38.61
N VAL A 862 28.19 33.45 -39.49
CA VAL A 862 28.51 32.03 -39.48
C VAL A 862 29.61 31.78 -40.49
N MET A 863 30.71 31.17 -40.03
CA MET A 863 31.84 30.84 -40.88
C MET A 863 32.14 29.36 -40.75
N ASP A 864 32.25 28.67 -41.88
CA ASP A 864 32.35 27.22 -41.90
C ASP A 864 33.81 26.81 -42.09
N PHE A 865 34.32 25.99 -41.16
CA PHE A 865 35.65 25.40 -41.26
C PHE A 865 35.59 23.94 -41.73
N ASN A 866 34.68 23.62 -42.64
CA ASN A 866 34.56 22.25 -43.13
C ASN A 866 35.83 21.79 -43.81
N SER A 867 36.63 22.74 -44.31
CA SER A 867 37.89 22.41 -44.97
C SER A 867 39.06 22.53 -44.00
N LEU A 868 38.79 22.41 -42.70
CA LEU A 868 39.85 22.47 -41.71
C LEU A 868 40.71 21.21 -41.75
N TYR A 869 40.11 20.06 -41.47
CA TYR A 869 40.90 18.83 -41.40
C TYR A 869 41.53 18.45 -42.73
N PRO A 870 40.84 18.51 -43.88
CA PRO A 870 41.53 18.17 -45.14
C PRO A 870 42.73 19.05 -45.43
N SER A 871 42.66 20.34 -45.09
CA SER A 871 43.82 21.21 -45.25
C SER A 871 44.95 20.79 -44.32
N ILE A 872 44.60 20.32 -43.12
CA ILE A 872 45.59 19.79 -42.19
C ILE A 872 46.27 18.56 -42.80
N ILE A 873 45.49 17.66 -43.39
CA ILE A 873 46.03 16.46 -44.00
C ILE A 873 46.98 16.81 -45.14
N GLN A 874 46.57 17.68 -46.04
CA GLN A 874 47.41 18.00 -47.18
C GLN A 874 48.64 18.82 -46.77
N GLU A 875 48.49 19.68 -45.76
CA GLU A 875 49.61 20.51 -45.33
C GLU A 875 50.66 19.70 -44.58
N PHE A 876 50.22 18.84 -43.66
CA PHE A 876 51.12 18.08 -42.80
C PHE A 876 51.39 16.68 -43.33
N ASN A 877 50.85 16.34 -44.50
CA ASN A 877 51.15 15.06 -45.18
C ASN A 877 50.83 13.88 -44.27
N ILE A 878 49.62 13.86 -43.74
CA ILE A 878 49.17 12.78 -42.87
C ILE A 878 48.40 11.77 -43.71
N CYS A 879 48.76 10.50 -43.59
CA CYS A 879 48.15 9.44 -44.38
C CYS A 879 48.48 8.11 -43.73
N PHE A 880 48.10 7.03 -44.44
CA PHE A 880 48.40 5.69 -43.94
C PHE A 880 49.86 5.32 -44.18
N THR A 881 50.50 5.92 -45.18
CA THR A 881 51.85 5.55 -45.56
C THR A 881 52.92 6.57 -45.16
N THR A 882 52.56 7.60 -44.40
CA THR A 882 53.51 8.63 -44.03
C THR A 882 53.74 8.76 -42.52
N VAL A 883 52.73 8.50 -41.71
CA VAL A 883 52.81 8.71 -40.28
C VAL A 883 53.17 7.39 -39.61
N ASP A 884 54.34 7.34 -38.97
CA ASP A 884 54.79 6.13 -38.29
C ASP A 884 54.07 6.01 -36.95
N ARG A 885 53.11 5.11 -36.88
CA ARG A 885 52.24 4.96 -35.72
C ARG A 885 52.34 3.53 -35.20
N ASN A 886 52.49 3.42 -33.88
CA ASN A 886 52.61 2.13 -33.22
C ASN A 886 51.25 1.43 -33.30
N LYS A 887 51.18 0.39 -34.14
CA LYS A 887 49.92 -0.29 -34.41
C LYS A 887 49.41 -1.10 -33.23
N GLU A 888 50.29 -1.59 -32.36
CA GLU A 888 49.85 -2.32 -31.18
C GLU A 888 49.07 -1.41 -30.23
N ASP A 889 49.55 -0.20 -30.01
CA ASP A 889 48.95 0.75 -29.09
C ASP A 889 48.25 1.84 -29.90
N ILE A 890 46.94 1.67 -30.10
CA ILE A 890 46.17 2.63 -30.88
C ILE A 890 45.96 3.93 -30.14
N ASP A 891 46.05 3.93 -28.81
CA ASP A 891 45.92 5.15 -28.02
C ASP A 891 47.16 6.02 -28.07
N GLU A 892 48.25 5.51 -28.63
CA GLU A 892 49.52 6.24 -28.66
C GLU A 892 49.52 7.26 -29.79
N LEU A 893 49.92 8.48 -29.49
CA LEU A 893 50.04 9.53 -30.49
C LEU A 893 51.37 9.41 -31.23
N PRO A 894 51.36 9.39 -32.55
CA PRO A 894 52.62 9.41 -33.30
C PRO A 894 53.06 10.82 -33.62
N SER A 895 54.16 10.96 -34.35
CA SER A 895 54.67 12.26 -34.75
C SER A 895 54.40 12.49 -36.23
N VAL A 896 54.34 13.77 -36.60
CA VAL A 896 54.09 14.15 -37.98
C VAL A 896 55.30 13.76 -38.81
N PRO A 897 55.10 13.31 -40.05
CA PRO A 897 56.24 12.88 -40.86
C PRO A 897 57.12 14.06 -41.24
N GLN A 903 55.14 12.67 -50.50
CA GLN A 903 53.74 13.03 -50.24
C GLN A 903 52.89 11.79 -50.05
N GLY A 904 51.92 11.89 -49.13
CA GLY A 904 51.06 10.78 -48.82
C GLY A 904 50.03 10.51 -49.89
N VAL A 905 49.31 9.40 -49.69
CA VAL A 905 48.28 9.01 -50.64
C VAL A 905 47.04 9.85 -50.47
N LEU A 906 46.49 9.88 -49.25
CA LEU A 906 45.35 10.74 -48.94
C LEU A 906 45.64 12.22 -49.18
N PRO A 907 46.78 12.78 -48.74
CA PRO A 907 47.05 14.19 -49.09
C PRO A 907 47.14 14.43 -50.59
N ARG A 908 47.70 13.49 -51.36
CA ARG A 908 47.76 13.69 -52.80
C ARG A 908 46.36 13.70 -53.41
N LEU A 909 45.49 12.78 -52.97
CA LEU A 909 44.12 12.76 -53.47
C LEU A 909 43.40 14.05 -53.11
N LEU A 910 43.57 14.53 -51.87
CA LEU A 910 42.93 15.76 -51.45
C LEU A 910 43.43 16.95 -52.26
N ALA A 911 44.74 17.02 -52.48
CA ALA A 911 45.31 18.12 -53.25
C ALA A 911 44.82 18.09 -54.69
N ASN A 912 44.71 16.91 -55.28
CA ASN A 912 44.17 16.81 -56.64
C ASN A 912 42.73 17.30 -56.69
N LEU A 913 41.91 16.91 -55.72
CA LEU A 913 40.53 17.38 -55.67
C LEU A 913 40.47 18.91 -55.52
N VAL A 914 41.33 19.45 -54.66
CA VAL A 914 41.34 20.90 -54.44
C VAL A 914 41.78 21.63 -55.69
N ASP A 915 42.75 21.08 -56.42
CA ASP A 915 43.17 21.71 -57.67
C ASP A 915 42.08 21.67 -58.72
N ARG A 916 41.32 20.57 -58.76
CA ARG A 916 40.14 20.53 -59.62
C ARG A 916 39.14 21.63 -59.24
N ARG A 917 38.93 21.83 -57.93
CA ARG A 917 38.05 22.90 -57.49
C ARG A 917 38.60 24.28 -57.88
N ARG A 918 39.91 24.45 -57.82
CA ARG A 918 40.52 25.72 -58.23
C ARG A 918 40.28 25.98 -59.71
N GLU A 919 40.41 24.95 -60.54
CA GLU A 919 40.10 25.10 -61.96
C GLU A 919 38.64 25.46 -62.15
N VAL A 920 37.76 24.88 -61.32
CA VAL A 920 36.34 25.24 -61.39
C VAL A 920 36.15 26.72 -61.08
N LYS A 921 36.78 27.21 -60.02
CA LYS A 921 36.68 28.63 -59.70
C LYS A 921 37.19 29.50 -60.85
N LYS A 922 38.31 29.11 -61.45
CA LYS A 922 38.87 29.90 -62.54
C LYS A 922 37.93 29.94 -63.74
N VAL A 923 37.25 28.82 -64.03
CA VAL A 923 36.31 28.87 -65.15
C VAL A 923 35.08 29.69 -64.77
N MET A 924 34.68 29.70 -63.50
CA MET A 924 33.59 30.58 -63.08
C MET A 924 33.94 32.03 -63.34
N LYS A 925 35.19 32.42 -63.09
CA LYS A 925 35.59 33.80 -63.32
C LYS A 925 35.26 34.27 -64.74
N THR A 926 35.35 33.37 -65.72
CA THR A 926 35.23 33.76 -67.12
C THR A 926 33.86 33.49 -67.72
N GLU A 927 33.15 32.47 -67.22
CA GLU A 927 31.95 31.98 -67.90
C GLU A 927 30.85 33.03 -67.98
N THR A 928 30.09 32.98 -69.08
CA THR A 928 28.98 33.89 -69.33
C THR A 928 27.61 33.25 -69.17
N ASP A 929 27.39 32.09 -69.77
CA ASP A 929 26.08 31.46 -69.79
C ASP A 929 25.67 30.98 -68.40
N PRO A 930 24.50 31.36 -67.89
CA PRO A 930 24.05 30.83 -66.59
C PRO A 930 24.04 29.32 -66.50
N HIS A 931 23.72 28.60 -67.59
CA HIS A 931 23.56 27.15 -67.51
C HIS A 931 24.87 26.46 -67.11
N LYS A 932 25.94 26.76 -67.84
CA LYS A 932 27.23 26.12 -67.53
C LYS A 932 27.79 26.65 -66.21
N ARG A 933 27.46 27.91 -65.87
CA ARG A 933 27.85 28.45 -64.58
C ARG A 933 27.22 27.64 -63.45
N VAL A 934 25.95 27.30 -63.59
CA VAL A 934 25.26 26.52 -62.57
C VAL A 934 25.80 25.09 -62.54
N GLN A 935 26.11 24.54 -63.70
CA GLN A 935 26.71 23.20 -63.73
C GLN A 935 28.06 23.18 -63.02
N CYS A 936 28.88 24.19 -63.24
CA CYS A 936 30.16 24.28 -62.53
C CYS A 936 29.95 24.58 -61.05
N ASP A 937 28.87 25.27 -60.71
CA ASP A 937 28.53 25.45 -59.30
C ASP A 937 28.25 24.09 -58.65
N ILE A 938 27.47 23.25 -59.34
CA ILE A 938 27.23 21.89 -58.87
C ILE A 938 28.55 21.16 -58.72
N ARG A 939 29.45 21.34 -59.69
CA ARG A 939 30.72 20.63 -59.70
C ARG A 939 31.61 21.05 -58.53
N GLN A 940 31.71 22.37 -58.28
CA GLN A 940 32.50 22.85 -57.16
C GLN A 940 31.91 22.42 -55.83
N GLN A 941 30.58 22.44 -55.71
CA GLN A 941 29.97 21.98 -54.46
C GLN A 941 30.21 20.49 -54.28
N ALA A 942 30.21 19.72 -55.37
CA ALA A 942 30.51 18.30 -55.30
C ALA A 942 31.92 18.07 -54.80
N LEU A 943 32.89 18.82 -55.33
CA LEU A 943 34.25 18.68 -54.85
C LEU A 943 34.39 19.11 -53.39
N LYS A 944 33.69 20.18 -53.00
CA LYS A 944 33.76 20.60 -51.60
C LYS A 944 33.20 19.53 -50.68
N LEU A 945 32.05 18.94 -51.04
CA LEU A 945 31.47 17.87 -50.25
C LEU A 945 32.41 16.66 -50.17
N THR A 946 32.98 16.26 -51.31
CA THR A 946 33.87 15.11 -51.32
C THR A 946 35.12 15.36 -50.49
N ALA A 947 35.72 16.53 -50.63
CA ALA A 947 36.94 16.84 -49.91
C ALA A 947 36.69 16.98 -48.42
N ASN A 948 35.54 17.55 -48.04
CA ASN A 948 35.24 17.76 -46.63
C ASN A 948 34.60 16.55 -45.97
N SER A 949 34.24 15.53 -46.75
CA SER A 949 33.86 14.24 -46.20
C SER A 949 35.03 13.27 -46.14
N MET A 950 36.26 13.77 -46.13
CA MET A 950 37.42 12.89 -46.20
C MET A 950 37.89 12.48 -44.80
N TYR A 951 37.51 13.24 -43.77
CA TYR A 951 37.85 12.86 -42.39
C TYR A 951 36.96 11.75 -41.90
N GLY A 952 35.78 11.60 -42.50
CA GLY A 952 34.93 10.48 -42.13
C GLY A 952 35.58 9.15 -42.42
N CYS A 953 36.65 9.17 -43.24
CA CYS A 953 37.36 7.94 -43.59
C CYS A 953 38.07 7.36 -42.38
N LEU A 954 38.79 8.18 -41.62
CA LEU A 954 39.61 7.66 -40.52
C LEU A 954 39.19 8.13 -39.15
N GLY A 955 38.28 9.10 -39.04
CA GLY A 955 37.90 9.59 -37.74
C GLY A 955 36.74 8.83 -37.11
N TYR A 956 35.64 8.71 -37.85
CA TYR A 956 34.42 8.12 -37.33
C TYR A 956 34.60 6.62 -37.12
N SER A 959 33.53 3.22 -39.92
CA SER A 959 34.48 3.55 -40.97
C SER A 959 35.50 2.42 -41.16
N ARG A 960 35.61 1.95 -42.40
CA ARG A 960 36.51 0.85 -42.70
C ARG A 960 37.97 1.27 -42.62
N PHE A 961 38.23 2.57 -42.43
CA PHE A 961 39.59 3.10 -42.39
C PHE A 961 39.90 3.82 -41.08
N TYR A 962 39.27 3.41 -39.98
CA TYR A 962 39.54 4.03 -38.69
C TYR A 962 40.98 3.82 -38.27
N ALA A 963 41.60 4.89 -37.76
CA ALA A 963 42.96 4.84 -37.26
C ALA A 963 43.07 5.91 -36.17
N LYS A 964 42.99 5.47 -34.91
CA LYS A 964 42.97 6.42 -33.79
C LYS A 964 44.15 7.38 -33.76
N PRO A 965 45.41 6.95 -33.96
CA PRO A 965 46.51 7.93 -33.88
C PRO A 965 46.38 9.07 -34.87
N LEU A 966 46.04 8.78 -36.13
CA LEU A 966 45.89 9.84 -37.12
C LEU A 966 44.75 10.78 -36.76
N ALA A 967 43.60 10.22 -36.36
CA ALA A 967 42.44 11.04 -36.04
C ALA A 967 42.73 11.96 -34.85
N MET A 968 43.36 11.41 -33.81
CA MET A 968 43.69 12.21 -32.64
C MET A 968 44.76 13.25 -32.95
N LEU A 969 45.73 12.90 -33.79
CA LEU A 969 46.74 13.86 -34.22
C LEU A 969 46.11 15.05 -34.93
N VAL A 970 45.26 14.77 -35.91
CA VAL A 970 44.67 15.86 -36.69
C VAL A 970 43.73 16.67 -35.81
N THR A 971 43.06 16.00 -34.87
CA THR A 971 42.23 16.72 -33.91
C THR A 971 43.07 17.70 -33.09
N ASN A 972 44.26 17.27 -32.66
CA ASN A 972 45.15 18.16 -31.93
C ASN A 972 45.58 19.34 -32.78
N LYS A 973 45.95 19.08 -34.03
CA LYS A 973 46.40 20.17 -34.90
C LYS A 973 45.28 21.14 -35.22
N GLY A 974 44.07 20.62 -35.44
CA GLY A 974 42.91 21.48 -35.58
C GLY A 974 42.63 22.29 -34.34
N ARG A 975 42.87 21.70 -33.17
CA ARG A 975 42.77 22.47 -31.93
C ARG A 975 43.75 23.64 -31.93
N GLU A 976 44.98 23.39 -32.36
CA GLU A 976 45.99 24.46 -32.45
C GLU A 976 45.53 25.56 -33.40
N ILE A 977 45.01 25.16 -34.57
CA ILE A 977 44.56 26.13 -35.56
C ILE A 977 43.39 26.94 -35.01
N LEU A 978 42.46 26.29 -34.34
CA LEU A 978 41.31 26.99 -33.78
C LEU A 978 41.74 27.97 -32.69
N MET A 979 42.72 27.58 -31.86
CA MET A 979 43.21 28.49 -30.83
C MET A 979 43.87 29.71 -31.46
N ASN A 980 44.67 29.51 -32.51
CA ASN A 980 45.24 30.64 -33.21
C ASN A 980 44.16 31.54 -33.81
N THR A 981 43.10 30.93 -34.37
CA THR A 981 42.00 31.70 -34.91
C THR A 981 41.31 32.51 -33.81
N ARG A 982 41.16 31.93 -32.62
CA ARG A 982 40.61 32.66 -31.50
C ARG A 982 41.47 33.87 -31.15
N GLN A 983 42.78 33.66 -31.11
CA GLN A 983 43.68 34.77 -30.79
C GLN A 983 43.58 35.87 -31.83
N LEU A 984 43.50 35.49 -33.11
CA LEU A 984 43.36 36.48 -34.17
C LEU A 984 42.06 37.25 -34.07
N ALA A 985 40.96 36.55 -33.78
CA ALA A 985 39.67 37.20 -33.62
C ALA A 985 39.69 38.18 -32.45
N GLU A 986 40.34 37.78 -31.35
CA GLU A 986 40.47 38.68 -30.22
C GLU A 986 41.35 39.87 -30.56
N SER A 987 42.36 39.68 -31.40
CA SER A 987 43.21 40.79 -31.81
C SER A 987 42.45 41.78 -32.69
N MET A 988 41.51 41.30 -33.51
CA MET A 988 40.72 42.18 -34.37
C MET A 988 39.49 42.74 -33.67
N ASN A 989 39.51 42.86 -32.35
CA ASN A 989 38.43 43.46 -31.56
C ASN A 989 37.12 42.69 -31.71
N LEU A 990 37.19 41.38 -31.77
CA LEU A 990 36.01 40.54 -31.90
C LEU A 990 35.91 39.57 -30.74
N LEU A 991 34.67 39.26 -30.35
CA LEU A 991 34.39 38.29 -29.30
C LEU A 991 33.74 37.07 -29.93
N VAL A 992 34.36 35.90 -29.72
CA VAL A 992 33.83 34.65 -30.24
C VAL A 992 32.71 34.20 -29.31
N VAL A 993 31.53 33.94 -29.87
CA VAL A 993 30.41 33.56 -29.02
C VAL A 993 30.35 32.04 -28.82
N TYR A 994 30.65 31.26 -29.87
CA TYR A 994 30.62 29.80 -29.76
C TYR A 994 31.55 29.22 -30.82
N GLY A 995 32.14 28.07 -30.50
CA GLY A 995 33.07 27.45 -31.42
C GLY A 995 33.14 25.93 -31.40
N ASP A 996 33.57 25.36 -32.53
CA ASP A 996 33.84 23.94 -32.68
C ASP A 996 34.71 23.77 -33.92
N THR A 997 35.12 22.53 -34.20
CA THR A 997 35.95 22.26 -35.38
C THR A 997 35.14 22.35 -36.67
N ASP A 998 33.82 22.37 -36.58
CA ASP A 998 32.97 22.43 -37.76
C ASP A 998 32.68 23.86 -38.19
N SER A 999 32.39 24.75 -37.24
CA SER A 999 32.13 26.14 -37.57
C SER A 999 32.64 27.02 -36.43
N VAL A 1000 32.80 28.30 -36.72
CA VAL A 1000 33.23 29.29 -35.74
C VAL A 1000 32.26 30.46 -35.81
N MET A 1001 31.64 30.79 -34.68
CA MET A 1001 30.69 31.88 -34.59
C MET A 1001 31.43 33.13 -34.10
N ILE A 1002 31.18 34.28 -34.73
CA ILE A 1002 31.86 35.51 -34.40
C ILE A 1002 30.83 36.63 -34.25
N ASP A 1003 31.17 37.62 -33.42
CA ASP A 1003 30.32 38.79 -33.24
C ASP A 1003 31.06 40.02 -33.75
N THR A 1004 30.51 40.65 -34.80
CA THR A 1004 31.24 41.70 -35.50
C THR A 1004 31.30 43.02 -34.73
N GLY A 1005 30.32 43.31 -33.89
CA GLY A 1005 30.28 44.58 -33.22
C GLY A 1005 29.68 45.71 -34.01
N CYS A 1006 29.08 45.44 -35.15
CA CYS A 1006 28.39 46.44 -35.95
C CYS A 1006 26.96 46.00 -36.22
N ASP A 1007 26.08 46.98 -36.45
CA ASP A 1007 24.68 46.72 -36.72
C ASP A 1007 24.36 46.83 -38.21
N ASN A 1008 25.38 46.90 -39.05
CA ASN A 1008 25.21 46.99 -40.49
C ASN A 1008 25.53 45.64 -41.12
N TYR A 1009 24.72 45.26 -42.11
CA TYR A 1009 25.03 44.08 -42.89
C TYR A 1009 26.33 44.27 -43.68
N ALA A 1010 26.51 45.46 -44.26
CA ALA A 1010 27.72 45.73 -45.03
C ALA A 1010 28.95 45.71 -44.13
N ASP A 1011 28.87 46.36 -42.96
CA ASP A 1011 30.01 46.40 -42.06
C ASP A 1011 30.35 45.02 -41.53
N ALA A 1012 29.33 44.23 -41.17
CA ALA A 1012 29.58 42.86 -40.72
C ALA A 1012 30.22 42.02 -41.83
N ILE A 1013 29.72 42.16 -43.06
CA ILE A 1013 30.30 41.43 -44.19
C ILE A 1013 31.75 41.82 -44.38
N LYS A 1014 32.06 43.12 -44.28
CA LYS A 1014 33.43 43.58 -44.45
C LYS A 1014 34.35 43.01 -43.37
N ILE A 1015 33.88 43.02 -42.12
CA ILE A 1015 34.69 42.49 -41.03
C ILE A 1015 34.91 40.99 -41.20
N GLY A 1016 33.87 40.27 -41.64
CA GLY A 1016 34.01 38.84 -41.87
C GLY A 1016 34.98 38.53 -43.00
N LEU A 1017 34.93 39.32 -44.08
CA LEU A 1017 35.90 39.15 -45.15
C LEU A 1017 37.32 39.41 -44.67
N GLY A 1018 37.49 40.45 -43.84
CA GLY A 1018 38.82 40.72 -43.29
C GLY A 1018 39.34 39.58 -42.43
N PHE A 1019 38.46 39.01 -41.59
CA PHE A 1019 38.87 37.90 -40.75
C PHE A 1019 39.20 36.67 -41.60
N LYS A 1020 38.40 36.40 -42.64
CA LYS A 1020 38.70 35.31 -43.56
C LYS A 1020 40.06 35.51 -44.22
N ARG A 1021 40.33 36.72 -44.68
CA ARG A 1021 41.62 37.00 -45.33
C ARG A 1021 42.78 36.80 -44.36
N LEU A 1022 42.64 37.29 -43.14
CA LEU A 1022 43.72 37.16 -42.16
C LEU A 1022 43.97 35.70 -41.80
N VAL A 1023 42.88 34.93 -41.64
CA VAL A 1023 43.02 33.51 -41.32
C VAL A 1023 43.68 32.77 -42.48
N ASN A 1024 43.25 33.06 -43.72
CA ASN A 1024 43.90 32.44 -44.87
C ASN A 1024 45.36 32.85 -44.98
N GLU A 1025 45.70 34.03 -44.46
CA GLU A 1025 47.10 34.42 -44.38
C GLU A 1025 47.85 33.57 -43.35
N ARG A 1026 47.21 33.24 -42.24
CA ARG A 1026 47.89 32.44 -41.22
C ARG A 1026 47.93 30.95 -41.56
N TYR A 1027 47.09 30.50 -42.50
CA TYR A 1027 47.07 29.12 -42.98
C TYR A 1027 46.70 29.16 -44.46
N ARG A 1028 47.69 28.92 -45.33
CA ARG A 1028 47.51 29.17 -46.76
C ARG A 1028 46.60 28.13 -47.40
N LEU A 1029 46.48 26.94 -46.81
CA LEU A 1029 45.62 25.91 -47.35
C LEU A 1029 44.25 25.87 -46.69
N LEU A 1030 43.98 26.75 -45.72
CA LEU A 1030 42.71 26.76 -45.01
C LEU A 1030 41.84 27.88 -45.58
N GLU A 1031 41.01 27.53 -46.56
CA GLU A 1031 40.12 28.49 -47.22
C GLU A 1031 38.78 28.48 -46.49
N ILE A 1032 38.52 29.53 -45.75
CA ILE A 1032 37.27 29.68 -45.01
C ILE A 1032 36.40 30.71 -45.73
N ASP A 1033 35.11 30.73 -45.38
CA ASP A 1033 34.15 31.58 -46.05
C ASP A 1033 33.01 31.93 -45.10
N ILE A 1034 32.21 32.90 -45.50
CA ILE A 1034 31.01 33.28 -44.76
C ILE A 1034 29.91 32.28 -45.09
N ASP A 1035 29.28 31.70 -44.06
CA ASP A 1035 28.26 30.69 -44.24
C ASP A 1035 26.84 31.23 -44.04
N ASN A 1036 26.59 31.97 -42.97
CA ASN A 1036 25.27 32.53 -42.72
C ASN A 1036 25.40 33.79 -41.89
N VAL A 1037 24.39 34.67 -41.97
CA VAL A 1037 24.41 35.97 -41.33
C VAL A 1037 23.20 36.07 -40.42
N PHE A 1038 23.42 36.53 -39.19
CA PHE A 1038 22.36 36.65 -38.18
C PHE A 1038 22.20 38.12 -37.80
N LYS A 1039 21.08 38.72 -38.18
CA LYS A 1039 20.80 40.08 -37.74
C LYS A 1039 20.66 40.14 -36.22
N LYS A 1040 19.91 39.19 -35.65
CA LYS A 1040 19.80 39.04 -34.22
C LYS A 1040 19.94 37.56 -33.88
N LEU A 1041 20.70 37.26 -32.83
CA LEU A 1041 20.97 35.88 -32.45
C LEU A 1041 20.69 35.72 -30.96
N LEU A 1042 19.88 34.72 -30.63
CA LEU A 1042 19.67 34.32 -29.23
C LEU A 1042 20.26 32.92 -29.07
N LEU A 1043 21.45 32.85 -28.49
CA LEU A 1043 22.16 31.60 -28.29
C LEU A 1043 21.86 31.07 -26.89
N HIS A 1044 21.46 29.81 -26.82
CA HIS A 1044 21.11 29.20 -25.54
C HIS A 1044 22.12 28.16 -25.07
N ALA A 1045 22.78 27.46 -25.99
CA ALA A 1045 23.76 26.45 -25.64
C ALA A 1045 24.65 26.19 -26.84
N LYS A 1046 25.42 25.10 -26.76
CA LYS A 1046 26.39 24.77 -27.80
C LYS A 1046 25.73 24.63 -29.17
N LYS A 1047 24.69 23.82 -29.25
CA LYS A 1047 23.97 23.58 -30.51
C LYS A 1047 22.51 24.02 -30.41
N LYS A 1048 22.18 24.78 -29.37
CA LYS A 1048 20.80 25.19 -29.09
C LYS A 1048 20.73 26.71 -29.24
N TYR A 1049 20.16 27.18 -30.35
CA TYR A 1049 20.08 28.62 -30.56
C TYR A 1049 18.97 28.93 -31.56
N ALA A 1050 18.60 30.20 -31.61
CA ALA A 1050 17.71 30.75 -32.61
C ALA A 1050 18.28 32.08 -33.10
N ALA A 1051 17.96 32.44 -34.34
CA ALA A 1051 18.57 33.63 -34.93
C ALA A 1051 17.68 34.20 -36.02
N LEU A 1052 17.96 35.46 -36.38
CA LEU A 1052 17.34 36.13 -37.52
C LEU A 1052 18.31 36.05 -38.70
N THR A 1053 18.22 34.97 -39.48
CA THR A 1053 19.07 34.82 -40.64
C THR A 1053 18.78 35.88 -41.69
N VAL A 1054 19.83 36.48 -42.21
CA VAL A 1054 19.73 37.47 -43.27
C VAL A 1054 20.08 36.77 -44.58
N ASN A 1055 19.25 36.97 -45.60
CA ASN A 1055 19.43 36.31 -46.89
C ASN A 1055 19.31 37.34 -47.99
N THR A 1063 17.11 40.31 -46.81
CA THR A 1063 15.89 39.91 -46.13
C THR A 1063 16.21 39.04 -44.94
N THR A 1064 15.50 39.26 -43.84
CA THR A 1064 15.71 38.48 -42.63
C THR A 1064 14.71 37.33 -42.55
N VAL A 1065 15.19 36.15 -42.15
CA VAL A 1065 14.37 34.97 -42.02
C VAL A 1065 14.72 34.29 -40.70
N LEU A 1066 13.70 33.83 -39.97
CA LEU A 1066 13.90 33.22 -38.68
C LEU A 1066 14.50 31.82 -38.83
N GLU A 1067 15.40 31.47 -37.92
CA GLU A 1067 15.97 30.13 -37.81
C GLU A 1067 15.97 29.71 -36.35
N VAL A 1068 15.79 28.41 -36.10
CA VAL A 1068 15.93 27.85 -34.77
C VAL A 1068 16.64 26.50 -34.89
N LYS A 1069 17.60 26.26 -33.99
CA LYS A 1069 18.26 24.97 -33.87
C LYS A 1069 18.41 24.63 -32.40
N GLY A 1070 17.78 23.55 -31.96
CA GLY A 1070 18.04 23.00 -30.64
C GLY A 1070 17.15 23.46 -29.52
N LEU A 1071 16.23 24.40 -29.77
CA LEU A 1071 15.30 24.80 -28.72
C LEU A 1071 14.16 23.80 -28.60
N ASP A 1072 13.35 24.00 -27.56
CA ASP A 1072 12.27 23.08 -27.22
C ASP A 1072 11.24 22.98 -28.34
N MET A 1073 11.13 24.03 -29.16
CA MET A 1073 10.17 24.05 -30.26
C MET A 1073 10.56 23.13 -31.41
N LYS A 1074 11.62 22.35 -31.27
CA LYS A 1074 11.99 21.35 -32.27
C LYS A 1074 11.76 19.92 -31.83
N ARG A 1075 11.44 19.67 -30.57
CA ARG A 1075 11.18 18.31 -30.15
C ARG A 1075 9.72 17.94 -30.36
N ARG A 1076 9.46 16.63 -30.35
CA ARG A 1076 8.11 16.13 -30.57
C ARG A 1076 7.19 16.45 -29.40
N GLU A 1077 7.72 16.41 -28.17
CA GLU A 1077 6.89 16.46 -26.98
C GLU A 1077 6.22 17.81 -26.74
N PHE A 1078 6.37 18.77 -27.63
CA PHE A 1078 5.79 20.10 -27.46
C PHE A 1078 4.76 20.37 -28.54
N CYS A 1079 3.60 20.88 -28.13
CA CYS A 1079 2.46 21.07 -29.01
C CYS A 1079 2.69 22.20 -29.99
N PRO A 1080 1.94 22.21 -31.10
CA PRO A 1080 2.03 23.35 -32.03
C PRO A 1080 1.71 24.68 -31.38
N LEU A 1081 0.85 24.71 -30.36
CA LEU A 1081 0.64 25.94 -29.62
C LEU A 1081 1.92 26.40 -28.93
N SER A 1082 2.65 25.45 -28.35
CA SER A 1082 3.92 25.80 -27.71
C SER A 1082 4.92 26.33 -28.72
N ARG A 1083 4.98 25.70 -29.90
CA ARG A 1083 5.87 26.18 -30.95
C ARG A 1083 5.47 27.56 -31.45
N ASP A 1084 4.16 27.83 -31.56
CA ASP A 1084 3.72 29.16 -31.97
C ASP A 1084 4.06 30.20 -30.91
N VAL A 1085 3.88 29.87 -29.64
CA VAL A 1085 4.24 30.79 -28.57
C VAL A 1085 5.74 31.08 -28.62
N SER A 1086 6.54 30.03 -28.82
CA SER A 1086 7.98 30.21 -28.91
C SER A 1086 8.38 31.08 -30.09
N ILE A 1087 7.78 30.84 -31.27
CA ILE A 1087 8.15 31.59 -32.45
C ILE A 1087 7.79 33.07 -32.27
N HIS A 1088 6.64 33.34 -31.65
CA HIS A 1088 6.27 34.74 -31.47
C HIS A 1088 7.15 35.41 -30.41
N VAL A 1089 7.51 34.68 -29.35
CA VAL A 1089 8.40 35.24 -28.34
C VAL A 1089 9.75 35.59 -28.96
N LEU A 1090 10.29 34.66 -29.76
CA LEU A 1090 11.56 34.90 -30.43
C LEU A 1090 11.45 36.09 -31.38
N ASN A 1091 10.37 36.17 -32.15
CA ASN A 1091 10.18 37.28 -33.07
C ASN A 1091 10.15 38.61 -32.33
N THR A 1092 9.47 38.64 -31.17
CA THR A 1092 9.42 39.87 -30.38
C THR A 1092 10.79 40.26 -29.85
N ILE A 1093 11.51 39.31 -29.25
CA ILE A 1093 12.82 39.64 -28.69
C ILE A 1093 13.80 40.03 -29.78
N GLU A 1100 12.64 46.67 -23.64
CA GLU A 1100 11.58 46.81 -22.65
C GLU A 1100 10.20 46.71 -23.31
N GLU A 1101 10.03 47.35 -24.46
CA GLU A 1101 8.78 47.20 -25.19
C GLU A 1101 8.56 45.76 -25.64
N ALA A 1102 9.63 45.09 -26.08
CA ALA A 1102 9.52 43.70 -26.48
C ALA A 1102 9.07 42.83 -25.31
N LEU A 1103 9.63 43.07 -24.13
CA LEU A 1103 9.26 42.30 -22.95
C LEU A 1103 7.83 42.56 -22.51
N GLN A 1104 7.40 43.83 -22.56
CA GLN A 1104 6.01 44.14 -22.23
C GLN A 1104 5.06 43.50 -23.25
N GLU A 1105 5.46 43.47 -24.52
CA GLU A 1105 4.67 42.80 -25.55
C GLU A 1105 4.61 41.29 -25.28
N VAL A 1106 5.71 40.71 -24.81
CA VAL A 1106 5.71 39.30 -24.42
C VAL A 1106 4.71 39.07 -23.29
N TYR A 1107 4.71 39.95 -22.28
CA TYR A 1107 3.76 39.82 -21.19
C TYR A 1107 2.32 39.92 -21.69
N ASP A 1108 2.06 40.87 -22.59
CA ASP A 1108 0.71 41.01 -23.12
C ASP A 1108 0.28 39.78 -23.92
N TYR A 1109 1.18 39.22 -24.73
CA TYR A 1109 0.85 38.02 -25.50
C TYR A 1109 0.61 36.84 -24.57
N LEU A 1110 1.42 36.71 -23.52
CA LEU A 1110 1.22 35.62 -22.56
C LEU A 1110 -0.12 35.75 -21.85
N GLU A 1111 -0.50 36.98 -21.49
CA GLU A 1111 -1.77 37.18 -20.79
C GLU A 1111 -2.96 36.77 -21.65
N ASP A 1112 -2.98 37.19 -22.92
CA ASP A 1112 -4.17 36.89 -23.71
C ASP A 1112 -4.17 35.44 -24.19
N ILE A 1113 -3.00 34.82 -24.34
CA ILE A 1113 -3.03 33.38 -24.62
C ILE A 1113 -3.50 32.61 -23.38
N ARG A 1114 -3.15 33.09 -22.18
CA ARG A 1114 -3.70 32.49 -20.97
C ARG A 1114 -5.22 32.62 -20.92
N ILE A 1115 -5.73 33.81 -21.26
CA ILE A 1115 -7.17 34.03 -21.27
C ILE A 1115 -7.83 33.12 -22.30
N LYS A 1116 -7.16 32.90 -23.44
CA LYS A 1116 -7.65 31.95 -24.42
C LYS A 1116 -7.67 30.53 -23.87
N VAL A 1117 -6.61 30.13 -23.16
CA VAL A 1117 -6.48 28.74 -22.72
C VAL A 1117 -7.48 28.42 -21.60
N GLU A 1118 -7.56 29.28 -20.58
CA GLU A 1118 -8.47 28.99 -19.47
C GLU A 1118 -9.92 28.97 -19.94
N THR A 1119 -10.28 29.87 -20.85
CA THR A 1119 -11.59 29.88 -21.46
C THR A 1119 -11.79 28.70 -22.42
N ASN A 1120 -10.70 28.06 -22.83
CA ASN A 1120 -10.72 26.98 -23.84
C ASN A 1120 -11.21 27.53 -25.18
N ASN A 1121 -10.52 28.57 -25.66
CA ASN A 1121 -10.83 29.18 -26.95
C ASN A 1121 -9.70 28.97 -27.94
N ILE A 1122 -9.05 27.81 -27.89
CA ILE A 1122 -8.01 27.44 -28.84
C ILE A 1122 -8.29 26.05 -29.35
N ARG A 1123 -8.14 25.84 -30.66
CA ARG A 1123 -8.40 24.55 -31.28
C ARG A 1123 -7.49 23.48 -30.68
N ILE A 1124 -8.09 22.30 -30.42
CA ILE A 1124 -7.41 21.25 -29.66
C ILE A 1124 -6.18 20.72 -30.38
N ASP A 1125 -6.22 20.58 -31.71
CA ASP A 1125 -5.11 19.99 -32.44
C ASP A 1125 -3.84 20.82 -32.24
N LYS A 1126 -3.99 22.08 -31.84
CA LYS A 1126 -2.83 22.87 -31.43
C LYS A 1126 -2.21 22.35 -30.13
N TYR A 1127 -2.89 21.48 -29.39
CA TYR A 1127 -2.37 20.93 -28.14
C TYR A 1127 -1.78 19.54 -28.30
N LYS A 1128 -1.61 19.04 -29.52
CA LYS A 1128 -1.18 17.65 -29.69
C LYS A 1128 0.25 17.47 -29.20
N ILE A 1129 0.53 16.30 -28.62
CA ILE A 1129 1.88 15.94 -28.20
C ILE A 1129 2.18 14.56 -28.77
N ASN A 1130 3.34 14.43 -29.43
CA ASN A 1130 3.76 13.19 -30.04
C ASN A 1130 5.03 12.67 -29.33
N MET A 1131 5.14 11.35 -29.23
CA MET A 1131 6.32 10.77 -28.58
C MET A 1131 6.50 9.32 -29.03
N LYS A 1132 7.71 9.00 -29.47
CA LYS A 1132 8.05 7.66 -29.93
C LYS A 1132 8.34 6.73 -28.75
N LEU A 1133 8.04 5.46 -28.94
CA LEU A 1133 8.55 4.39 -28.07
C LEU A 1133 9.38 3.47 -28.95
N SER A 1134 10.68 3.38 -28.65
CA SER A 1134 11.53 2.44 -29.36
C SER A 1134 11.25 1.01 -28.90
N LYS A 1135 10.63 0.84 -27.75
CA LYS A 1135 10.32 -0.45 -27.17
C LYS A 1135 8.81 -0.70 -27.18
N ASP A 1136 8.42 -1.89 -26.73
CA ASP A 1136 7.01 -2.20 -26.60
C ASP A 1136 6.40 -1.36 -25.49
N PRO A 1137 5.13 -0.97 -25.61
CA PRO A 1137 4.51 -0.16 -24.54
C PRO A 1137 4.58 -0.79 -23.16
N LYS A 1138 4.39 -2.11 -23.06
CA LYS A 1138 4.47 -2.77 -21.77
C LYS A 1138 5.88 -2.72 -21.19
N ALA A 1139 6.90 -2.54 -22.03
CA ALA A 1139 8.29 -2.78 -21.64
C ALA A 1139 8.98 -1.46 -21.28
N TYR A 1140 8.60 -0.90 -20.14
CA TYR A 1140 9.28 0.27 -19.59
C TYR A 1140 9.21 0.29 -18.08
N PRO A 1141 10.37 0.36 -17.40
CA PRO A 1141 10.39 0.56 -15.94
C PRO A 1141 9.61 1.79 -15.47
N GLY A 1142 9.84 2.92 -16.14
CA GLY A 1142 9.19 4.17 -15.77
C GLY A 1142 7.99 4.47 -16.63
N GLY A 1143 7.42 3.44 -17.24
CA GLY A 1143 6.24 3.63 -18.08
C GLY A 1143 5.00 4.02 -17.31
N LYS A 1144 5.04 3.91 -15.98
CA LYS A 1144 3.87 4.26 -15.18
C LYS A 1144 3.79 5.74 -14.87
N ASN A 1145 4.91 6.46 -14.94
CA ASN A 1145 4.89 7.91 -14.79
C ASN A 1145 5.07 8.64 -16.12
N MET A 1146 5.18 7.90 -17.22
CA MET A 1146 5.11 8.51 -18.55
C MET A 1146 3.69 8.43 -19.07
N PRO A 1147 3.04 9.55 -19.39
CA PRO A 1147 1.69 9.46 -19.95
C PRO A 1147 1.64 8.66 -21.23
N ALA A 1148 2.74 8.60 -21.97
CA ALA A 1148 2.76 7.90 -23.24
C ALA A 1148 2.47 6.41 -23.07
N VAL A 1149 3.20 5.75 -22.16
CA VAL A 1149 3.00 4.32 -21.93
C VAL A 1149 1.60 4.06 -21.43
N GLN A 1150 1.10 4.91 -20.53
CA GLN A 1150 -0.27 4.79 -20.04
C GLN A 1150 -1.26 4.83 -21.19
N VAL A 1151 -1.10 5.80 -22.10
CA VAL A 1151 -2.02 5.94 -23.22
C VAL A 1151 -1.95 4.72 -24.14
N ALA A 1152 -0.74 4.24 -24.42
CA ALA A 1152 -0.60 3.08 -25.29
C ALA A 1152 -1.25 1.84 -24.69
N LEU A 1153 -1.08 1.64 -23.38
CA LEU A 1153 -1.70 0.48 -22.72
C LEU A 1153 -3.21 0.61 -22.70
N ARG A 1154 -3.72 1.82 -22.47
CA ARG A 1154 -5.17 2.04 -22.54
C ARG A 1154 -5.70 1.79 -23.94
N MET A 1155 -4.96 2.21 -24.97
CA MET A 1155 -5.34 1.95 -26.34
C MET A 1155 -5.39 0.46 -26.63
N ARG A 1156 -4.40 -0.29 -26.14
CA ARG A 1156 -4.41 -1.74 -26.34
C ARG A 1156 -5.59 -2.39 -25.64
N LYS A 1157 -5.91 -1.94 -24.42
CA LYS A 1157 -7.08 -2.47 -23.73
C LYS A 1157 -8.36 -2.14 -24.46
N ALA A 1158 -8.45 -0.93 -25.02
CA ALA A 1158 -9.67 -0.53 -25.72
C ALA A 1158 -9.81 -1.22 -27.07
N GLY A 1159 -8.70 -1.57 -27.71
CA GLY A 1159 -8.70 -2.27 -28.98
C GLY A 1159 -7.72 -1.68 -29.99
N ARG A 1160 -7.19 -0.51 -29.72
CA ARG A 1160 -6.26 0.11 -30.65
C ARG A 1160 -4.90 -0.59 -30.61
N VAL A 1161 -4.43 -0.99 -31.78
CA VAL A 1161 -3.23 -1.82 -31.89
C VAL A 1161 -2.00 -0.92 -31.98
N VAL A 1162 -1.19 -0.95 -30.93
CA VAL A 1162 0.07 -0.20 -30.93
C VAL A 1162 1.23 -1.18 -30.82
N LYS A 1163 2.20 -1.04 -31.70
CA LYS A 1163 3.37 -1.90 -31.74
C LYS A 1163 4.63 -1.05 -31.57
N ALA A 1164 5.74 -1.70 -31.27
CA ALA A 1164 6.99 -0.98 -31.02
C ALA A 1164 7.40 -0.18 -32.25
N GLY A 1165 7.86 1.05 -32.00
CA GLY A 1165 8.16 1.97 -33.07
C GLY A 1165 6.99 2.84 -33.50
N SER A 1166 5.91 2.87 -32.72
CA SER A 1166 4.73 3.68 -33.04
C SER A 1166 4.87 5.13 -32.60
N VAL A 1167 4.24 6.03 -33.35
CA VAL A 1167 4.06 7.43 -32.95
C VAL A 1167 2.67 7.57 -32.35
N ILE A 1168 2.60 7.85 -31.06
CA ILE A 1168 1.33 8.05 -30.38
C ILE A 1168 1.18 9.54 -30.07
N THR A 1169 0.01 10.08 -30.41
CA THR A 1169 -0.28 11.49 -30.19
C THR A 1169 -1.31 11.59 -29.07
N PHE A 1170 -0.95 12.30 -28.00
CA PHE A 1170 -1.75 12.32 -26.79
C PHE A 1170 -1.89 13.76 -26.28
N VAL A 1171 -3.04 14.03 -25.67
CA VAL A 1171 -3.33 15.33 -25.08
C VAL A 1171 -3.88 15.11 -23.68
N ILE A 1172 -3.40 15.89 -22.73
CA ILE A 1172 -3.83 15.77 -21.34
C ILE A 1172 -5.25 16.31 -21.21
N THR A 1173 -6.08 15.62 -20.45
CA THR A 1173 -7.42 16.08 -20.09
C THR A 1173 -7.44 16.45 -18.60
N LYS A 1174 -8.63 16.83 -18.14
CA LYS A 1174 -8.81 17.21 -16.74
C LYS A 1174 -9.82 16.28 -16.05
N LEU A 1187 -5.63 12.46 -9.32
CA LEU A 1187 -5.24 12.60 -10.72
C LEU A 1187 -3.79 13.05 -10.86
N SER A 1188 -3.00 12.28 -11.61
CA SER A 1188 -1.62 12.60 -11.88
C SER A 1188 -1.48 13.08 -13.32
N VAL A 1189 -0.24 13.33 -13.74
CA VAL A 1189 0.00 13.74 -15.12
C VAL A 1189 -0.30 12.59 -16.07
N ALA A 1190 0.11 11.37 -15.70
CA ALA A 1190 -0.03 10.23 -16.59
C ALA A 1190 -1.48 9.82 -16.76
N GLU A 1191 -2.22 9.71 -15.65
CA GLU A 1191 -3.58 9.17 -15.73
C GLU A 1191 -4.51 10.09 -16.52
N ARG A 1192 -4.29 11.40 -16.46
CA ARG A 1192 -5.13 12.34 -17.19
C ARG A 1192 -4.98 12.25 -18.70
N ALA A 1193 -3.93 11.57 -19.20
CA ALA A 1193 -3.65 11.55 -20.62
C ALA A 1193 -4.63 10.65 -21.37
N HIS A 1194 -4.83 10.97 -22.65
CA HIS A 1194 -5.69 10.21 -23.55
C HIS A 1194 -5.25 10.45 -24.99
N ALA A 1195 -5.70 9.59 -25.90
CA ALA A 1195 -5.32 9.72 -27.30
C ALA A 1195 -5.95 10.95 -27.93
N LEU A 1196 -5.24 11.56 -28.89
CA LEU A 1196 -5.70 12.81 -29.48
C LEU A 1196 -7.03 12.64 -30.21
N ASN A 1197 -7.18 11.56 -30.96
CA ASN A 1197 -8.45 11.30 -31.63
C ASN A 1197 -9.56 11.08 -30.61
N GLU A 1198 -9.23 10.45 -29.48
CA GLU A 1198 -10.21 10.26 -28.41
C GLU A 1198 -10.67 11.60 -27.85
N VAL A 1199 -9.71 12.52 -27.62
CA VAL A 1199 -10.06 13.85 -27.11
C VAL A 1199 -10.86 14.63 -28.16
N MET A 1200 -10.55 14.44 -29.44
CA MET A 1200 -11.10 15.26 -30.51
C MET A 1200 -12.62 15.23 -30.56
N ILE A 1201 -13.22 14.05 -30.42
CA ILE A 1201 -14.68 13.92 -30.43
C ILE A 1201 -15.21 14.80 -29.29
N LYS A 1202 -16.02 15.81 -29.66
CA LYS A 1202 -16.41 16.83 -28.70
C LYS A 1202 -17.44 16.34 -27.70
N SER A 1203 -18.06 15.19 -27.93
CA SER A 1203 -19.10 14.69 -27.03
C SER A 1203 -18.53 14.00 -25.79
N ASN A 1204 -17.25 13.65 -25.78
CA ASN A 1204 -16.65 12.98 -24.63
C ASN A 1204 -16.37 13.93 -23.47
N ASN A 1205 -16.50 15.24 -23.67
CA ASN A 1205 -16.23 16.24 -22.64
C ASN A 1205 -14.83 16.06 -22.05
N LEU A 1206 -13.83 16.03 -22.92
CA LEU A 1206 -12.43 15.88 -22.53
C LEU A 1206 -11.73 17.19 -22.89
N ILE A 1207 -11.81 18.16 -21.99
CA ILE A 1207 -11.20 19.46 -22.19
C ILE A 1207 -9.72 19.38 -21.83
N PRO A 1208 -8.85 20.16 -22.46
CA PRO A 1208 -7.44 20.18 -22.05
C PRO A 1208 -7.29 20.82 -20.69
N ASP A 1209 -6.31 20.36 -19.93
CA ASP A 1209 -6.06 20.95 -18.62
C ASP A 1209 -5.42 22.32 -18.81
N PRO A 1210 -6.07 23.40 -18.38
CA PRO A 1210 -5.41 24.70 -18.45
C PRO A 1210 -4.14 24.77 -17.63
N GLN A 1211 -4.15 24.20 -16.43
CA GLN A 1211 -2.99 24.31 -15.55
C GLN A 1211 -1.77 23.63 -16.14
N TYR A 1212 -1.90 22.37 -16.56
CA TYR A 1212 -0.74 21.61 -17.02
C TYR A 1212 -0.16 22.21 -18.29
N TYR A 1213 -1.03 22.55 -19.25
CA TYR A 1213 -0.52 23.16 -20.48
C TYR A 1213 0.10 24.54 -20.22
N LEU A 1214 -0.63 25.43 -19.55
CA LEU A 1214 -0.12 26.76 -19.26
C LEU A 1214 1.20 26.72 -18.50
N GLU A 1215 1.42 25.69 -17.68
CA GLU A 1215 2.71 25.56 -17.02
C GLU A 1215 3.75 24.98 -17.97
N LYS A 1216 3.58 23.72 -18.37
CA LYS A 1216 4.65 22.99 -19.03
C LYS A 1216 4.92 23.43 -20.45
N GLN A 1217 3.89 23.67 -21.26
CA GLN A 1217 4.11 23.99 -22.67
C GLN A 1217 4.45 25.45 -22.90
N ILE A 1218 4.34 26.31 -21.87
CA ILE A 1218 4.55 27.74 -22.01
C ILE A 1218 5.63 28.25 -21.05
N PHE A 1219 5.39 28.13 -19.74
CA PHE A 1219 6.21 28.82 -18.75
C PHE A 1219 7.66 28.35 -18.79
N ALA A 1220 7.86 27.04 -18.71
CA ALA A 1220 9.22 26.50 -18.76
C ALA A 1220 9.94 26.83 -20.06
N PRO A 1221 9.36 26.62 -21.25
CA PRO A 1221 10.05 27.10 -22.47
C PRO A 1221 10.29 28.60 -22.47
N VAL A 1222 9.31 29.39 -22.01
CA VAL A 1222 9.49 30.84 -22.00
C VAL A 1222 10.56 31.24 -20.99
N GLU A 1223 10.60 30.56 -19.85
CA GLU A 1223 11.66 30.82 -18.88
C GLU A 1223 13.04 30.49 -19.47
N ARG A 1224 13.15 29.36 -20.17
CA ARG A 1224 14.43 29.02 -20.79
C ARG A 1224 14.83 30.01 -21.87
N LEU A 1225 13.85 30.49 -22.65
CA LEU A 1225 14.15 31.36 -23.78
C LEU A 1225 14.56 32.75 -23.32
N LEU A 1226 13.87 33.27 -22.31
CA LEU A 1226 14.11 34.61 -21.78
C LEU A 1226 15.05 34.59 -20.58
N GLU A 1227 15.75 33.48 -20.36
CA GLU A 1227 16.56 33.31 -19.16
C GLU A 1227 17.61 34.41 -19.02
N ARG A 1228 18.36 34.67 -20.10
CA ARG A 1228 19.52 35.55 -20.01
C ARG A 1228 19.37 36.78 -20.89
N ILE A 1229 18.20 37.42 -20.83
CA ILE A 1229 17.93 38.66 -21.56
C ILE A 1229 17.58 39.74 -20.56
N ASP A 1230 18.19 40.91 -20.73
CA ASP A 1230 18.08 41.98 -19.74
C ASP A 1230 16.62 42.39 -19.52
N SER A 1231 16.29 42.65 -18.25
CA SER A 1231 14.98 43.10 -17.79
C SER A 1231 13.92 42.01 -17.84
N PHE A 1232 14.32 40.73 -17.84
CA PHE A 1232 13.35 39.65 -17.69
C PHE A 1232 13.20 39.30 -16.22
N ASN A 1233 11.95 39.03 -15.82
CA ASN A 1233 11.62 38.67 -14.44
C ASN A 1233 10.74 37.42 -14.46
N VAL A 1234 11.13 36.41 -13.70
CA VAL A 1234 10.33 35.19 -13.62
C VAL A 1234 9.03 35.44 -12.88
N VAL A 1235 9.01 36.41 -11.96
CA VAL A 1235 7.81 36.66 -11.18
C VAL A 1235 6.72 37.27 -12.06
N ARG A 1236 7.11 38.19 -12.95
CA ARG A 1236 6.15 38.75 -13.91
C ARG A 1236 5.59 37.67 -14.82
N LEU A 1237 6.45 36.77 -15.28
CA LEU A 1237 6.01 35.67 -16.13
C LEU A 1237 5.08 34.71 -15.38
N SER A 1238 5.32 34.54 -14.07
CA SER A 1238 4.46 33.67 -13.28
C SER A 1238 3.12 34.31 -12.98
N GLU A 1239 3.10 35.64 -12.80
CA GLU A 1239 1.84 36.32 -12.50
C GLU A 1239 0.91 36.34 -13.72
N ALA A 1240 1.47 36.52 -14.91
CA ALA A 1240 0.69 36.54 -16.14
C ALA A 1240 0.18 35.16 -16.56
N LEU A 1241 0.63 34.09 -15.91
CA LEU A 1241 0.19 32.74 -16.25
C LEU A 1241 -0.44 32.03 -15.06
N GLY A 1242 0.14 32.22 -13.88
CA GLY A 1242 -0.36 31.60 -12.67
C GLY A 1242 0.72 31.24 -11.67
N ASP A 1273 5.38 -13.41 1.82
CA ASP A 1273 4.88 -14.77 1.60
C ASP A 1273 6.06 -15.72 1.48
N VAL A 1274 7.24 -15.14 1.27
CA VAL A 1274 8.46 -15.95 1.19
C VAL A 1274 8.93 -16.33 2.59
N GLU A 1275 8.71 -15.44 3.57
CA GLU A 1275 9.11 -15.73 4.94
C GLU A 1275 8.14 -16.71 5.62
N ARG A 1276 6.87 -16.68 5.23
CA ARG A 1276 5.86 -17.47 5.94
C ARG A 1276 6.12 -18.97 5.81
N PHE A 1277 6.67 -19.42 4.69
CA PHE A 1277 6.89 -20.85 4.47
C PHE A 1277 8.35 -21.25 4.63
N LYS A 1278 9.14 -20.50 5.41
CA LYS A 1278 10.55 -20.80 5.54
C LYS A 1278 10.80 -22.12 6.24
N ASP A 1279 9.84 -22.59 7.03
CA ASP A 1279 10.01 -23.78 7.84
C ASP A 1279 9.18 -24.97 7.36
N THR A 1280 8.37 -24.79 6.33
CA THR A 1280 7.53 -25.88 5.85
C THR A 1280 8.37 -27.02 5.30
N VAL A 1281 7.82 -28.22 5.40
CA VAL A 1281 8.47 -29.43 4.90
C VAL A 1281 7.67 -29.96 3.71
N THR A 1282 8.40 -30.39 2.69
CA THR A 1282 7.83 -30.63 1.38
C THR A 1282 6.83 -31.79 1.40
N LEU A 1283 5.83 -31.67 0.53
CA LEU A 1283 4.87 -32.74 0.29
C LEU A 1283 5.50 -33.77 -0.63
N GLU A 1284 5.74 -34.97 -0.12
CA GLU A 1284 6.32 -36.05 -0.89
C GLU A 1284 5.23 -36.86 -1.56
N LEU A 1285 5.42 -37.18 -2.83
CA LEU A 1285 4.46 -37.95 -3.62
C LEU A 1285 5.12 -39.22 -4.13
N SER A 1286 4.31 -40.18 -4.54
CA SER A 1286 4.78 -41.49 -4.96
C SER A 1286 4.19 -41.87 -6.31
N CYS A 1287 4.94 -42.66 -7.06
CA CYS A 1287 4.48 -43.14 -8.36
C CYS A 1287 3.57 -44.35 -8.19
N PRO A 1288 2.38 -44.35 -8.80
CA PRO A 1288 1.56 -45.58 -8.77
C PRO A 1288 2.24 -46.77 -9.42
N SER A 1289 3.12 -46.53 -10.40
CA SER A 1289 3.74 -47.63 -11.12
C SER A 1289 5.10 -48.00 -10.54
N CYS A 1290 6.04 -47.05 -10.51
CA CYS A 1290 7.42 -47.35 -10.19
C CYS A 1290 7.82 -47.05 -8.75
N ASP A 1291 6.86 -46.72 -7.89
CA ASP A 1291 7.04 -46.55 -6.44
C ASP A 1291 8.06 -45.47 -6.12
N LYS A 1292 8.50 -44.67 -7.10
CA LYS A 1292 9.50 -43.65 -6.82
C LYS A 1292 8.89 -42.54 -5.97
N ARG A 1293 9.71 -42.00 -5.07
CA ARG A 1293 9.30 -40.89 -4.22
C ARG A 1293 10.01 -39.62 -4.67
N PHE A 1294 9.31 -38.49 -4.59
CA PHE A 1294 9.84 -37.24 -5.11
C PHE A 1294 9.14 -36.08 -4.43
N PRO A 1295 9.82 -34.96 -4.24
CA PRO A 1295 9.12 -33.73 -3.81
C PRO A 1295 8.48 -33.01 -4.99
N PHE A 1296 7.50 -32.17 -4.69
CA PHE A 1296 6.67 -31.51 -5.70
C PHE A 1296 6.80 -30.01 -5.52
N GLY A 1297 6.85 -29.28 -6.63
CA GLY A 1297 6.98 -27.83 -6.59
C GLY A 1297 6.05 -27.07 -7.51
N GLY A 1298 4.83 -27.56 -7.70
CA GLY A 1298 3.91 -26.93 -8.61
C GLY A 1298 4.29 -27.19 -10.06
N ILE A 1299 3.86 -26.28 -10.93
CA ILE A 1299 4.21 -26.36 -12.35
C ILE A 1299 5.55 -25.67 -12.57
N VAL A 1300 6.64 -26.40 -12.31
CA VAL A 1300 8.00 -25.93 -12.55
C VAL A 1300 8.83 -27.11 -13.04
N SER A 1301 10.13 -26.83 -13.21
CA SER A 1301 11.07 -27.84 -13.67
C SER A 1301 11.24 -28.94 -12.62
N SER A 1302 11.57 -30.14 -13.09
CA SER A 1302 11.82 -31.28 -12.21
C SER A 1302 12.46 -32.40 -12.99
N ASN A 1303 13.52 -32.99 -12.43
CA ASN A 1303 14.09 -34.21 -12.99
C ASN A 1303 13.23 -35.43 -12.71
N TYR A 1304 12.21 -35.32 -11.87
CA TYR A 1304 11.39 -36.45 -11.49
C TYR A 1304 9.98 -36.42 -12.05
N TYR A 1305 9.38 -35.24 -12.21
CA TYR A 1305 8.07 -35.18 -12.82
C TYR A 1305 8.09 -34.14 -13.94
N ARG A 1306 7.18 -34.32 -14.88
CA ARG A 1306 7.00 -33.39 -15.98
C ARG A 1306 5.51 -33.07 -16.10
N VAL A 1307 5.16 -31.81 -15.85
CA VAL A 1307 3.79 -31.37 -15.96
C VAL A 1307 3.41 -31.33 -17.43
N SER A 1308 2.58 -32.28 -17.84
CA SER A 1308 2.17 -32.44 -19.23
C SER A 1308 0.83 -31.75 -19.45
N TYR A 1309 0.41 -31.73 -20.72
CA TYR A 1309 -0.91 -31.22 -21.06
C TYR A 1309 -2.03 -32.04 -20.42
N ASN A 1310 -1.84 -33.36 -20.31
CA ASN A 1310 -2.87 -34.27 -19.85
C ASN A 1310 -2.79 -34.46 -18.34
N GLY A 1311 -1.82 -33.84 -17.69
CA GLY A 1311 -1.66 -33.92 -16.26
C GLY A 1311 -0.21 -34.11 -15.89
N LEU A 1312 0.00 -34.51 -14.64
CA LEU A 1312 1.35 -34.75 -14.14
C LEU A 1312 1.87 -36.08 -14.69
N GLN A 1313 3.18 -36.15 -14.93
CA GLN A 1313 3.80 -37.32 -15.53
C GLN A 1313 5.05 -37.68 -14.76
N CYS A 1314 5.20 -38.97 -14.43
CA CYS A 1314 6.39 -39.47 -13.78
C CYS A 1314 7.45 -39.81 -14.81
N LYS A 1315 8.47 -38.95 -14.93
CA LYS A 1315 9.50 -39.12 -15.96
C LYS A 1315 10.18 -40.47 -15.92
N HIS A 1316 10.31 -41.09 -14.75
CA HIS A 1316 11.02 -42.35 -14.67
C HIS A 1316 10.22 -43.47 -15.34
N CYS A 1317 8.90 -43.29 -15.50
CA CYS A 1317 8.05 -44.30 -16.10
C CYS A 1317 6.99 -43.74 -17.05
N GLU A 1318 6.91 -42.42 -17.20
CA GLU A 1318 6.00 -41.73 -18.13
C GLU A 1318 4.52 -42.02 -17.87
N GLN A 1319 4.17 -42.71 -16.78
CA GLN A 1319 2.76 -43.02 -16.51
C GLN A 1319 2.05 -41.78 -15.99
N LEU A 1320 0.76 -41.66 -16.32
CA LEU A 1320 -0.05 -40.51 -15.96
C LEU A 1320 -0.72 -40.72 -14.61
N PHE A 1321 -0.84 -39.63 -13.85
CA PHE A 1321 -1.53 -39.67 -12.56
C PHE A 1321 -3.02 -39.44 -12.73
N THR A 1322 -3.82 -40.37 -12.21
CA THR A 1322 -5.24 -40.13 -12.06
C THR A 1322 -5.48 -39.20 -10.88
N PRO A 1323 -6.64 -38.52 -10.83
CA PRO A 1323 -6.88 -37.56 -9.73
C PRO A 1323 -6.74 -38.18 -8.35
N LEU A 1324 -7.20 -39.42 -8.17
CA LEU A 1324 -7.15 -40.05 -6.87
C LEU A 1324 -5.72 -40.34 -6.46
N GLN A 1325 -4.93 -40.90 -7.39
CA GLN A 1325 -3.54 -41.27 -7.09
C GLN A 1325 -2.72 -40.06 -6.66
N LEU A 1326 -3.27 -38.86 -6.84
CA LEU A 1326 -2.63 -37.63 -6.38
C LEU A 1326 -3.25 -37.15 -5.07
N THR A 1327 -4.57 -36.92 -5.08
CA THR A 1327 -5.24 -36.31 -3.94
C THR A 1327 -5.19 -37.21 -2.70
N SER A 1328 -5.34 -38.52 -2.87
CA SER A 1328 -5.26 -39.40 -1.71
C SER A 1328 -3.88 -39.34 -1.07
N GLN A 1329 -2.82 -39.33 -1.88
CA GLN A 1329 -1.47 -39.18 -1.33
C GLN A 1329 -1.33 -37.86 -0.58
N ILE A 1330 -1.85 -36.79 -1.19
CA ILE A 1330 -1.74 -35.48 -0.56
C ILE A 1330 -2.39 -35.49 0.82
N GLU A 1331 -3.62 -36.01 0.91
CA GLU A 1331 -4.30 -35.95 2.19
C GLU A 1331 -3.79 -37.02 3.15
N HIS A 1332 -3.12 -38.06 2.63
CA HIS A 1332 -2.37 -38.93 3.51
C HIS A 1332 -1.27 -38.16 4.23
N SER A 1333 -0.50 -37.37 3.48
CA SER A 1333 0.50 -36.53 4.11
C SER A 1333 -0.15 -35.54 5.07
N ILE A 1334 -1.30 -34.99 4.67
CA ILE A 1334 -2.00 -34.01 5.50
C ILE A 1334 -2.36 -34.61 6.86
N ARG A 1335 -2.94 -35.81 6.83
CA ARG A 1335 -3.39 -36.43 8.07
C ARG A 1335 -2.22 -36.93 8.90
N ALA A 1336 -1.12 -37.34 8.26
CA ALA A 1336 0.08 -37.63 9.04
C ALA A 1336 0.58 -36.39 9.76
N HIS A 1337 0.57 -35.25 9.08
CA HIS A 1337 0.99 -34.01 9.74
C HIS A 1337 0.07 -33.64 10.88
N ILE A 1338 -1.24 -33.76 10.69
CA ILE A 1338 -2.15 -33.38 11.78
C ILE A 1338 -2.03 -34.38 12.93
N SER A 1339 -1.71 -35.64 12.62
CA SER A 1339 -1.41 -36.61 13.67
C SER A 1339 -0.18 -36.17 14.46
N LEU A 1340 0.86 -35.71 13.77
CA LEU A 1340 2.04 -35.19 14.46
C LEU A 1340 1.68 -33.98 15.31
N TYR A 1341 0.77 -33.15 14.81
CA TYR A 1341 0.33 -31.96 15.54
C TYR A 1341 -0.36 -32.34 16.85
N TYR A 1342 -1.46 -33.09 16.76
CA TYR A 1342 -2.16 -33.52 17.96
C TYR A 1342 -1.39 -34.52 18.80
N ALA A 1343 -0.27 -35.03 18.30
CA ALA A 1343 0.65 -35.74 19.18
C ALA A 1343 1.13 -34.84 20.30
N GLY A 1344 1.11 -33.53 20.07
CA GLY A 1344 1.32 -32.56 21.13
C GLY A 1344 2.64 -32.68 21.85
N TRP A 1345 3.75 -32.60 21.11
CA TRP A 1345 5.05 -32.56 21.76
C TRP A 1345 5.18 -31.25 22.55
N LEU A 1346 6.08 -31.24 23.52
CA LEU A 1346 6.33 -30.07 24.33
C LEU A 1346 7.81 -29.77 24.35
N GLN A 1347 8.15 -28.49 24.42
CA GLN A 1347 9.52 -28.04 24.32
C GLN A 1347 9.85 -27.08 25.46
N CYS A 1348 11.04 -27.27 26.03
CA CYS A 1348 11.56 -26.38 27.07
C CYS A 1348 12.29 -25.21 26.42
N ASP A 1349 11.90 -23.99 26.81
CA ASP A 1349 12.50 -22.80 26.24
C ASP A 1349 13.98 -22.72 26.58
N ASP A 1350 14.33 -23.04 27.82
CA ASP A 1350 15.69 -22.87 28.31
C ASP A 1350 16.65 -23.71 27.47
N SER A 1351 17.55 -23.04 26.76
CA SER A 1351 18.44 -23.73 25.82
C SER A 1351 19.30 -24.78 26.51
N THR A 1352 19.73 -24.51 27.74
CA THR A 1352 20.66 -25.39 28.43
C THR A 1352 20.07 -26.76 28.76
N CYS A 1353 18.75 -26.89 28.78
CA CYS A 1353 18.14 -28.17 29.12
C CYS A 1353 17.40 -28.74 27.91
N GLY A 1354 16.43 -27.99 27.40
CA GLY A 1354 15.77 -28.34 26.15
C GLY A 1354 15.11 -29.70 26.10
N ILE A 1355 14.36 -30.09 27.13
CA ILE A 1355 13.67 -31.37 27.07
C ILE A 1355 12.54 -31.31 26.05
N VAL A 1356 12.29 -32.45 25.41
CA VAL A 1356 11.14 -32.65 24.54
C VAL A 1356 10.30 -33.75 25.16
N THR A 1357 8.98 -33.52 25.23
CA THR A 1357 8.12 -34.44 25.96
C THR A 1357 6.69 -34.24 25.50
N ARG A 1358 5.79 -34.99 26.14
CA ARG A 1358 4.36 -34.86 25.93
C ARG A 1358 3.60 -34.78 27.25
N GLN A 1359 4.26 -35.05 28.37
CA GLN A 1359 3.68 -34.77 29.67
C GLN A 1359 3.35 -33.29 29.81
N VAL A 1360 2.16 -33.01 30.33
CA VAL A 1360 1.67 -31.65 30.51
C VAL A 1360 1.34 -31.44 31.98
N SER A 1361 1.98 -30.44 32.60
CA SER A 1361 1.64 -30.07 33.96
C SER A 1361 0.35 -29.28 33.99
N VAL A 1362 -0.25 -29.17 35.19
CA VAL A 1362 -1.45 -28.37 35.34
C VAL A 1362 -1.14 -26.88 35.35
N PHE A 1363 0.14 -26.52 35.43
CA PHE A 1363 0.61 -25.19 35.11
C PHE A 1363 1.42 -25.33 33.83
N GLY A 1364 0.71 -25.23 32.70
CA GLY A 1364 1.23 -25.76 31.44
C GLY A 1364 2.58 -25.20 31.06
N LYS A 1365 2.76 -23.89 31.25
CA LYS A 1365 3.98 -23.24 30.78
C LYS A 1365 5.20 -23.59 31.62
N ARG A 1366 5.03 -23.99 32.87
CA ARG A 1366 6.17 -24.29 33.72
C ARG A 1366 6.79 -25.62 33.30
N CYS A 1367 8.12 -25.63 33.20
CA CYS A 1367 8.84 -26.83 32.79
C CYS A 1367 8.80 -27.87 33.89
N LEU A 1368 8.98 -29.14 33.51
CA LEU A 1368 8.89 -30.25 34.45
C LEU A 1368 10.23 -30.58 35.10
N ASN A 1369 11.34 -30.10 34.56
CA ASN A 1369 12.65 -30.36 35.16
C ASN A 1369 12.76 -29.56 36.46
N ASP A 1370 13.47 -30.13 37.44
CA ASP A 1370 13.56 -29.54 38.77
C ASP A 1370 14.08 -28.12 38.73
N GLY A 1371 13.22 -27.15 39.03
CA GLY A 1371 13.62 -25.76 39.11
C GLY A 1371 13.86 -25.09 37.78
N CYS A 1372 13.56 -25.74 36.66
CA CYS A 1372 13.80 -25.13 35.35
C CYS A 1372 12.82 -24.00 35.12
N THR A 1373 13.34 -22.84 34.74
CA THR A 1373 12.53 -21.68 34.45
C THR A 1373 12.18 -21.57 32.97
N GLY A 1374 12.68 -22.49 32.15
CA GLY A 1374 12.28 -22.55 30.77
C GLY A 1374 10.79 -22.80 30.63
N VAL A 1375 10.19 -22.13 29.66
CA VAL A 1375 8.75 -22.14 29.50
C VAL A 1375 8.36 -23.18 28.46
N MET A 1376 7.47 -24.08 28.84
CA MET A 1376 7.07 -25.19 27.99
C MET A 1376 6.25 -24.69 26.81
N ARG A 1377 6.55 -25.21 25.62
CA ARG A 1377 5.83 -24.86 24.42
C ARG A 1377 5.74 -26.07 23.50
N TYR A 1378 4.60 -26.23 22.84
CA TYR A 1378 4.49 -27.22 21.77
C TYR A 1378 5.50 -26.96 20.67
N LYS A 1379 6.19 -28.02 20.26
CA LYS A 1379 7.14 -27.91 19.17
C LYS A 1379 6.43 -27.69 17.85
N TYR A 1380 5.38 -28.47 17.60
CA TYR A 1380 4.58 -28.37 16.37
C TYR A 1380 3.36 -27.51 16.70
N SER A 1381 3.58 -26.22 16.88
CA SER A 1381 2.50 -25.32 17.27
C SER A 1381 1.57 -25.04 16.09
N ASP A 1382 0.34 -24.65 16.42
CA ASP A 1382 -0.71 -24.48 15.42
C ASP A 1382 -0.31 -23.56 14.28
N LYS A 1383 0.46 -22.50 14.56
CA LYS A 1383 0.89 -21.60 13.50
C LYS A 1383 1.61 -22.36 12.40
N GLN A 1384 2.51 -23.26 12.78
CA GLN A 1384 3.26 -24.01 11.78
C GLN A 1384 2.35 -24.91 10.96
N LEU A 1385 1.31 -25.48 11.57
CA LEU A 1385 0.37 -26.28 10.78
C LEU A 1385 -0.36 -25.41 9.78
N TYR A 1386 -0.76 -24.21 10.20
CA TYR A 1386 -1.45 -23.32 9.27
C TYR A 1386 -0.50 -22.91 8.13
N ASN A 1387 0.77 -22.67 8.46
CA ASN A 1387 1.76 -22.37 7.43
C ASN A 1387 1.93 -23.53 6.46
N GLN A 1388 1.99 -24.75 6.98
CA GLN A 1388 2.11 -25.92 6.12
C GLN A 1388 0.89 -26.03 5.21
N LEU A 1389 -0.29 -25.76 5.74
CA LEU A 1389 -1.50 -25.96 4.96
C LEU A 1389 -1.65 -24.89 3.88
N LEU A 1390 -1.28 -23.64 4.18
CA LEU A 1390 -1.24 -22.64 3.12
C LEU A 1390 -0.12 -22.88 2.12
N TYR A 1391 1.00 -23.45 2.56
CA TYR A 1391 2.03 -23.85 1.61
C TYR A 1391 1.48 -24.91 0.64
N PHE A 1392 0.75 -25.87 1.19
CA PHE A 1392 0.01 -26.82 0.36
C PHE A 1392 -0.87 -26.09 -0.64
N ASP A 1393 -1.65 -25.12 -0.15
CA ASP A 1393 -2.58 -24.40 -1.02
C ASP A 1393 -1.84 -23.65 -2.12
N SER A 1394 -0.67 -23.08 -1.81
CA SER A 1394 0.13 -22.42 -2.82
C SER A 1394 0.63 -23.42 -3.84
N LEU A 1395 0.94 -24.65 -3.42
CA LEU A 1395 1.40 -25.66 -4.37
C LEU A 1395 0.35 -25.92 -5.45
N PHE A 1396 -0.92 -25.62 -5.18
CA PHE A 1396 -2.00 -25.79 -6.14
C PHE A 1396 -2.68 -24.47 -6.49
N ASP A 1397 -1.97 -23.36 -6.32
CA ASP A 1397 -2.50 -22.02 -6.59
C ASP A 1397 -2.26 -21.70 -8.06
N CYS A 1398 -3.33 -21.58 -8.83
CA CYS A 1398 -3.21 -21.29 -10.26
C CYS A 1398 -2.58 -19.92 -10.48
N GLU A 1399 -2.99 -18.92 -9.69
CA GLU A 1399 -2.42 -17.59 -9.85
C GLU A 1399 -0.94 -17.54 -9.45
N LYS A 1400 -0.61 -18.09 -8.29
CA LYS A 1400 0.79 -18.14 -7.87
C LYS A 1400 1.63 -18.93 -8.86
N ASN A 1401 1.04 -19.94 -9.49
CA ASN A 1401 1.76 -20.71 -10.48
C ASN A 1401 2.00 -19.88 -11.74
N LYS A 1402 1.00 -19.10 -12.14
CA LYS A 1402 1.19 -18.19 -13.27
C LYS A 1402 2.21 -17.11 -12.93
N LYS A 1403 2.11 -16.54 -11.73
CA LYS A 1403 3.02 -15.48 -11.30
C LYS A 1403 4.38 -16.02 -10.88
N GLN A 1404 4.50 -17.32 -10.63
CA GLN A 1404 5.79 -17.96 -10.34
C GLN A 1404 6.44 -17.36 -9.10
N GLU A 1405 5.71 -17.36 -7.99
CA GLU A 1405 6.24 -16.95 -6.70
C GLU A 1405 6.56 -18.15 -5.82
N LEU A 1406 6.21 -19.35 -6.28
CA LEU A 1406 6.28 -20.56 -5.47
C LEU A 1406 7.71 -20.79 -4.96
N LYS A 1407 7.80 -21.24 -3.73
CA LYS A 1407 9.10 -21.45 -3.09
C LYS A 1407 9.88 -22.55 -3.82
N PRO A 1408 11.14 -22.33 -4.13
CA PRO A 1408 11.93 -23.39 -4.79
C PRO A 1408 12.19 -24.55 -3.84
N ILE A 1409 11.90 -25.76 -4.32
CA ILE A 1409 12.05 -26.95 -3.49
C ILE A 1409 13.46 -27.53 -3.53
N TYR A 1410 14.30 -27.08 -4.45
CA TYR A 1410 15.67 -27.59 -4.53
C TYR A 1410 16.65 -26.43 -4.38
N LEU A 1411 17.64 -26.63 -3.53
CA LEU A 1411 18.75 -25.71 -3.41
C LEU A 1411 19.66 -25.87 -4.63
N PRO A 1412 20.48 -24.85 -4.94
CA PRO A 1412 21.33 -24.94 -6.14
C PRO A 1412 22.26 -26.13 -6.13
N ASP A 1413 22.73 -26.56 -4.96
CA ASP A 1413 23.75 -27.60 -4.86
C ASP A 1413 23.18 -29.01 -4.85
N ASP A 1414 21.86 -29.18 -4.92
N ASP A 1414 21.86 -29.18 -4.94
CA ASP A 1414 21.26 -30.50 -4.92
CA ASP A 1414 21.29 -30.51 -4.88
C ASP A 1414 21.63 -31.26 -6.18
C ASP A 1414 21.58 -31.27 -6.17
N LEU A 1415 22.00 -32.53 -6.02
CA LEU A 1415 22.25 -33.38 -7.18
C LEU A 1415 20.97 -33.68 -7.94
N ASP A 1416 19.82 -33.46 -7.31
CA ASP A 1416 18.53 -33.67 -7.95
C ASP A 1416 17.94 -32.39 -8.50
N TYR A 1417 18.71 -31.31 -8.56
CA TYR A 1417 18.21 -30.07 -9.11
C TYR A 1417 17.80 -30.29 -10.57
N PRO A 1418 16.71 -29.70 -11.03
CA PRO A 1418 16.28 -29.91 -12.41
C PRO A 1418 17.33 -29.42 -13.41
N GLN A 1421 15.17 -25.70 -17.38
CA GLN A 1421 14.31 -24.66 -16.82
C GLN A 1421 13.14 -24.40 -17.75
N LEU A 1422 11.92 -24.61 -17.25
CA LEU A 1422 10.73 -24.37 -18.05
C LEU A 1422 10.44 -22.88 -18.14
N THR A 1423 9.83 -22.50 -19.26
CA THR A 1423 9.55 -21.10 -19.57
C THR A 1423 8.16 -20.71 -19.08
N GLU A 1424 7.99 -19.40 -18.85
CA GLU A 1424 6.75 -18.90 -18.27
C GLU A 1424 5.57 -19.09 -19.20
N SER A 1425 5.79 -19.00 -20.52
CA SER A 1425 4.71 -19.29 -21.45
C SER A 1425 4.24 -20.74 -21.34
N SER A 1426 5.17 -21.68 -21.30
CA SER A 1426 4.80 -23.07 -21.09
C SER A 1426 4.10 -23.26 -19.74
N ILE A 1427 4.57 -22.54 -18.72
CA ILE A 1427 3.97 -22.64 -17.40
C ILE A 1427 2.52 -22.19 -17.45
N LYS A 1428 2.25 -21.07 -18.11
CA LYS A 1428 0.89 -20.55 -18.21
C LYS A 1428 0.00 -21.51 -18.99
N ALA A 1429 0.51 -22.04 -20.10
CA ALA A 1429 -0.29 -22.97 -20.90
C ALA A 1429 -0.62 -24.23 -20.11
N LEU A 1430 0.37 -24.77 -19.39
CA LEU A 1430 0.15 -25.98 -18.60
C LEU A 1430 -0.79 -25.72 -17.44
N THR A 1431 -0.71 -24.54 -16.82
CA THR A 1431 -1.62 -24.20 -15.74
C THR A 1431 -3.06 -24.07 -16.26
N GLU A 1432 -3.25 -23.41 -17.41
CA GLU A 1432 -4.59 -23.28 -17.96
C GLU A 1432 -5.16 -24.62 -18.37
N GLN A 1433 -4.34 -25.48 -18.98
CA GLN A 1433 -4.82 -26.81 -19.36
C GLN A 1433 -5.16 -27.63 -18.12
N ASN A 1434 -4.34 -27.52 -17.07
CA ASN A 1434 -4.54 -28.28 -15.85
C ASN A 1434 -5.26 -27.50 -14.76
N ARG A 1435 -6.18 -26.60 -15.15
CA ARG A 1435 -6.93 -25.84 -14.16
C ARG A 1435 -7.77 -26.75 -13.28
N GLU A 1436 -8.45 -27.72 -13.88
CA GLU A 1436 -9.39 -28.55 -13.12
C GLU A 1436 -8.66 -29.41 -12.10
N LEU A 1437 -7.52 -29.99 -12.48
CA LEU A 1437 -6.75 -30.78 -11.54
C LEU A 1437 -6.22 -29.92 -10.40
N MET A 1438 -5.74 -28.70 -10.72
CA MET A 1438 -5.35 -27.77 -9.67
C MET A 1438 -6.51 -27.46 -8.73
N GLU A 1439 -7.72 -27.33 -9.28
CA GLU A 1439 -8.86 -26.94 -8.46
C GLU A 1439 -9.32 -28.10 -7.57
N THR A 1440 -9.31 -29.32 -8.09
CA THR A 1440 -9.64 -30.47 -7.24
C THR A 1440 -8.60 -30.65 -6.13
N GLY A 1441 -7.31 -30.52 -6.47
CA GLY A 1441 -6.29 -30.56 -5.44
C GLY A 1441 -6.43 -29.46 -4.42
N ARG A 1442 -6.87 -28.27 -4.87
CA ARG A 1442 -7.14 -27.18 -3.95
C ARG A 1442 -8.28 -27.50 -3.02
N SER A 1443 -9.38 -28.07 -3.54
CA SER A 1443 -10.52 -28.42 -2.69
C SER A 1443 -10.15 -29.47 -1.66
N VAL A 1444 -9.32 -30.45 -2.05
CA VAL A 1444 -8.86 -31.45 -1.09
C VAL A 1444 -8.17 -30.78 0.08
N VAL A 1445 -7.29 -29.80 -0.17
CA VAL A 1445 -6.60 -29.13 0.92
C VAL A 1445 -7.56 -28.23 1.70
N GLN A 1446 -8.48 -27.58 1.00
CA GLN A 1446 -9.48 -26.75 1.65
C GLN A 1446 -10.36 -27.55 2.61
N LYS A 1447 -10.46 -28.86 2.39
CA LYS A 1447 -11.17 -29.71 3.33
C LYS A 1447 -10.64 -29.55 4.76
N TYR A 1448 -9.33 -29.30 4.89
CA TYR A 1448 -8.72 -29.08 6.19
C TYR A 1448 -8.28 -27.63 6.43
N LEU A 1449 -8.26 -26.81 5.38
CA LEU A 1449 -7.99 -25.39 5.53
C LEU A 1449 -9.13 -24.64 6.21
N ASN A 1450 -10.36 -24.80 5.69
CA ASN A 1450 -11.48 -24.02 6.22
C ASN A 1450 -11.81 -24.40 7.66
N ASP A 1451 -11.30 -25.54 8.13
CA ASP A 1451 -11.44 -25.93 9.52
C ASP A 1451 -10.21 -25.62 10.34
N CYS A 1452 -9.10 -25.25 9.70
CA CYS A 1452 -7.87 -24.95 10.40
C CYS A 1452 -8.07 -23.80 11.38
N TYR B 19 -12.76 36.17 74.35
CA TYR B 19 -12.48 34.75 74.18
C TYR B 19 -12.59 33.99 75.50
N LYS B 20 -12.36 34.66 76.63
CA LYS B 20 -12.45 33.98 77.91
C LYS B 20 -13.90 33.76 78.33
N SER B 21 -14.79 34.70 77.98
CA SER B 21 -16.14 34.67 78.53
C SER B 21 -17.26 34.59 77.51
N LEU B 22 -17.14 35.27 76.36
CA LEU B 22 -18.33 35.55 75.56
C LEU B 22 -18.47 34.68 74.32
N TYR B 23 -17.37 34.24 73.72
CA TYR B 23 -17.49 33.40 72.52
C TYR B 23 -18.04 32.04 72.92
N PRO B 24 -19.17 31.62 72.38
CA PRO B 24 -19.76 30.32 72.74
C PRO B 24 -19.07 29.16 72.02
N PHE B 25 -17.98 28.66 72.62
CA PHE B 25 -17.17 27.64 71.96
C PHE B 25 -17.93 26.35 71.78
N LYS B 26 -18.77 25.99 72.75
CA LYS B 26 -19.48 24.71 72.69
C LYS B 26 -20.41 24.65 71.48
N HIS B 27 -21.16 25.72 71.24
CA HIS B 27 -22.07 25.73 70.10
C HIS B 27 -21.32 25.63 68.78
N ILE B 28 -20.23 26.39 68.63
CA ILE B 28 -19.45 26.33 67.39
C ILE B 28 -18.83 24.96 67.21
N PHE B 29 -18.31 24.37 68.28
CA PHE B 29 -17.72 23.04 68.22
C PHE B 29 -18.74 22.00 67.79
N ASN B 30 -19.94 22.07 68.37
CA ASN B 30 -20.97 21.10 68.01
C ASN B 30 -21.47 21.32 66.59
N TRP B 31 -21.48 22.59 66.14
CA TRP B 31 -21.85 22.90 64.78
C TRP B 31 -20.87 22.30 63.78
N LEU B 32 -19.58 22.51 64.02
CA LEU B 32 -18.58 22.13 63.04
C LEU B 32 -18.06 20.71 63.24
N ASN B 33 -18.50 20.03 64.29
CA ASN B 33 -18.10 18.65 64.52
C ASN B 33 -19.02 17.65 63.83
N HIS B 34 -20.26 18.06 63.51
CA HIS B 34 -21.25 17.22 62.85
C HIS B 34 -21.57 15.96 63.66
N SER B 35 -21.44 16.04 64.99
CA SER B 35 -21.74 14.94 65.88
C SER B 35 -21.66 15.44 67.31
N PRO B 36 -22.45 14.89 68.23
CA PRO B 36 -22.26 15.23 69.64
C PRO B 36 -20.89 14.87 70.15
N LYS B 37 -20.28 13.81 69.60
CA LYS B 37 -18.95 13.36 69.97
C LYS B 37 -17.92 13.96 69.01
N PRO B 38 -16.74 14.34 69.50
CA PRO B 38 -15.73 14.87 68.59
C PRO B 38 -15.38 13.87 67.49
N SER B 39 -15.21 14.38 66.27
CA SER B 39 -15.01 13.52 65.11
C SER B 39 -13.89 14.09 64.26
N ARG B 40 -13.51 13.33 63.22
CA ARG B 40 -12.53 13.81 62.25
C ARG B 40 -13.03 15.03 61.49
N ASP B 41 -14.34 15.28 61.51
CA ASP B 41 -14.86 16.52 60.96
C ASP B 41 -14.39 17.73 61.75
N MET B 42 -13.91 17.53 62.97
CA MET B 42 -13.34 18.59 63.80
C MET B 42 -11.87 18.40 64.06
N ILE B 43 -11.43 17.15 64.22
CA ILE B 43 -10.01 16.86 64.41
C ILE B 43 -9.21 17.29 63.20
N ASN B 44 -9.72 17.03 62.00
CA ASN B 44 -8.99 17.27 60.77
C ASN B 44 -9.52 18.46 59.98
N ARG B 45 -9.83 19.57 60.65
CA ARG B 45 -10.25 20.79 59.98
C ARG B 45 -9.25 21.90 60.27
N GLU B 46 -9.07 22.80 59.30
CA GLU B 46 -8.04 23.83 59.40
C GLU B 46 -8.59 25.07 60.09
N PHE B 47 -7.75 25.69 60.93
CA PHE B 47 -8.06 26.96 61.59
C PHE B 47 -6.97 27.96 61.28
N ALA B 48 -7.37 29.13 60.79
CA ALA B 48 -6.44 30.20 60.46
C ALA B 48 -6.69 31.40 61.35
N ARG B 58 -1.79 29.75 59.53
CA ARG B 58 -2.68 28.78 58.91
C ARG B 58 -2.47 27.38 59.51
N TYR B 59 -3.30 26.45 59.05
CA TYR B 59 -3.15 25.02 59.35
C TYR B 59 -3.18 24.73 60.85
N ASN B 60 -4.25 25.12 61.51
CA ASN B 60 -4.43 24.79 62.92
C ASN B 60 -5.70 23.98 63.11
N SER B 61 -5.66 23.09 64.10
CA SER B 61 -6.82 22.25 64.39
C SER B 61 -6.88 21.96 65.88
N PHE B 62 -8.09 21.67 66.36
CA PHE B 62 -8.33 21.36 67.76
C PHE B 62 -9.05 20.02 67.83
N ASN B 63 -8.91 19.35 68.98
CA ASN B 63 -9.52 18.04 69.15
C ASN B 63 -10.78 18.06 70.01
N SER B 64 -11.00 19.10 70.80
CA SER B 64 -12.14 19.13 71.70
C SER B 64 -12.50 20.59 71.98
N VAL B 65 -13.60 20.76 72.74
CA VAL B 65 -13.99 22.10 73.18
C VAL B 65 -12.92 22.69 74.09
N GLN B 66 -12.35 21.87 74.97
CA GLN B 66 -11.39 22.37 75.95
C GLN B 66 -10.12 22.88 75.27
N ASP B 67 -9.55 22.09 74.36
CA ASP B 67 -8.35 22.52 73.65
C ASP B 67 -8.66 23.68 72.71
N PHE B 68 -9.86 23.67 72.12
CA PHE B 68 -10.32 24.82 71.34
C PHE B 68 -10.24 26.10 72.16
N LYS B 69 -10.80 26.07 73.38
CA LYS B 69 -10.81 27.25 74.23
C LYS B 69 -9.40 27.63 74.65
N ALA B 70 -8.58 26.64 75.04
CA ALA B 70 -7.23 26.92 75.48
C ALA B 70 -6.41 27.59 74.38
N GLN B 71 -6.47 27.05 73.17
CA GLN B 71 -5.66 27.58 72.08
C GLN B 71 -6.16 28.95 71.63
N ILE B 72 -7.48 29.15 71.56
CA ILE B 72 -7.98 30.46 71.18
C ILE B 72 -7.60 31.51 72.22
N GLU B 73 -7.73 31.17 73.50
CA GLU B 73 -7.37 32.10 74.56
C GLU B 73 -5.87 32.43 74.54
N LYS B 74 -5.04 31.40 74.33
CA LYS B 74 -3.60 31.62 74.31
C LYS B 74 -3.17 32.46 73.12
N ALA B 75 -3.67 32.14 71.93
CA ALA B 75 -3.29 32.87 70.73
C ALA B 75 -3.83 34.29 70.72
N ASN B 76 -5.06 34.49 71.21
CA ASN B 76 -5.75 35.78 71.25
C ASN B 76 -5.78 36.43 69.86
N PRO B 77 -6.39 35.78 68.87
CA PRO B 77 -6.42 36.36 67.53
C PRO B 77 -7.55 37.37 67.38
N ASP B 78 -7.35 38.29 66.44
CA ASP B 78 -8.43 39.23 66.10
C ASP B 78 -9.63 38.49 65.53
N ARG B 79 -9.38 37.43 64.75
CA ARG B 79 -10.42 36.61 64.16
C ARG B 79 -9.78 35.32 63.66
N PHE B 80 -10.53 34.24 63.73
CA PHE B 80 -10.05 32.95 63.24
C PHE B 80 -11.01 32.43 62.18
N GLU B 81 -10.42 31.87 61.13
CA GLU B 81 -11.15 31.49 59.93
C GLU B 81 -11.31 29.97 59.87
N ILE B 82 -12.44 29.54 59.31
CA ILE B 82 -12.81 28.13 59.25
C ILE B 82 -12.24 27.52 57.98
N GLY B 83 -11.54 26.39 58.13
CA GLY B 83 -10.99 25.66 57.03
C GLY B 83 -11.83 24.46 56.65
N ALA B 84 -11.35 23.71 55.68
CA ALA B 84 -12.03 22.50 55.24
C ALA B 84 -11.70 21.33 56.17
N ILE B 85 -12.53 20.30 56.12
CA ILE B 85 -12.23 19.04 56.78
C ILE B 85 -11.25 18.27 55.89
N TYR B 86 -10.17 17.79 56.47
CA TYR B 86 -9.14 17.09 55.72
C TYR B 86 -9.11 15.62 56.12
N ASN B 87 -8.26 14.86 55.42
CA ASN B 87 -8.00 13.48 55.81
C ASN B 87 -7.05 13.38 56.98
N LYS B 88 -6.12 14.31 57.10
CA LYS B 88 -5.12 14.33 58.15
C LYS B 88 -5.33 15.57 59.01
N PRO B 89 -4.86 15.54 60.26
CA PRO B 89 -4.90 16.74 61.09
C PRO B 89 -4.04 17.83 60.47
N PRO B 90 -4.62 18.98 60.12
CA PRO B 90 -3.81 20.06 59.53
C PRO B 90 -2.69 20.53 60.45
N LEU B 101 -2.01 16.47 52.50
CA LEU B 101 -3.16 17.12 53.11
C LEU B 101 -4.19 17.39 52.03
N LYS B 102 -5.22 16.54 51.96
CA LYS B 102 -6.26 16.64 50.95
C LYS B 102 -7.57 17.02 51.61
N ALA B 103 -8.28 17.99 51.03
CA ALA B 103 -9.52 18.45 51.60
C ALA B 103 -10.64 17.47 51.32
N LEU B 104 -11.35 17.06 52.38
CA LEU B 104 -12.51 16.18 52.28
C LEU B 104 -13.82 16.94 52.18
N GLU B 105 -14.14 17.76 53.18
CA GLU B 105 -15.42 18.45 53.22
C GLU B 105 -15.23 19.87 53.73
N LYS B 106 -16.07 20.78 53.25
CA LYS B 106 -16.30 22.05 53.90
C LYS B 106 -17.63 22.59 53.42
N GLU B 107 -18.36 23.21 54.35
CA GLU B 107 -19.71 23.69 54.07
C GLU B 107 -19.68 24.71 52.94
N LEU B 108 -20.67 24.61 52.05
CA LEU B 108 -20.85 25.61 51.00
C LEU B 108 -21.03 26.98 51.65
N VAL B 109 -20.32 27.97 51.12
CA VAL B 109 -20.34 29.31 51.70
C VAL B 109 -20.63 30.34 50.63
N PHE B 110 -21.17 31.48 51.04
CA PHE B 110 -21.28 32.65 50.20
C PHE B 110 -20.97 33.89 51.04
N ASP B 111 -20.16 34.78 50.48
CA ASP B 111 -19.87 36.07 51.06
C ASP B 111 -20.36 37.15 50.11
N ILE B 112 -21.01 38.16 50.66
CA ILE B 112 -21.52 39.28 49.89
C ILE B 112 -21.06 40.56 50.57
N ASP B 113 -20.62 41.54 49.79
CA ASP B 113 -20.22 42.82 50.34
C ASP B 113 -20.88 43.94 49.54
N MET B 114 -21.14 45.06 50.24
CA MET B 114 -21.85 46.18 49.64
C MET B 114 -21.07 46.86 48.52
N ASP B 115 -19.76 46.59 48.42
CA ASP B 115 -18.92 47.32 47.48
C ASP B 115 -19.44 47.21 46.04
N ASP B 116 -19.92 46.02 45.66
CA ASP B 116 -20.45 45.82 44.33
C ASP B 116 -21.77 46.53 44.11
N TYR B 117 -22.37 47.08 45.16
CA TYR B 117 -23.60 47.86 45.08
C TYR B 117 -23.37 49.34 45.32
N ASP B 118 -22.11 49.79 45.26
CA ASP B 118 -21.79 51.15 45.70
C ASP B 118 -22.33 52.21 44.76
N ALA B 119 -22.38 51.94 43.46
CA ALA B 119 -22.80 52.97 42.52
C ALA B 119 -24.30 53.22 42.55
N PHE B 120 -25.03 52.69 43.53
CA PHE B 120 -26.48 52.76 43.52
C PHE B 120 -27.12 53.18 44.84
N ARG B 121 -26.41 53.89 45.72
CA ARG B 121 -27.03 54.32 46.97
C ARG B 121 -26.71 55.78 47.21
N THR B 122 -27.49 56.42 48.08
CA THR B 122 -27.18 57.76 48.58
C THR B 122 -27.25 57.87 50.10
N CYS B 123 -27.79 56.86 50.78
CA CYS B 123 -27.92 56.91 52.23
C CYS B 123 -26.57 56.91 52.94
N CYS B 124 -25.62 56.11 52.48
CA CYS B 124 -24.33 55.99 53.14
C CYS B 124 -23.22 56.20 52.12
N SER B 125 -22.06 56.62 52.61
CA SER B 125 -20.90 56.88 51.77
C SER B 125 -19.70 56.11 52.30
N GLY B 126 -18.85 55.68 51.38
CA GLY B 126 -17.66 54.94 51.77
C GLY B 126 -18.00 53.59 52.36
N ALA B 127 -17.69 53.43 53.65
CA ALA B 127 -17.92 52.18 54.36
C ALA B 127 -18.94 52.30 55.48
N GLN B 128 -19.85 53.26 55.39
CA GLN B 128 -20.92 53.38 56.38
C GLN B 128 -22.10 52.49 55.98
N VAL B 129 -22.91 52.11 56.97
CA VAL B 129 -24.03 51.22 56.74
C VAL B 129 -25.24 51.72 57.51
N CYS B 130 -26.43 51.36 57.01
CA CYS B 130 -27.69 51.68 57.66
C CYS B 130 -28.77 50.79 57.05
N SER B 131 -29.98 50.88 57.63
CA SER B 131 -31.08 50.02 57.19
C SER B 131 -31.52 50.35 55.77
N LYS B 132 -31.13 51.53 55.25
CA LYS B 132 -31.47 51.88 53.88
C LYS B 132 -30.62 51.10 52.89
N CYS B 133 -29.32 50.97 53.18
CA CYS B 133 -28.46 50.12 52.37
C CYS B 133 -28.49 48.67 52.83
N TRP B 134 -29.04 48.40 54.01
CA TRP B 134 -29.17 47.02 54.47
C TRP B 134 -30.22 46.27 53.65
N LYS B 135 -31.15 47.00 53.03
CA LYS B 135 -32.16 46.36 52.20
C LYS B 135 -31.53 45.62 51.03
N PHE B 136 -30.37 46.08 50.56
CA PHE B 136 -29.68 45.40 49.48
C PHE B 136 -29.29 43.99 49.89
N ILE B 137 -28.65 43.85 51.04
CA ILE B 137 -28.25 42.53 51.52
C ILE B 137 -29.48 41.70 51.87
N SER B 138 -30.53 42.35 52.39
CA SER B 138 -31.75 41.60 52.69
C SER B 138 -32.34 40.97 51.43
N LEU B 139 -32.45 41.76 50.36
CA LEU B 139 -32.97 41.25 49.10
C LEU B 139 -32.07 40.17 48.52
N ALA B 140 -30.75 40.38 48.58
CA ALA B 140 -29.82 39.39 48.05
C ALA B 140 -29.93 38.07 48.80
N MET B 141 -29.98 38.13 50.14
CA MET B 141 -30.12 36.92 50.93
C MET B 141 -31.45 36.24 50.65
N LYS B 142 -32.52 37.02 50.47
CA LYS B 142 -33.80 36.44 50.11
C LYS B 142 -33.70 35.66 48.79
N ILE B 143 -33.09 36.26 47.78
CA ILE B 143 -32.97 35.60 46.48
C ILE B 143 -32.14 34.33 46.59
N THR B 144 -30.98 34.42 47.27
CA THR B 144 -30.11 33.26 47.38
C THR B 144 -30.76 32.13 48.18
N ASN B 145 -31.45 32.47 49.27
CA ASN B 145 -32.15 31.45 50.04
C ASN B 145 -33.26 30.80 49.23
N THR B 146 -34.00 31.61 48.45
CA THR B 146 -35.03 31.05 47.58
C THR B 146 -34.40 30.03 46.62
N ALA B 147 -33.29 30.41 45.99
CA ALA B 147 -32.62 29.49 45.09
C ALA B 147 -32.19 28.21 45.82
N LEU B 148 -31.52 28.37 46.97
CA LEU B 148 -30.95 27.21 47.66
C LEU B 148 -32.02 26.28 48.17
N ARG B 149 -33.21 26.80 48.48
CA ARG B 149 -34.25 25.93 49.02
C ARG B 149 -35.14 25.34 47.93
N GLU B 150 -35.78 26.20 47.13
CA GLU B 150 -36.68 25.69 46.11
C GLU B 150 -35.92 25.03 44.96
N ASP B 151 -34.61 25.16 44.94
CA ASP B 151 -33.80 24.73 43.79
C ASP B 151 -32.81 23.63 44.12
N PHE B 152 -32.00 23.80 45.17
CA PHE B 152 -30.87 22.92 45.41
C PHE B 152 -31.13 21.84 46.46
N GLY B 153 -32.31 21.82 47.08
CA GLY B 153 -32.57 20.82 48.08
C GLY B 153 -31.87 21.05 49.39
N TYR B 154 -31.12 22.13 49.51
CA TYR B 154 -30.44 22.44 50.76
C TYR B 154 -31.43 22.96 51.78
N LYS B 155 -31.23 22.60 53.04
CA LYS B 155 -32.12 22.95 54.13
C LYS B 155 -31.45 23.64 55.30
N ASP B 156 -30.24 23.22 55.66
CA ASP B 156 -29.54 23.75 56.83
C ASP B 156 -28.56 24.83 56.39
N PHE B 157 -29.10 26.00 56.04
CA PHE B 157 -28.26 27.15 55.71
C PHE B 157 -28.68 28.35 56.54
N ILE B 158 -27.69 29.09 57.01
CA ILE B 158 -27.87 30.28 57.83
C ILE B 158 -26.96 31.37 57.31
N TRP B 159 -27.24 32.60 57.71
CA TRP B 159 -26.42 33.73 57.29
C TRP B 159 -25.68 34.33 58.48
N VAL B 160 -24.38 34.60 58.27
CA VAL B 160 -23.52 35.16 59.30
C VAL B 160 -23.11 36.57 58.87
N PHE B 161 -23.39 37.54 59.72
CA PHE B 161 -22.98 38.91 59.46
C PHE B 161 -21.47 39.00 59.39
N SER B 162 -20.94 39.81 58.46
CA SER B 162 -19.50 39.84 58.22
C SER B 162 -18.76 40.74 59.19
N GLY B 163 -19.46 41.45 60.07
CA GLY B 163 -18.82 42.35 61.00
C GLY B 163 -19.01 43.82 60.69
N ARG B 164 -18.87 44.23 59.43
CA ARG B 164 -19.05 45.63 59.09
C ARG B 164 -20.25 45.84 58.16
N ARG B 165 -20.26 45.17 57.00
CA ARG B 165 -21.31 45.46 56.02
C ARG B 165 -21.78 44.25 55.22
N GLY B 166 -21.35 43.03 55.56
CA GLY B 166 -21.64 41.88 54.72
C GLY B 166 -22.31 40.76 55.48
N ALA B 167 -22.78 39.78 54.71
CA ALA B 167 -23.43 38.59 55.25
C ALA B 167 -22.74 37.36 54.68
N HIS B 168 -22.48 36.37 55.54
CA HIS B 168 -21.83 35.14 55.15
C HIS B 168 -22.81 33.98 55.25
N CYS B 169 -22.92 33.21 54.18
CA CYS B 169 -23.80 32.03 54.14
C CYS B 169 -23.00 30.78 54.49
N TRP B 170 -23.61 29.90 55.28
CA TRP B 170 -23.03 28.61 55.62
C TRP B 170 -24.08 27.53 55.40
N VAL B 171 -23.90 26.73 54.35
CA VAL B 171 -24.81 25.64 54.02
C VAL B 171 -24.13 24.35 54.52
N SER B 172 -24.68 23.76 55.57
CA SER B 172 -24.04 22.64 56.24
C SER B 172 -24.68 21.30 55.96
N ASP B 173 -25.49 21.19 54.90
CA ASP B 173 -26.02 19.90 54.50
C ASP B 173 -24.91 19.01 53.97
N LYS B 174 -25.12 17.70 54.05
CA LYS B 174 -24.05 16.75 53.73
C LYS B 174 -23.59 16.89 52.28
N ARG B 175 -24.53 17.11 51.36
CA ARG B 175 -24.18 17.16 49.95
C ARG B 175 -23.25 18.34 49.65
N ALA B 176 -23.53 19.50 50.23
CA ALA B 176 -22.74 20.69 49.93
C ALA B 176 -21.37 20.63 50.60
N ARG B 177 -21.28 20.01 51.77
CA ARG B 177 -20.00 19.98 52.49
C ARG B 177 -18.93 19.25 51.69
N ALA B 178 -19.28 18.11 51.09
CA ALA B 178 -18.33 17.36 50.27
C ALA B 178 -18.39 17.76 48.80
N LEU B 179 -19.04 18.87 48.47
CA LEU B 179 -19.18 19.28 47.08
C LEU B 179 -17.82 19.54 46.46
N THR B 180 -17.61 18.99 45.26
CA THR B 180 -16.33 19.10 44.59
C THR B 180 -16.10 20.51 44.07
N ASP B 181 -14.85 20.79 43.69
CA ASP B 181 -14.50 22.11 43.16
C ASP B 181 -15.29 22.43 41.91
N VAL B 182 -15.41 21.48 40.98
CA VAL B 182 -16.12 21.72 39.74
C VAL B 182 -17.59 22.03 40.01
N GLN B 183 -18.19 21.25 40.91
CA GLN B 183 -19.61 21.45 41.20
C GLN B 183 -19.84 22.69 42.05
N ARG B 184 -18.85 23.07 42.88
CA ARG B 184 -18.91 24.37 43.55
C ARG B 184 -18.87 25.50 42.54
N ARG B 185 -18.02 25.37 41.51
CA ARG B 185 -18.02 26.35 40.43
C ARG B 185 -19.37 26.37 39.73
N ASN B 186 -19.98 25.20 39.54
CA ASN B 186 -21.30 25.14 38.91
C ASN B 186 -22.35 25.87 39.73
N VAL B 187 -22.40 25.62 41.04
CA VAL B 187 -23.41 26.26 41.88
C VAL B 187 -23.19 27.78 41.93
N LEU B 188 -21.94 28.21 42.06
CA LEU B 188 -21.66 29.65 42.03
C LEU B 188 -22.11 30.25 40.71
N ASP B 189 -21.70 29.66 39.59
CA ASP B 189 -22.03 30.21 38.28
C ASP B 189 -23.53 30.17 38.01
N TYR B 190 -24.25 29.28 38.70
CA TYR B 190 -25.70 29.35 38.69
C TYR B 190 -26.21 30.54 39.48
N VAL B 191 -25.58 30.84 40.63
CA VAL B 191 -26.12 31.88 41.49
C VAL B 191 -25.77 33.28 40.99
N ASN B 192 -24.54 33.50 40.51
CA ASN B 192 -24.10 34.86 40.17
C ASN B 192 -24.37 35.15 38.69
N VAL B 193 -25.55 35.70 38.44
CA VAL B 193 -25.88 36.16 37.10
C VAL B 193 -25.04 37.40 36.74
N ILE B 194 -24.83 38.29 37.72
CA ILE B 194 -24.04 39.50 37.47
C ILE B 194 -22.58 39.05 37.48
N ARG B 195 -22.04 38.86 36.28
CA ARG B 195 -20.63 38.50 36.12
C ARG B 195 -19.81 39.72 35.73
N ASP B 196 -20.45 40.75 35.19
CA ASP B 196 -19.78 41.98 34.81
C ASP B 196 -20.17 43.06 35.82
N ARG B 197 -19.24 43.43 36.69
CA ARG B 197 -19.52 44.39 37.76
C ARG B 197 -19.32 45.84 37.31
N ASN B 198 -19.21 46.09 36.01
CA ASN B 198 -19.11 47.45 35.51
C ASN B 198 -20.52 48.02 35.29
N THR B 199 -20.80 49.17 35.89
CA THR B 199 -22.13 49.76 35.86
C THR B 199 -22.37 50.62 34.62
N ASP B 200 -21.39 50.75 33.73
CA ASP B 200 -21.50 51.59 32.56
C ASP B 200 -21.79 50.82 31.28
N LYS B 201 -22.40 49.63 31.37
CA LYS B 201 -22.61 48.78 30.20
C LYS B 201 -23.96 48.11 30.27
N ARG B 202 -24.58 47.90 29.11
CA ARG B 202 -25.79 47.09 29.04
C ARG B 202 -25.46 45.61 29.22
N LEU B 203 -26.17 44.96 30.13
CA LEU B 203 -25.87 43.56 30.45
C LEU B 203 -26.13 42.65 29.26
N ALA B 204 -27.22 42.88 28.53
CA ALA B 204 -27.62 42.04 27.40
C ALA B 204 -27.76 40.58 27.82
N LEU B 205 -28.72 40.35 28.72
CA LEU B 205 -28.91 39.02 29.28
C LEU B 205 -29.62 38.10 28.30
N LYS B 206 -29.44 36.79 28.50
CA LYS B 206 -30.03 35.80 27.63
C LYS B 206 -31.56 35.84 27.75
N ARG B 207 -32.24 35.75 26.60
CA ARG B 207 -33.68 35.91 26.59
C ARG B 207 -34.37 34.74 25.89
N PRO B 208 -35.53 34.29 26.40
CA PRO B 208 -36.21 34.74 27.63
C PRO B 208 -35.55 34.19 28.89
N TYR B 209 -35.92 34.71 30.07
CA TYR B 209 -35.23 34.33 31.31
C TYR B 209 -35.29 32.84 31.60
N HIS B 210 -34.18 32.34 32.13
CA HIS B 210 -34.16 31.08 32.83
C HIS B 210 -35.12 31.17 34.02
N PRO B 211 -35.82 30.08 34.36
CA PRO B 211 -36.89 30.20 35.38
C PRO B 211 -36.44 30.82 36.70
N HIS B 212 -35.21 30.56 37.14
CA HIS B 212 -34.73 31.23 38.35
C HIS B 212 -34.64 32.73 38.13
N LEU B 213 -34.22 33.16 36.94
CA LEU B 213 -34.18 34.59 36.65
C LEU B 213 -35.57 35.21 36.72
N ALA B 214 -36.57 34.53 36.16
CA ALA B 214 -37.93 35.03 36.22
C ALA B 214 -38.42 35.11 37.65
N ARG B 215 -38.10 34.09 38.45
CA ARG B 215 -38.49 34.10 39.87
C ARG B 215 -37.82 35.25 40.60
N SER B 216 -36.53 35.47 40.37
CA SER B 216 -35.81 36.54 41.05
C SER B 216 -36.36 37.90 40.68
N LEU B 217 -36.69 38.10 39.40
CA LEU B 217 -37.26 39.38 38.98
C LEU B 217 -38.66 39.59 39.54
N GLU B 218 -39.51 38.57 39.48
CA GLU B 218 -40.84 38.73 40.04
C GLU B 218 -40.79 38.87 41.56
N GLN B 219 -39.66 38.53 42.17
CA GLN B 219 -39.44 38.83 43.57
C GLN B 219 -38.99 40.27 43.78
N LEU B 220 -38.00 40.72 43.02
CA LEU B 220 -37.32 41.98 43.29
C LEU B 220 -38.00 43.21 42.69
N LYS B 221 -38.79 43.03 41.63
CA LYS B 221 -39.40 44.16 40.92
C LYS B 221 -40.22 45.08 41.83
N PRO B 222 -41.16 44.59 42.65
CA PRO B 222 -41.93 45.52 43.49
C PRO B 222 -41.09 46.33 44.46
N PHE B 223 -40.00 45.75 44.97
CA PHE B 223 -39.11 46.46 45.88
C PHE B 223 -38.28 47.51 45.18
N PHE B 224 -38.01 47.32 43.88
CA PHE B 224 -37.09 48.20 43.15
C PHE B 224 -37.56 49.64 43.19
N VAL B 225 -38.84 49.86 42.90
CA VAL B 225 -39.38 51.23 42.96
C VAL B 225 -39.08 51.83 44.32
N SER B 226 -39.68 51.24 45.36
CA SER B 226 -39.66 51.84 46.69
C SER B 226 -38.24 52.09 47.19
N ILE B 227 -37.28 51.23 46.83
CA ILE B 227 -35.92 51.47 47.30
C ILE B 227 -35.20 52.45 46.37
N MET B 228 -34.94 52.04 45.12
CA MET B 228 -33.99 52.76 44.29
C MET B 228 -34.58 54.07 43.76
N LEU B 229 -35.85 54.07 43.38
CA LEU B 229 -36.42 55.27 42.81
C LEU B 229 -36.66 56.37 43.85
N GLU B 230 -36.92 56.00 45.11
CA GLU B 230 -37.31 56.96 46.12
C GLU B 230 -36.31 57.09 47.26
N GLU B 231 -36.02 55.99 47.98
CA GLU B 231 -35.27 56.11 49.22
C GLU B 231 -33.80 56.42 48.96
N GLN B 232 -33.20 55.75 47.99
CA GLN B 232 -31.84 56.08 47.59
C GLN B 232 -31.80 57.21 46.59
N ASN B 233 -32.58 57.10 45.51
CA ASN B 233 -32.70 58.12 44.47
C ASN B 233 -31.33 58.50 43.91
N PRO B 234 -30.58 57.55 43.33
CA PRO B 234 -29.25 57.88 42.83
C PRO B 234 -29.26 58.58 41.48
N TRP B 235 -30.36 58.49 40.73
CA TRP B 235 -30.43 59.07 39.40
C TRP B 235 -30.97 60.50 39.39
N GLU B 236 -31.21 61.08 40.57
CA GLU B 236 -31.59 62.49 40.60
C GLU B 236 -30.43 63.38 40.17
N ASP B 237 -29.21 63.00 40.54
CA ASP B 237 -28.02 63.71 40.06
C ASP B 237 -27.83 63.42 38.58
N ASP B 238 -27.66 64.48 37.78
CA ASP B 238 -27.58 64.32 36.33
C ASP B 238 -26.32 63.60 35.90
N GLN B 239 -25.19 63.82 36.59
CA GLN B 239 -23.96 63.13 36.23
C GLN B 239 -24.03 61.66 36.58
N HIS B 240 -24.51 61.33 37.79
CA HIS B 240 -24.75 59.93 38.12
C HIS B 240 -25.77 59.32 37.17
N ALA B 241 -26.73 60.13 36.72
CA ALA B 241 -27.71 59.65 35.76
C ALA B 241 -27.05 59.23 34.45
N ILE B 242 -26.22 60.12 33.86
CA ILE B 242 -25.59 59.78 32.59
C ILE B 242 -24.59 58.64 32.77
N GLN B 243 -24.02 58.51 33.98
CA GLN B 243 -23.06 57.44 34.21
C GLN B 243 -23.73 56.09 34.38
N THR B 244 -24.96 56.04 34.93
CA THR B 244 -25.58 54.77 35.28
C THR B 244 -26.85 54.42 34.52
N LEU B 245 -27.80 55.34 34.39
CA LEU B 245 -29.11 55.01 33.83
C LEU B 245 -29.12 55.06 32.30
N LEU B 246 -28.24 55.85 31.71
CA LEU B 246 -28.16 55.90 30.25
C LEU B 246 -27.43 54.72 29.62
N PRO B 247 -26.27 54.28 30.12
CA PRO B 247 -25.58 53.14 29.46
C PRO B 247 -26.39 51.85 29.48
N ALA B 248 -27.36 51.71 30.38
CA ALA B 248 -28.18 50.51 30.42
C ALA B 248 -29.18 50.41 29.27
N LEU B 249 -29.33 51.47 28.49
CA LEU B 249 -30.27 51.46 27.38
C LEU B 249 -29.57 51.08 26.08
N TYR B 250 -30.35 50.58 25.12
CA TYR B 250 -29.83 50.11 23.86
C TYR B 250 -29.70 51.21 22.80
N ASP B 251 -30.67 52.11 22.71
CA ASP B 251 -30.80 53.03 21.58
C ASP B 251 -30.00 54.30 21.84
N LYS B 252 -29.10 54.63 20.91
CA LYS B 252 -28.31 55.85 21.03
C LYS B 252 -29.17 57.09 20.84
N GLN B 253 -30.12 57.05 19.90
CA GLN B 253 -30.99 58.19 19.68
C GLN B 253 -31.84 58.49 20.91
N LEU B 254 -32.42 57.46 21.53
CA LEU B 254 -33.20 57.67 22.73
C LEU B 254 -32.31 58.12 23.89
N ILE B 255 -31.09 57.58 23.97
CA ILE B 255 -30.14 58.03 24.99
C ILE B 255 -29.89 59.52 24.85
N ASP B 256 -29.62 59.98 23.63
CA ASP B 256 -29.31 61.39 23.42
C ASP B 256 -30.53 62.27 23.67
N SER B 257 -31.71 61.80 23.26
CA SER B 257 -32.93 62.58 23.52
C SER B 257 -33.18 62.73 25.01
N LEU B 258 -33.03 61.65 25.78
CA LEU B 258 -33.19 61.74 27.22
C LEU B 258 -32.11 62.64 27.84
N LYS B 259 -30.89 62.56 27.32
CA LYS B 259 -29.80 63.40 27.81
C LYS B 259 -30.14 64.88 27.63
N LYS B 260 -30.58 65.26 26.43
CA LYS B 260 -30.93 66.66 26.19
C LYS B 260 -32.15 67.06 27.00
N TYR B 261 -33.11 66.14 27.15
CA TYR B 261 -34.31 66.44 27.93
C TYR B 261 -33.96 66.73 29.38
N SER B 270 -35.68 60.01 40.38
CA SER B 270 -35.47 58.71 39.74
C SER B 270 -36.77 58.19 39.13
N LYS B 271 -37.90 58.37 39.83
CA LYS B 271 -39.19 57.99 39.26
C LYS B 271 -39.52 58.82 38.02
N GLU B 272 -39.26 60.13 38.08
CA GLU B 272 -39.53 60.98 36.93
C GLU B 272 -38.72 60.54 35.72
N LYS B 273 -37.41 60.35 35.90
CA LYS B 273 -36.57 59.92 34.80
C LYS B 273 -36.96 58.53 34.30
N TRP B 274 -37.34 57.66 35.22
CA TRP B 274 -37.79 56.31 34.87
C TRP B 274 -39.00 56.37 33.94
N ASN B 275 -39.96 57.24 34.26
CA ASN B 275 -41.13 57.40 33.39
C ASN B 275 -40.77 58.10 32.08
N ASP B 276 -39.85 59.07 32.14
CA ASP B 276 -39.46 59.80 30.94
C ASP B 276 -38.80 58.88 29.93
N ILE B 277 -38.09 57.87 30.40
CA ILE B 277 -37.48 56.91 29.48
C ILE B 277 -38.55 56.28 28.60
N ASP B 278 -39.61 55.77 29.22
CA ASP B 278 -40.72 55.18 28.46
C ASP B 278 -41.42 56.21 27.58
N GLN B 279 -41.62 57.42 28.11
CA GLN B 279 -42.32 58.45 27.35
C GLN B 279 -41.57 58.79 26.06
N ILE B 280 -40.27 59.08 26.18
CA ILE B 280 -39.49 59.46 25.00
C ILE B 280 -39.26 58.26 24.10
N ALA B 281 -39.27 57.04 24.67
CA ALA B 281 -39.20 55.84 23.84
C ALA B 281 -40.43 55.73 22.94
N THR B 282 -41.62 55.86 23.52
CA THR B 282 -42.83 55.85 22.71
C THR B 282 -42.88 57.02 21.75
N SER B 283 -42.26 58.14 22.12
CA SER B 283 -42.24 59.31 21.23
C SER B 283 -41.32 59.11 20.03
N LEU B 284 -40.19 58.43 20.22
CA LEU B 284 -39.17 58.38 19.17
C LEU B 284 -39.36 57.19 18.24
N PHE B 285 -40.03 56.14 18.71
CA PHE B 285 -40.20 54.91 17.93
C PHE B 285 -41.63 54.83 17.43
N LYS B 286 -41.84 55.17 16.15
CA LYS B 286 -43.14 55.08 15.53
C LYS B 286 -43.12 54.07 14.38
N GLY B 287 -44.29 53.48 14.11
CA GLY B 287 -44.44 52.54 13.02
C GLY B 287 -44.69 51.12 13.48
N PRO B 288 -44.68 50.18 12.53
CA PRO B 288 -44.88 48.77 12.88
C PRO B 288 -43.80 48.19 13.77
N LYS B 289 -42.63 48.84 13.85
CA LYS B 289 -41.53 48.35 14.63
C LYS B 289 -41.53 48.85 16.08
N GLN B 290 -42.65 49.39 16.56
CA GLN B 290 -42.73 49.79 17.96
C GLN B 290 -42.60 48.58 18.88
N ASP B 291 -43.13 47.44 18.47
CA ASP B 291 -43.31 46.32 19.40
C ASP B 291 -41.97 45.76 19.87
N SER B 292 -41.04 45.55 18.94
CA SER B 292 -39.73 45.04 19.31
C SER B 292 -38.99 46.01 20.22
N HIS B 293 -39.06 47.30 19.91
CA HIS B 293 -38.39 48.30 20.72
C HIS B 293 -38.98 48.36 22.13
N ILE B 294 -40.30 48.29 22.24
CA ILE B 294 -40.93 48.31 23.56
C ILE B 294 -40.53 47.08 24.36
N ILE B 295 -40.54 45.91 23.72
CA ILE B 295 -40.16 44.68 24.39
C ILE B 295 -38.73 44.74 24.88
N LYS B 296 -37.82 45.24 24.02
CA LYS B 296 -36.42 45.30 24.41
C LYS B 296 -36.18 46.38 25.47
N LEU B 297 -36.99 47.43 25.48
CA LEU B 297 -36.91 48.39 26.57
C LEU B 297 -37.35 47.76 27.89
N ARG B 298 -38.43 46.98 27.85
CA ARG B 298 -38.82 46.20 29.02
C ARG B 298 -37.66 45.33 29.50
N GLU B 299 -37.01 44.64 28.57
CA GLU B 299 -35.93 43.73 28.94
C GLU B 299 -34.72 44.47 29.48
N CYS B 300 -34.38 45.62 28.90
CA CYS B 300 -33.28 46.42 29.41
C CYS B 300 -33.58 46.94 30.80
N LYS B 301 -34.81 47.40 31.04
CA LYS B 301 -35.19 47.85 32.38
C LYS B 301 -35.11 46.71 33.38
N GLU B 302 -35.54 45.52 32.97
CA GLU B 302 -35.42 44.35 33.85
C GLU B 302 -33.96 44.03 34.14
N ASP B 303 -33.10 44.13 33.12
CA ASP B 303 -31.67 43.91 33.32
C ASP B 303 -31.08 44.90 34.30
N LEU B 304 -31.49 46.17 34.21
CA LEU B 304 -30.97 47.17 35.13
C LEU B 304 -31.50 46.96 36.55
N VAL B 305 -32.77 46.58 36.69
CA VAL B 305 -33.30 46.26 38.01
C VAL B 305 -32.51 45.11 38.62
N LEU B 306 -32.21 44.08 37.82
CA LEU B 306 -31.35 43.01 38.30
C LEU B 306 -29.98 43.55 38.70
N MET B 307 -29.32 44.29 37.81
CA MET B 307 -27.99 44.82 38.09
C MET B 307 -27.97 45.59 39.40
N THR B 308 -29.05 46.30 39.71
CA THR B 308 -29.09 47.06 40.95
C THR B 308 -29.38 46.19 42.18
N LEU B 309 -30.35 45.27 42.09
CA LEU B 309 -30.78 44.55 43.28
C LEU B 309 -30.46 43.05 43.27
N TYR B 310 -29.68 42.56 42.31
CA TYR B 310 -29.43 41.12 42.27
C TYR B 310 -28.25 40.77 43.17
N PRO B 311 -28.21 39.55 43.71
CA PRO B 311 -27.04 39.09 44.46
C PRO B 311 -25.74 39.28 43.70
N LYS B 312 -24.83 40.04 44.28
CA LYS B 312 -23.47 40.17 43.79
C LYS B 312 -22.55 39.57 44.85
N LEU B 313 -22.35 38.26 44.75
CA LEU B 313 -21.65 37.52 45.80
C LEU B 313 -20.16 37.83 45.77
N ASP B 314 -19.42 37.12 46.61
CA ASP B 314 -17.97 37.01 46.44
C ASP B 314 -17.68 35.75 45.65
N VAL B 315 -16.85 35.87 44.61
CA VAL B 315 -16.67 34.75 43.68
C VAL B 315 -15.50 33.86 44.07
N GLU B 316 -14.69 34.24 45.06
CA GLU B 316 -13.50 33.46 45.36
C GLU B 316 -13.65 32.68 46.66
N VAL B 317 -14.44 33.18 47.61
CA VAL B 317 -14.71 32.42 48.83
C VAL B 317 -15.49 31.15 48.50
N THR B 318 -16.15 31.13 47.33
CA THR B 318 -17.06 30.05 46.99
C THR B 318 -16.37 28.90 46.26
N LYS B 319 -15.38 29.21 45.41
CA LYS B 319 -14.92 28.25 44.42
C LYS B 319 -14.33 26.99 45.05
N GLN B 320 -13.21 27.13 45.78
CA GLN B 320 -12.46 25.99 46.24
C GLN B 320 -12.84 25.65 47.68
N THR B 321 -13.00 24.36 47.95
CA THR B 321 -13.40 23.90 49.28
C THR B 321 -12.35 24.27 50.32
N ILE B 322 -11.08 24.36 49.93
CA ILE B 322 -9.99 24.67 50.84
C ILE B 322 -10.11 26.07 51.44
N HIS B 323 -10.78 26.99 50.75
CA HIS B 323 -10.71 28.41 51.10
C HIS B 323 -11.20 28.69 52.51
N LEU B 324 -10.85 29.88 53.00
CA LEU B 324 -11.08 30.24 54.40
C LEU B 324 -12.13 31.35 54.49
N LEU B 325 -12.80 31.41 55.63
CA LEU B 325 -13.76 32.47 55.91
C LEU B 325 -13.84 32.69 57.41
N LYS B 326 -14.07 33.95 57.80
CA LYS B 326 -14.15 34.30 59.20
C LYS B 326 -15.24 33.50 59.91
N ALA B 327 -14.88 32.90 61.04
CA ALA B 327 -15.81 32.08 61.77
C ALA B 327 -16.93 32.94 62.35
N PRO B 328 -18.12 32.39 62.57
CA PRO B 328 -19.18 33.16 63.22
C PRO B 328 -18.78 33.55 64.63
N PHE B 329 -19.36 34.65 65.09
CA PHE B 329 -19.15 35.22 66.43
C PHE B 329 -17.74 35.79 66.59
N CYS B 330 -16.97 35.89 65.51
CA CYS B 330 -15.70 36.59 65.56
C CYS B 330 -15.93 38.09 65.68
N ILE B 331 -14.92 38.80 66.14
CA ILE B 331 -15.01 40.24 66.36
C ILE B 331 -14.28 40.98 65.26
N HIS B 332 -14.93 42.00 64.70
CA HIS B 332 -14.29 42.84 63.70
C HIS B 332 -13.33 43.80 64.37
N PRO B 333 -12.03 43.75 64.05
CA PRO B 333 -11.06 44.59 64.78
C PRO B 333 -11.26 46.08 64.57
N ALA B 334 -11.89 46.50 63.47
CA ALA B 334 -12.01 47.91 63.16
C ALA B 334 -13.28 48.55 63.71
N THR B 335 -14.35 47.76 63.93
CA THR B 335 -15.60 48.29 64.43
C THR B 335 -15.99 47.76 65.81
N GLY B 336 -15.60 46.53 66.15
CA GLY B 336 -15.97 45.97 67.43
C GLY B 336 -17.32 45.31 67.50
N ASN B 337 -17.99 45.10 66.37
CA ASN B 337 -19.29 44.44 66.38
C ASN B 337 -19.11 42.93 66.51
N VAL B 338 -20.21 42.25 66.78
CA VAL B 338 -20.22 40.79 66.81
C VAL B 338 -20.82 40.27 65.51
N CYS B 339 -20.12 39.34 64.86
CA CYS B 339 -20.56 38.76 63.59
C CYS B 339 -21.71 37.80 63.85
N VAL B 340 -22.82 38.39 64.31
CA VAL B 340 -23.99 37.63 64.80
C VAL B 340 -24.72 36.97 63.64
N PRO B 341 -25.37 35.83 63.85
CA PRO B 341 -26.21 35.25 62.80
C PRO B 341 -27.33 36.20 62.43
N ILE B 342 -27.64 36.23 61.14
CA ILE B 342 -28.61 37.18 60.59
C ILE B 342 -29.94 36.47 60.41
N ASP B 343 -30.99 37.09 60.93
CA ASP B 343 -32.37 36.68 60.67
C ASP B 343 -33.02 37.74 59.78
N GLU B 344 -34.31 37.56 59.52
CA GLU B 344 -34.99 38.38 58.53
C GLU B 344 -35.02 39.85 58.89
N SER B 345 -35.24 40.19 60.16
CA SER B 345 -35.39 41.57 60.59
C SER B 345 -34.08 42.21 61.04
N PHE B 346 -32.95 41.49 60.96
CA PHE B 346 -31.71 42.01 61.48
C PHE B 346 -31.23 43.22 60.69
N ALA B 347 -30.64 44.17 61.42
CA ALA B 347 -30.09 45.40 60.87
C ALA B 347 -28.70 45.60 61.46
N PRO B 348 -27.82 46.34 60.77
CA PRO B 348 -26.45 46.51 61.31
C PRO B 348 -26.42 47.11 62.70
N GLU B 349 -27.33 48.03 63.02
CA GLU B 349 -27.35 48.63 64.35
C GLU B 349 -27.74 47.61 65.42
N LYS B 350 -28.38 46.51 65.04
CA LYS B 350 -28.79 45.50 66.00
C LYS B 350 -27.63 44.66 66.52
N ALA B 351 -26.56 44.53 65.74
CA ALA B 351 -25.42 43.70 66.14
C ALA B 351 -24.78 44.28 67.40
N PRO B 352 -24.64 43.49 68.47
CA PRO B 352 -24.06 44.03 69.70
C PRO B 352 -22.59 44.35 69.53
N LYS B 353 -22.11 45.32 70.31
CA LYS B 353 -20.71 45.69 70.31
C LYS B 353 -20.02 45.12 71.53
N LEU B 354 -18.75 44.74 71.34
CA LEU B 354 -18.00 44.09 72.42
C LEU B 354 -17.89 44.99 73.63
N VAL B 367 -23.27 35.82 80.50
CA VAL B 367 -23.47 36.13 79.09
C VAL B 367 -24.92 35.90 78.69
N SER B 368 -25.62 35.02 79.41
CA SER B 368 -27.01 34.71 79.08
C SER B 368 -27.94 35.90 79.23
N LEU B 369 -27.51 36.95 79.94
CA LEU B 369 -28.30 38.17 80.09
C LEU B 369 -27.74 39.33 79.28
N THR B 370 -26.73 39.07 78.46
CA THR B 370 -26.22 40.06 77.52
C THR B 370 -26.98 39.97 76.20
N ALA B 371 -26.80 40.99 75.35
CA ALA B 371 -27.47 41.00 74.05
C ALA B 371 -26.96 39.89 73.13
N LEU B 372 -25.85 39.24 73.47
CA LEU B 372 -25.34 38.14 72.67
C LEU B 372 -26.23 36.91 72.77
N GLN B 373 -26.97 36.76 73.86
CA GLN B 373 -27.71 35.53 74.11
C GLN B 373 -28.75 35.17 73.05
N PRO B 374 -29.59 36.08 72.54
CA PRO B 374 -30.55 35.66 71.51
C PRO B 374 -29.89 35.04 70.30
N PHE B 375 -28.76 35.60 69.85
CA PHE B 375 -28.04 35.01 68.75
C PHE B 375 -27.47 33.65 69.13
N ILE B 376 -27.05 33.49 70.38
CA ILE B 376 -26.57 32.20 70.86
C ILE B 376 -27.67 31.16 70.78
N ASN B 377 -28.89 31.52 71.17
CA ASN B 377 -29.99 30.56 71.12
C ASN B 377 -30.41 30.27 69.68
N GLN B 378 -30.35 31.28 68.82
CA GLN B 378 -30.58 31.05 67.38
C GLN B 378 -29.61 30.02 66.84
N PHE B 379 -28.33 30.18 67.17
CA PHE B 379 -27.32 29.22 66.74
C PHE B 379 -27.55 27.85 67.36
N GLN B 380 -28.00 27.82 68.62
CA GLN B 380 -28.32 26.56 69.29
C GLN B 380 -29.40 25.81 68.52
N ALA B 381 -30.49 26.49 68.17
CA ALA B 381 -31.56 25.85 67.42
C ALA B 381 -31.07 25.36 66.07
N TYR B 382 -30.29 26.19 65.37
CA TYR B 382 -29.77 25.77 64.07
C TYR B 382 -28.90 24.53 64.19
N VAL B 383 -28.01 24.50 65.19
CA VAL B 383 -27.09 23.38 65.33
C VAL B 383 -27.84 22.11 65.71
N SER B 384 -28.87 22.24 66.56
CA SER B 384 -29.68 21.07 66.88
C SER B 384 -30.38 20.51 65.64
N SER B 385 -30.93 21.41 64.81
CA SER B 385 -31.56 20.96 63.57
C SER B 385 -30.54 20.32 62.64
N LEU B 386 -29.32 20.87 62.60
CA LEU B 386 -28.28 20.31 61.74
C LEU B 386 -27.89 18.92 62.21
N LEU B 387 -27.77 18.72 63.52
CA LEU B 387 -27.41 17.40 64.03
C LEU B 387 -28.52 16.39 63.80
N LYS B 388 -29.79 16.78 63.98
CA LYS B 388 -30.86 15.84 63.70
C LYS B 388 -30.92 15.50 62.20
N ASN B 389 -30.65 16.48 61.35
CA ASN B 389 -30.61 16.19 59.91
C ASN B 389 -29.41 15.31 59.56
N GLU B 390 -28.30 15.48 60.26
CA GLU B 390 -27.15 14.59 60.04
C GLU B 390 -27.49 13.16 60.43
N LEU B 391 -28.18 12.98 61.56
CA LEU B 391 -28.65 11.66 61.93
C LEU B 391 -29.63 11.10 60.90
N GLY B 392 -30.49 11.95 60.35
CA GLY B 392 -31.40 11.50 59.30
C GLY B 392 -30.67 11.07 58.05
N SER B 393 -29.64 11.81 57.64
CA SER B 393 -28.86 11.42 56.46
C SER B 393 -28.10 10.12 56.72
N SER C 42 -23.20 -21.19 20.62
CA SER C 42 -24.63 -20.95 20.49
C SER C 42 -25.11 -21.24 19.08
N SER C 43 -26.25 -21.92 18.98
CA SER C 43 -26.87 -22.16 17.68
C SER C 43 -27.32 -20.83 17.08
N SER C 44 -27.43 -20.79 15.75
CA SER C 44 -27.74 -19.55 15.06
C SER C 44 -29.06 -18.95 15.52
N GLU C 45 -29.99 -19.77 16.01
CA GLU C 45 -31.23 -19.24 16.54
C GLU C 45 -31.01 -18.51 17.86
N GLU C 46 -30.18 -19.07 18.75
CA GLU C 46 -29.92 -18.41 20.02
C GLU C 46 -29.22 -17.07 19.80
N GLU C 47 -28.24 -17.04 18.89
CA GLU C 47 -27.55 -15.79 18.59
C GLU C 47 -28.47 -14.80 17.88
N LYS C 48 -29.35 -15.31 17.01
CA LYS C 48 -30.37 -14.48 16.38
C LYS C 48 -31.23 -13.79 17.42
N LYS C 49 -31.77 -14.55 18.37
CA LYS C 49 -32.59 -13.98 19.42
C LYS C 49 -31.79 -13.03 20.31
N LEU C 50 -30.53 -13.38 20.60
CA LEU C 50 -29.70 -12.53 21.43
C LEU C 50 -29.49 -11.17 20.79
N TYR C 51 -29.20 -11.14 19.49
CA TYR C 51 -28.98 -9.85 18.83
C TYR C 51 -30.29 -9.14 18.55
N ALA C 52 -31.41 -9.87 18.45
CA ALA C 52 -32.70 -9.21 18.41
C ALA C 52 -32.97 -8.48 19.71
N ARG C 53 -32.70 -9.12 20.84
CA ARG C 53 -32.90 -8.49 22.14
C ARG C 53 -31.92 -7.34 22.37
N LEU C 54 -30.64 -7.55 22.03
CA LEU C 54 -29.63 -6.55 22.31
C LEU C 54 -29.66 -5.39 21.33
N TYR C 55 -30.14 -5.63 20.11
CA TYR C 55 -30.30 -4.58 19.11
C TYR C 55 -31.77 -4.40 18.76
N GLU C 56 -32.64 -4.53 19.77
CA GLU C 56 -34.01 -4.09 19.61
C GLU C 56 -34.08 -2.64 19.16
N SER C 57 -33.31 -1.78 19.82
CA SER C 57 -33.04 -0.44 19.32
C SER C 57 -31.79 -0.48 18.44
N LYS C 58 -31.77 0.38 17.44
CA LYS C 58 -30.61 0.49 16.56
C LYS C 58 -29.35 0.92 17.31
N LEU C 59 -29.48 1.33 18.57
CA LEU C 59 -28.37 1.86 19.34
C LEU C 59 -28.34 1.22 20.71
N SER C 60 -27.13 0.97 21.21
CA SER C 60 -26.92 0.41 22.54
C SER C 60 -25.58 0.88 23.07
N PHE C 61 -25.47 0.94 24.40
CA PHE C 61 -24.20 1.30 25.02
C PHE C 61 -23.16 0.20 24.97
N TYR C 62 -23.46 -0.94 24.33
CA TYR C 62 -22.49 -2.02 24.16
C TYR C 62 -22.00 -2.54 25.51
N ASP C 63 -22.91 -3.14 26.26
CA ASP C 63 -22.68 -3.39 27.68
C ASP C 63 -21.99 -4.73 27.93
N LEU C 64 -22.43 -5.80 27.26
CA LEU C 64 -22.03 -7.17 27.57
C LEU C 64 -20.99 -7.68 26.58
N PRO C 65 -20.25 -8.74 26.92
CA PRO C 65 -19.33 -9.34 25.95
C PRO C 65 -20.10 -10.07 24.86
N PRO C 66 -19.47 -10.32 23.71
CA PRO C 66 -20.20 -10.93 22.60
C PRO C 66 -20.46 -12.42 22.84
N GLN C 67 -21.23 -13.01 21.94
CA GLN C 67 -21.54 -14.43 21.99
C GLN C 67 -21.52 -15.02 20.58
N GLY C 68 -20.44 -15.69 20.23
CA GLY C 68 -20.33 -16.38 18.95
C GLY C 68 -18.88 -16.59 18.54
N GLU C 69 -18.73 -16.93 17.26
CA GLU C 69 -17.43 -17.14 16.62
C GLU C 69 -17.39 -16.40 15.30
N ILE C 70 -16.23 -15.87 14.95
CA ILE C 70 -16.05 -15.15 13.69
C ILE C 70 -14.76 -15.59 13.00
N THR C 71 -14.86 -15.82 11.69
CA THR C 71 -13.69 -16.07 10.87
C THR C 71 -12.86 -14.81 10.73
N LEU C 72 -11.54 -14.99 10.75
CA LEU C 72 -10.62 -13.86 10.93
C LEU C 72 -10.75 -12.82 9.83
N GLU C 73 -11.22 -13.22 8.65
CA GLU C 73 -11.31 -12.27 7.54
C GLU C 73 -12.34 -11.18 7.82
N GLN C 74 -13.51 -11.57 8.31
CA GLN C 74 -14.51 -10.57 8.69
C GLN C 74 -14.06 -9.80 9.92
N PHE C 75 -13.27 -10.45 10.78
CA PHE C 75 -12.62 -9.75 11.88
C PHE C 75 -11.84 -8.54 11.35
N GLU C 76 -10.98 -8.77 10.37
CA GLU C 76 -10.18 -7.69 9.82
C GLU C 76 -11.02 -6.68 9.06
N ILE C 77 -11.94 -7.15 8.22
CA ILE C 77 -12.75 -6.23 7.41
C ILE C 77 -13.53 -5.28 8.31
N TRP C 78 -14.17 -5.84 9.34
CA TRP C 78 -15.02 -5.05 10.21
C TRP C 78 -14.19 -4.10 11.06
N ALA C 79 -13.06 -4.58 11.61
CA ALA C 79 -12.17 -3.71 12.36
C ALA C 79 -11.69 -2.55 11.49
N ILE C 80 -11.29 -2.84 10.25
CA ILE C 80 -10.77 -1.79 9.37
C ILE C 80 -11.86 -0.78 9.04
N ASP C 81 -13.07 -1.24 8.75
CA ASP C 81 -14.16 -0.30 8.45
C ASP C 81 -14.38 0.65 9.62
N ARG C 82 -14.55 0.11 10.83
CA ARG C 82 -14.85 0.96 11.96
C ARG C 82 -13.68 1.89 12.28
N LEU C 83 -12.44 1.37 12.20
CA LEU C 83 -11.28 2.21 12.47
C LEU C 83 -11.15 3.34 11.45
N LYS C 84 -11.37 3.04 10.17
CA LYS C 84 -11.28 4.10 9.16
C LYS C 84 -12.32 5.18 9.39
N ILE C 85 -13.55 4.79 9.74
CA ILE C 85 -14.56 5.80 10.02
C ILE C 85 -14.16 6.63 11.22
N LEU C 86 -13.59 6.01 12.24
CA LEU C 86 -13.09 6.76 13.39
C LEU C 86 -12.00 7.74 12.98
N LEU C 87 -11.08 7.29 12.13
CA LEU C 87 -9.98 8.16 11.68
C LEU C 87 -10.52 9.37 10.94
N GLU C 88 -11.51 9.16 10.06
CA GLU C 88 -12.09 10.27 9.33
C GLU C 88 -12.81 11.24 10.26
N ILE C 89 -13.51 10.73 11.27
CA ILE C 89 -14.20 11.62 12.20
C ILE C 89 -13.20 12.45 12.99
N GLU C 90 -12.08 11.84 13.39
CA GLU C 90 -11.07 12.59 14.13
C GLU C 90 -10.37 13.60 13.22
N SER C 91 -10.19 13.27 11.94
CA SER C 91 -9.67 14.25 11.00
C SER C 91 -10.63 15.44 10.85
N CYS C 92 -11.94 15.15 10.83
CA CYS C 92 -12.92 16.24 10.74
C CYS C 92 -12.90 17.12 11.98
N LEU C 93 -12.75 16.52 13.17
CA LEU C 93 -12.76 17.33 14.39
C LEU C 93 -11.46 18.11 14.54
N SER C 94 -10.33 17.54 14.13
CA SER C 94 -9.05 18.25 14.30
C SER C 94 -9.04 19.57 13.56
N ARG C 95 -9.71 19.66 12.42
CA ARG C 95 -9.81 20.89 11.65
C ARG C 95 -10.97 21.78 12.10
N ASN C 96 -11.69 21.37 13.14
CA ASN C 96 -12.87 22.10 13.65
C ASN C 96 -13.97 22.24 12.59
N LYS C 97 -14.33 21.12 11.95
CA LYS C 97 -15.53 21.10 11.13
C LYS C 97 -16.76 21.06 12.03
N SER C 98 -17.86 21.61 11.53
CA SER C 98 -19.06 21.69 12.34
C SER C 98 -19.91 20.44 12.19
N ILE C 99 -20.99 20.39 12.97
CA ILE C 99 -21.74 19.15 13.17
C ILE C 99 -22.31 18.62 11.86
N LYS C 100 -23.00 19.49 11.11
CA LYS C 100 -23.75 19.01 9.95
C LYS C 100 -22.80 18.54 8.86
N GLU C 101 -21.66 19.21 8.70
CA GLU C 101 -20.69 18.76 7.71
C GLU C 101 -20.06 17.43 8.11
N ILE C 102 -19.87 17.21 9.41
CA ILE C 102 -19.40 15.90 9.87
C ILE C 102 -20.42 14.83 9.53
N GLU C 103 -21.70 15.11 9.79
CA GLU C 103 -22.77 14.20 9.37
C GLU C 103 -22.68 13.90 7.89
N THR C 104 -22.57 14.95 7.06
CA THR C 104 -22.58 14.78 5.62
C THR C 104 -21.38 13.99 5.14
N ILE C 105 -20.22 14.17 5.78
CA ILE C 105 -19.00 13.55 5.29
C ILE C 105 -18.88 12.11 5.78
N ILE C 106 -19.51 11.78 6.91
CA ILE C 106 -19.45 10.40 7.36
C ILE C 106 -20.64 9.62 6.82
N LYS C 107 -21.63 10.32 6.26
CA LYS C 107 -22.74 9.65 5.57
C LYS C 107 -22.27 8.66 4.50
N PRO C 108 -21.38 9.00 3.58
CA PRO C 108 -21.00 8.01 2.56
C PRO C 108 -20.19 6.85 3.11
N GLN C 109 -19.34 7.10 4.10
CA GLN C 109 -18.60 5.99 4.70
C GLN C 109 -19.55 5.09 5.49
N PHE C 110 -20.63 5.64 6.01
CA PHE C 110 -21.70 4.80 6.53
C PHE C 110 -22.36 3.99 5.43
N GLN C 111 -22.57 4.62 4.26
CA GLN C 111 -23.28 3.98 3.17
C GLN C 111 -22.45 2.89 2.51
N LYS C 112 -21.12 2.97 2.66
CA LYS C 112 -20.20 2.04 2.02
C LYS C 112 -19.61 1.02 2.99
N LEU C 113 -19.00 1.50 4.07
CA LEU C 113 -18.24 0.66 5.00
C LEU C 113 -19.13 0.01 6.04
N LEU C 114 -19.82 0.80 6.87
CA LEU C 114 -20.60 0.28 7.98
C LEU C 114 -22.05 0.66 7.79
N PRO C 115 -22.85 -0.22 7.21
CA PRO C 115 -24.29 0.07 7.02
C PRO C 115 -24.97 0.31 8.36
N PHE C 116 -25.90 1.27 8.37
CA PHE C 116 -26.67 1.63 9.54
C PHE C 116 -28.15 1.69 9.19
N ASN C 117 -29.00 1.48 10.19
CA ASN C 117 -30.45 1.55 10.05
C ASN C 117 -30.95 0.61 8.95
N THR C 118 -30.12 -0.32 8.50
CA THR C 118 -30.51 -1.40 7.62
C THR C 118 -30.59 -2.68 8.42
N GLU C 119 -31.71 -3.38 8.30
CA GLU C 119 -32.08 -4.44 9.22
C GLU C 119 -31.23 -5.69 9.09
N SER C 120 -30.22 -5.70 8.22
CA SER C 120 -29.43 -6.90 8.02
C SER C 120 -28.71 -7.29 9.30
N LEU C 121 -28.98 -8.49 9.79
CA LEU C 121 -28.33 -8.99 11.00
C LEU C 121 -26.81 -9.04 10.83
N GLU C 122 -26.35 -9.24 9.60
CA GLU C 122 -24.92 -9.16 9.33
C GLU C 122 -24.39 -7.78 9.66
N ASP C 123 -25.14 -6.73 9.30
CA ASP C 123 -24.74 -5.38 9.67
C ASP C 123 -24.62 -5.24 11.18
N ARG C 124 -25.61 -5.74 11.91
CA ARG C 124 -25.63 -5.57 13.36
C ARG C 124 -24.45 -6.27 14.02
N LYS C 125 -24.24 -7.55 13.70
CA LYS C 125 -23.12 -8.27 14.30
C LYS C 125 -21.80 -7.67 13.84
N LYS C 126 -21.72 -7.24 12.57
CA LYS C 126 -20.57 -6.50 12.10
C LYS C 126 -20.23 -5.37 13.05
N ASP C 127 -21.18 -4.46 13.27
CA ASP C 127 -20.90 -3.29 14.10
C ASP C 127 -20.52 -3.69 15.50
N TYR C 128 -21.24 -4.65 16.08
CA TYR C 128 -21.01 -5.00 17.48
C TYR C 128 -19.63 -5.61 17.66
N TYR C 129 -19.32 -6.62 16.84
CA TYR C 129 -18.02 -7.27 16.92
C TYR C 129 -16.90 -6.28 16.65
N SER C 130 -17.07 -5.42 15.65
CA SER C 130 -16.03 -4.43 15.36
C SER C 130 -15.79 -3.53 16.55
N HIS C 131 -16.85 -3.08 17.21
CA HIS C 131 -16.67 -2.21 18.36
C HIS C 131 -15.91 -2.92 19.47
N PHE C 132 -16.28 -4.16 19.75
CA PHE C 132 -15.61 -4.80 20.88
C PHE C 132 -14.18 -5.20 20.53
N ILE C 133 -13.91 -5.45 19.24
CA ILE C 133 -12.52 -5.61 18.83
C ILE C 133 -11.75 -4.31 19.05
N LEU C 134 -12.37 -3.17 18.71
CA LEU C 134 -11.72 -1.90 19.01
C LEU C 134 -11.42 -1.76 20.49
N ARG C 135 -12.36 -2.19 21.34
CA ARG C 135 -12.12 -2.14 22.77
C ARG C 135 -10.91 -2.99 23.14
N LEU C 136 -10.73 -4.12 22.47
CA LEU C 136 -9.48 -4.86 22.63
C LEU C 136 -8.30 -4.01 22.18
N CYS C 137 -8.45 -3.27 21.08
CA CYS C 137 -7.31 -2.60 20.44
C CYS C 137 -6.76 -1.47 21.29
N PHE C 138 -7.58 -0.45 21.56
CA PHE C 138 -7.09 0.80 22.14
C PHE C 138 -6.89 0.76 23.65
N CYS C 139 -7.27 -0.34 24.31
CA CYS C 139 -7.24 -0.38 25.76
C CYS C 139 -5.83 -0.40 26.33
N ARG C 140 -4.79 -0.23 25.51
CA ARG C 140 -3.43 -0.52 25.97
C ARG C 140 -2.78 0.67 26.65
N SER C 141 -3.11 1.89 26.24
CA SER C 141 -2.47 3.08 26.78
C SER C 141 -3.51 4.17 27.05
N LYS C 142 -3.20 5.03 28.02
CA LYS C 142 -4.18 5.99 28.49
C LYS C 142 -4.48 7.05 27.44
N GLU C 143 -3.46 7.48 26.69
CA GLU C 143 -3.72 8.38 25.57
C GLU C 143 -4.65 7.73 24.56
N LEU C 144 -4.36 6.48 24.20
CA LEU C 144 -5.21 5.76 23.25
C LEU C 144 -6.59 5.52 23.83
N ARG C 145 -6.68 5.19 25.12
CA ARG C 145 -8.00 5.01 25.72
C ARG C 145 -8.80 6.30 25.68
N GLU C 146 -8.16 7.42 26.00
CA GLU C 146 -8.84 8.71 25.96
C GLU C 146 -9.36 9.00 24.56
N LYS C 147 -8.51 8.82 23.56
CA LYS C 147 -8.93 9.12 22.19
C LYS C 147 -10.05 8.20 21.74
N PHE C 148 -9.96 6.91 22.09
CA PHE C 148 -11.01 5.97 21.69
C PHE C 148 -12.33 6.32 22.35
N VAL C 149 -12.32 6.64 23.65
CA VAL C 149 -13.57 6.97 24.32
C VAL C 149 -14.18 8.21 23.70
N ARG C 150 -13.36 9.25 23.48
CA ARG C 150 -13.85 10.45 22.83
C ARG C 150 -14.47 10.14 21.46
N ALA C 151 -13.75 9.36 20.64
CA ALA C 151 -14.18 9.15 19.27
C ALA C 151 -15.43 8.27 19.20
N GLU C 152 -15.49 7.22 20.02
CA GLU C 152 -16.68 6.38 20.02
C GLU C 152 -17.88 7.14 20.56
N THR C 153 -17.65 8.06 21.51
CA THR C 153 -18.76 8.90 21.95
C THR C 153 -19.18 9.87 20.85
N PHE C 154 -18.23 10.35 20.04
CA PHE C 154 -18.60 11.13 18.86
C PHE C 154 -19.47 10.30 17.92
N LEU C 155 -19.11 9.03 17.73
CA LEU C 155 -19.94 8.14 16.94
C LEU C 155 -21.33 8.03 17.51
N PHE C 156 -21.42 7.86 18.83
CA PHE C 156 -22.70 7.88 19.52
C PHE C 156 -23.48 9.15 19.20
N LYS C 157 -22.81 10.30 19.26
CA LYS C 157 -23.44 11.58 19.00
C LYS C 157 -24.03 11.63 17.59
N ILE C 158 -23.20 11.27 16.61
CA ILE C 158 -23.62 11.38 15.21
C ILE C 158 -24.75 10.41 14.93
N ARG C 159 -24.62 9.19 15.42
CA ARG C 159 -25.68 8.21 15.26
C ARG C 159 -26.98 8.71 15.88
N PHE C 160 -26.89 9.31 17.06
CA PHE C 160 -28.07 9.79 17.77
C PHE C 160 -28.77 10.88 16.97
N ASN C 161 -28.04 11.91 16.57
CA ASN C 161 -28.66 12.99 15.78
C ASN C 161 -29.16 12.47 14.44
N MET C 162 -28.51 11.44 13.90
CA MET C 162 -28.95 10.76 12.68
C MET C 162 -30.31 10.09 12.82
N LEU C 163 -30.60 9.47 13.96
CA LEU C 163 -31.77 8.62 14.09
C LEU C 163 -33.06 9.41 14.01
N THR C 164 -34.18 8.69 14.05
CA THR C 164 -35.49 9.33 14.07
C THR C 164 -35.91 9.63 15.51
N SER C 165 -36.94 10.48 15.64
CA SER C 165 -37.44 10.83 16.96
C SER C 165 -37.99 9.62 17.70
N THR C 166 -38.85 8.84 17.03
CA THR C 166 -39.42 7.65 17.66
C THR C 166 -38.32 6.71 18.14
N ASP C 167 -37.34 6.43 17.28
CA ASP C 167 -36.30 5.48 17.66
C ASP C 167 -35.31 6.10 18.64
N GLN C 168 -35.12 7.42 18.58
CA GLN C 168 -34.40 8.12 19.64
C GLN C 168 -34.99 7.81 21.01
N THR C 169 -36.26 8.13 21.19
CA THR C 169 -36.89 7.88 22.48
C THR C 169 -36.96 6.39 22.79
N LYS C 170 -37.03 5.55 21.75
CA LYS C 170 -37.09 4.11 21.97
C LYS C 170 -35.77 3.60 22.55
N PHE C 171 -34.64 4.10 22.04
CA PHE C 171 -33.37 3.78 22.69
C PHE C 171 -33.32 4.34 24.11
N VAL C 172 -33.75 5.59 24.28
CA VAL C 172 -33.67 6.23 25.59
C VAL C 172 -34.46 5.42 26.62
N GLN C 173 -35.57 4.82 26.20
CA GLN C 173 -36.42 4.08 27.12
C GLN C 173 -35.75 2.81 27.62
N SER C 174 -35.50 1.87 26.71
CA SER C 174 -34.97 0.56 27.09
C SER C 174 -33.62 0.67 27.78
N LEU C 180 -32.05 7.53 36.28
CA LEU C 180 -32.45 7.73 34.89
C LEU C 180 -33.98 7.57 34.75
N GLN C 181 -34.72 8.43 35.44
CA GLN C 181 -36.16 8.29 35.56
C GLN C 181 -36.89 9.40 34.81
N PHE C 182 -37.80 8.99 33.92
CA PHE C 182 -38.68 9.91 33.23
C PHE C 182 -39.71 10.47 34.21
N ILE C 183 -39.73 11.80 34.37
CA ILE C 183 -40.69 12.40 35.30
C ILE C 183 -42.09 12.19 34.76
N SER C 184 -43.05 12.07 35.67
CA SER C 184 -44.40 11.73 35.24
C SER C 184 -45.02 12.87 34.44
N ASN C 185 -46.06 12.54 33.69
CA ASN C 185 -46.79 13.57 32.95
C ASN C 185 -47.43 14.57 33.90
N GLU C 186 -47.81 14.14 35.11
CA GLU C 186 -48.32 15.07 36.10
C GLU C 186 -47.22 16.01 36.59
N GLU C 187 -46.02 15.48 36.87
CA GLU C 187 -44.91 16.33 37.24
C GLU C 187 -44.50 17.24 36.07
N LYS C 188 -44.72 16.77 34.84
CA LYS C 188 -44.48 17.63 33.68
C LYS C 188 -45.46 18.79 33.66
N ALA C 189 -46.76 18.51 33.80
CA ALA C 189 -47.76 19.57 33.73
C ALA C 189 -47.63 20.54 34.88
N GLU C 190 -47.38 20.05 36.09
CA GLU C 190 -47.16 20.93 37.23
C GLU C 190 -45.95 21.83 37.01
N LEU C 191 -44.85 21.25 36.55
CA LEU C 191 -43.67 22.01 36.17
C LEU C 191 -43.63 22.31 34.68
N SER C 192 -44.69 22.89 34.12
CA SER C 192 -44.74 23.11 32.67
C SER C 192 -44.02 24.40 32.29
N HIS C 193 -44.36 25.51 32.96
CA HIS C 193 -43.81 26.81 32.59
C HIS C 193 -42.29 26.84 32.78
N GLN C 194 -41.80 26.28 33.88
CA GLN C 194 -40.36 26.33 34.15
C GLN C 194 -39.58 25.53 33.12
N LEU C 195 -40.04 24.30 32.81
CA LEU C 195 -39.34 23.49 31.83
C LEU C 195 -39.41 24.12 30.45
N TYR C 196 -40.56 24.71 30.11
CA TYR C 196 -40.66 25.43 28.84
C TYR C 196 -39.65 26.56 28.77
N GLN C 197 -39.60 27.40 29.81
CA GLN C 197 -38.64 28.48 29.86
C GLN C 197 -37.21 27.98 29.70
N THR C 198 -36.87 26.90 30.40
CA THR C 198 -35.50 26.38 30.34
C THR C 198 -35.16 25.86 28.96
N VAL C 199 -36.03 25.04 28.37
CA VAL C 199 -35.67 24.29 27.18
C VAL C 199 -35.97 25.05 25.88
N SER C 200 -36.65 26.19 25.96
CA SER C 200 -37.02 26.91 24.74
C SER C 200 -35.78 27.36 23.95
N ALA C 201 -34.79 27.91 24.65
CA ALA C 201 -33.58 28.37 23.96
C ALA C 201 -32.83 27.23 23.31
N SER C 202 -32.69 26.11 24.03
CA SER C 202 -32.03 24.95 23.46
C SER C 202 -32.77 24.42 22.24
N LEU C 203 -34.11 24.39 22.31
CA LEU C 203 -34.87 23.96 21.15
C LEU C 203 -34.67 24.90 19.97
N GLN C 204 -34.66 26.21 20.22
CA GLN C 204 -34.40 27.17 19.16
C GLN C 204 -33.07 26.88 18.48
N PHE C 205 -32.00 26.74 19.26
CA PHE C 205 -30.67 26.61 18.67
C PHE C 205 -30.37 25.22 18.13
N GLN C 206 -31.11 24.19 18.56
CA GLN C 206 -30.73 22.82 18.20
C GLN C 206 -31.70 22.16 17.25
N LEU C 207 -32.97 22.54 17.25
CA LEU C 207 -33.97 21.96 16.37
C LEU C 207 -34.52 22.96 15.37
N ASN C 208 -33.76 24.02 15.06
CA ASN C 208 -34.13 25.11 14.15
C ASN C 208 -35.58 25.54 14.32
N LEU C 209 -36.09 25.45 15.55
CA LEU C 209 -37.48 25.78 15.84
C LEU C 209 -37.56 27.28 16.11
N ASN C 210 -37.41 28.06 15.03
CA ASN C 210 -37.55 29.51 15.14
C ASN C 210 -38.96 29.88 15.56
N GLU C 211 -39.98 29.22 15.00
CA GLU C 211 -41.36 29.44 15.38
C GLU C 211 -41.58 28.99 16.81
N GLU C 212 -42.39 29.75 17.55
CA GLU C 212 -42.72 29.39 18.92
C GLU C 212 -43.72 28.24 18.98
N HIS C 213 -44.64 28.19 18.02
CA HIS C 213 -45.67 27.16 18.04
C HIS C 213 -45.06 25.77 17.87
N GLN C 214 -44.05 25.65 16.99
CA GLN C 214 -43.37 24.37 16.84
C GLN C 214 -42.69 23.97 18.14
N ARG C 215 -42.09 24.94 18.85
CA ARG C 215 -41.47 24.64 20.13
C ARG C 215 -42.49 24.15 21.14
N LYS C 216 -43.67 24.78 21.19
CA LYS C 216 -44.70 24.29 22.10
C LYS C 216 -45.15 22.88 21.72
N GLN C 217 -45.32 22.63 20.42
CA GLN C 217 -45.77 21.32 19.98
C GLN C 217 -44.77 20.23 20.32
N TYR C 218 -43.47 20.50 20.15
CA TYR C 218 -42.47 19.48 20.43
C TYR C 218 -42.21 19.34 21.93
N PHE C 219 -42.31 20.46 22.66
CA PHE C 219 -42.18 20.42 24.11
C PHE C 219 -43.32 19.63 24.75
N GLN C 220 -44.51 19.69 24.13
CA GLN C 220 -45.59 18.80 24.56
C GLN C 220 -45.21 17.34 24.35
N GLN C 221 -44.60 17.02 23.22
CA GLN C 221 -44.14 15.67 22.94
C GLN C 221 -42.94 15.26 23.78
N GLU C 222 -42.11 16.22 24.18
CA GLU C 222 -40.87 15.90 24.87
C GLU C 222 -41.12 15.36 26.28
N LYS C 223 -40.27 14.43 26.70
CA LYS C 223 -40.26 13.93 28.05
C LYS C 223 -39.19 14.66 28.87
N PHE C 224 -39.13 14.36 30.17
CA PHE C 224 -38.14 14.95 31.06
C PHE C 224 -37.66 13.93 32.08
N ILE C 225 -36.37 13.97 32.39
CA ILE C 225 -35.70 13.03 33.29
C ILE C 225 -35.35 13.76 34.58
N LYS C 226 -35.33 13.03 35.68
CA LYS C 226 -35.01 13.60 36.99
C LYS C 226 -33.76 12.94 37.53
N LEU C 227 -32.75 13.73 37.82
CA LEU C 227 -31.50 13.26 38.38
C LEU C 227 -30.86 14.36 39.20
N PRO C 228 -30.17 14.02 40.28
CA PRO C 228 -29.48 15.03 41.07
C PRO C 228 -28.45 15.79 40.24
N PHE C 229 -28.33 17.08 40.51
CA PHE C 229 -27.56 17.97 39.65
C PHE C 229 -26.06 17.65 39.65
N GLU C 230 -25.59 16.83 40.58
CA GLU C 230 -24.19 16.45 40.59
C GLU C 230 -23.80 15.63 39.37
N ASN C 231 -24.78 15.13 38.63
CA ASN C 231 -24.48 14.39 37.41
C ASN C 231 -24.66 15.22 36.15
N VAL C 232 -25.27 16.40 36.23
CA VAL C 232 -25.47 17.25 35.07
C VAL C 232 -24.97 18.65 35.37
N ILE C 233 -23.99 18.77 36.26
CA ILE C 233 -23.46 20.08 36.66
C ILE C 233 -22.96 20.86 35.44
N GLU C 234 -22.49 20.16 34.41
CA GLU C 234 -22.05 20.83 33.19
C GLU C 234 -23.19 21.61 32.55
N LEU C 235 -24.36 20.98 32.42
CA LEU C 235 -25.54 21.67 31.91
C LEU C 235 -26.05 22.71 32.90
N VAL C 236 -25.88 22.45 34.20
CA VAL C 236 -26.28 23.39 35.23
C VAL C 236 -25.53 24.71 35.06
N GLY C 237 -24.22 24.62 34.81
CA GLY C 237 -23.41 25.83 34.69
C GLY C 237 -23.91 26.78 33.63
N ASN C 238 -24.42 26.25 32.53
CA ASN C 238 -24.95 27.07 31.44
C ASN C 238 -26.45 27.29 31.54
N ARG C 239 -27.09 26.81 32.60
CA ARG C 239 -28.54 26.94 32.77
C ARG C 239 -29.29 26.32 31.60
N LEU C 240 -28.79 25.17 31.14
CA LEU C 240 -29.42 24.44 30.05
C LEU C 240 -30.49 23.46 30.53
N VAL C 241 -30.59 23.23 31.84
CA VAL C 241 -31.58 22.33 32.41
C VAL C 241 -32.13 22.96 33.68
N PHE C 242 -33.43 22.77 33.91
CA PHE C 242 -34.07 23.29 35.10
C PHE C 242 -33.75 22.40 36.29
N LEU C 243 -33.63 23.01 37.46
CA LEU C 243 -33.33 22.31 38.71
C LEU C 243 -34.40 22.65 39.72
N LYS C 244 -34.66 21.74 40.65
CA LYS C 244 -35.71 21.94 41.64
C LYS C 244 -35.47 21.05 42.84
N ASP C 245 -35.17 21.66 43.98
CA ASP C 245 -34.97 20.95 45.23
C ASP C 245 -33.88 19.89 45.10
N GLY C 246 -32.79 20.26 44.43
CA GLY C 246 -31.66 19.37 44.26
C GLY C 246 -31.84 18.30 43.20
N TYR C 247 -32.79 18.48 42.29
CA TYR C 247 -33.05 17.53 41.22
C TYR C 247 -33.04 18.26 39.88
N ALA C 248 -32.25 17.75 38.94
CA ALA C 248 -32.08 18.38 37.64
C ALA C 248 -32.99 17.69 36.62
N TYR C 249 -33.72 18.51 35.87
CA TYR C 249 -34.63 18.02 34.83
C TYR C 249 -33.93 18.17 33.48
N LEU C 250 -33.45 17.06 32.94
CA LEU C 250 -32.76 17.07 31.65
C LEU C 250 -33.55 16.36 30.56
N GLN C 254 -31.02 18.74 25.96
CA GLN C 254 -29.69 18.59 26.56
C GLN C 254 -29.55 17.21 27.19
N GLN C 255 -30.56 16.37 27.00
CA GLN C 255 -30.49 14.99 27.49
C GLN C 255 -29.44 14.20 26.71
N LEU C 256 -29.18 14.60 25.47
CA LEU C 256 -28.21 13.88 24.64
C LEU C 256 -26.81 13.98 25.23
N ASN C 257 -26.44 15.14 25.77
CA ASN C 257 -25.12 15.26 26.39
C ASN C 257 -25.00 14.31 27.58
N LEU C 258 -26.06 14.21 28.39
CA LEU C 258 -26.04 13.28 29.52
C LEU C 258 -25.90 11.84 29.04
N LEU C 259 -26.67 11.45 28.02
CA LEU C 259 -26.55 10.10 27.50
C LEU C 259 -25.15 9.82 26.99
N SER C 260 -24.57 10.79 26.26
CA SER C 260 -23.26 10.60 25.66
C SER C 260 -22.17 10.49 26.73
N ASN C 261 -22.21 11.34 27.76
CA ASN C 261 -21.14 11.29 28.75
C ASN C 261 -21.28 10.07 29.66
N GLU C 262 -22.52 9.63 29.94
CA GLU C 262 -22.70 8.35 30.61
C GLU C 262 -22.07 7.21 29.80
N PHE C 263 -22.39 7.17 28.50
CA PHE C 263 -21.80 6.17 27.61
C PHE C 263 -20.28 6.24 27.65
N ALA C 264 -19.73 7.45 27.60
CA ALA C 264 -18.28 7.61 27.57
C ALA C 264 -17.62 7.09 28.83
N SER C 265 -18.20 7.39 30.00
CA SER C 265 -17.62 6.93 31.25
C SER C 265 -17.69 5.41 31.36
N LYS C 266 -18.84 4.83 31.00
CA LYS C 266 -18.96 3.38 31.03
C LYS C 266 -17.98 2.73 30.05
N LEU C 267 -17.78 3.37 28.91
CA LEU C 267 -16.81 2.88 27.93
C LEU C 267 -15.40 2.90 28.50
N ASN C 268 -15.03 3.98 29.20
CA ASN C 268 -13.70 4.07 29.77
C ASN C 268 -13.48 2.98 30.82
N GLN C 269 -14.49 2.75 31.67
CA GLN C 269 -14.37 1.70 32.67
C GLN C 269 -14.22 0.33 32.01
N GLU C 270 -15.11 0.00 31.07
CA GLU C 270 -15.01 -1.26 30.33
C GLU C 270 -13.65 -1.41 29.67
N LEU C 271 -13.08 -0.32 29.15
CA LEU C 271 -11.81 -0.40 28.44
C LEU C 271 -10.65 -0.67 29.39
N ILE C 272 -10.67 -0.02 30.56
CA ILE C 272 -9.69 -0.34 31.59
C ILE C 272 -9.78 -1.81 31.97
N LYS C 273 -11.01 -2.32 32.12
CA LYS C 273 -11.21 -3.73 32.46
C LYS C 273 -10.66 -4.64 31.36
N THR C 274 -10.88 -4.26 30.11
CA THR C 274 -10.36 -5.02 28.99
C THR C 274 -8.83 -5.07 29.03
N TYR C 275 -8.19 -3.95 29.36
CA TYR C 275 -6.74 -3.99 29.51
C TYR C 275 -6.34 -4.91 30.66
N GLN C 276 -7.09 -4.86 31.76
CA GLN C 276 -6.81 -5.73 32.89
C GLN C 276 -6.81 -7.20 32.48
N TYR C 277 -7.76 -7.59 31.62
CA TYR C 277 -7.86 -8.99 31.22
C TYR C 277 -7.07 -9.34 29.97
N LEU C 278 -6.39 -8.36 29.36
CA LEU C 278 -5.53 -8.64 28.21
C LEU C 278 -4.66 -9.89 28.31
N PRO C 279 -3.93 -10.14 29.41
CA PRO C 279 -3.03 -11.32 29.41
C PRO C 279 -3.75 -12.64 29.25
N ARG C 280 -5.04 -12.70 29.56
CA ARG C 280 -5.77 -13.96 29.43
C ARG C 280 -6.19 -14.22 27.99
N LEU C 281 -6.10 -13.21 27.13
CA LEU C 281 -6.20 -13.45 25.70
C LEU C 281 -4.84 -13.50 25.02
N ASN C 282 -3.80 -12.91 25.65
CA ASN C 282 -2.48 -12.81 25.01
C ASN C 282 -1.94 -14.13 24.49
N GLU C 283 -2.49 -15.26 24.95
CA GLU C 283 -2.16 -16.55 24.33
C GLU C 283 -2.72 -16.66 22.92
N ASP C 284 -3.71 -15.84 22.56
CA ASP C 284 -4.27 -15.87 21.21
C ASP C 284 -3.22 -15.31 20.27
N ASP C 285 -2.43 -16.22 19.71
CA ASP C 285 -1.42 -15.86 18.72
C ASP C 285 -2.03 -15.35 17.42
N ARG C 286 -3.35 -15.50 17.26
CA ARG C 286 -4.03 -15.02 16.07
C ARG C 286 -4.44 -13.57 16.16
N LEU C 287 -4.34 -12.95 17.34
CA LEU C 287 -4.86 -11.59 17.50
C LEU C 287 -3.81 -10.56 17.90
N LEU C 288 -2.73 -10.96 18.56
CA LEU C 288 -1.69 -9.99 18.93
C LEU C 288 -1.12 -9.24 17.73
N PRO C 289 -0.78 -9.87 16.61
CA PRO C 289 -0.48 -9.07 15.41
C PRO C 289 -1.64 -8.17 15.03
N ILE C 290 -2.87 -8.66 15.17
CA ILE C 290 -4.03 -7.84 14.81
C ILE C 290 -4.11 -6.62 15.70
N LEU C 291 -3.98 -6.80 17.01
CA LEU C 291 -4.15 -5.67 17.93
C LEU C 291 -2.99 -4.69 17.80
N ASN C 292 -1.77 -5.20 17.57
CA ASN C 292 -0.65 -4.30 17.34
C ASN C 292 -0.84 -3.49 16.07
N HIS C 293 -1.30 -4.14 14.99
CA HIS C 293 -1.54 -3.46 13.73
C HIS C 293 -2.63 -2.40 13.88
N LEU C 294 -3.69 -2.72 14.61
CA LEU C 294 -4.78 -1.76 14.79
C LEU C 294 -4.39 -0.63 15.73
N SER C 295 -3.53 -0.91 16.72
CA SER C 295 -3.03 0.15 17.58
C SER C 295 -2.14 1.12 16.80
N SER C 296 -1.21 0.59 16.02
CA SER C 296 -0.37 1.46 15.20
C SER C 296 -1.15 2.07 14.04
N GLY C 297 -2.35 1.59 13.75
CA GLY C 297 -3.12 2.14 12.65
C GLY C 297 -3.61 3.56 12.90
N TYR C 298 -3.52 4.03 14.14
CA TYR C 298 -4.01 5.37 14.45
C TYR C 298 -2.86 6.36 14.55
N THR C 299 -1.62 5.89 14.45
CA THR C 299 -0.45 6.76 14.43
C THR C 299 -0.24 7.33 13.04
N ASP C 317 11.27 30.03 15.12
CA ASP C 317 10.78 28.75 15.61
C ASP C 317 11.65 28.24 16.75
N GLU C 318 11.05 27.46 17.65
CA GLU C 318 11.82 26.88 18.74
C GLU C 318 12.73 25.77 18.23
N ILE C 319 12.21 24.91 17.36
CA ILE C 319 13.01 23.92 16.67
C ILE C 319 13.53 24.59 15.40
N ASN C 320 14.68 25.25 15.50
CA ASN C 320 15.18 26.06 14.41
C ASN C 320 16.55 25.54 13.99
N ALA C 321 17.07 26.10 12.89
CA ALA C 321 18.31 25.60 12.30
C ALA C 321 19.45 25.61 13.29
N GLN C 322 19.55 26.64 14.11
CA GLN C 322 20.59 26.72 15.14
C GLN C 322 20.27 25.81 16.32
N SER C 323 18.98 25.62 16.60
CA SER C 323 18.56 24.85 17.77
C SER C 323 18.92 23.37 17.67
N VAL C 324 18.82 22.78 16.47
CA VAL C 324 18.97 21.32 16.35
C VAL C 324 20.34 20.84 16.78
N TRP C 325 21.30 21.75 17.00
CA TRP C 325 22.58 21.38 17.59
C TRP C 325 22.61 21.56 19.10
N SER C 326 21.56 22.13 19.69
CA SER C 326 21.55 22.40 21.12
C SER C 326 21.05 21.18 21.89
N GLU C 327 21.57 21.02 23.12
CA GLU C 327 21.25 19.85 23.92
C GLU C 327 19.77 19.80 24.26
N GLU C 328 19.13 20.97 24.42
CA GLU C 328 17.69 20.99 24.71
C GLU C 328 16.88 20.36 23.59
N ILE C 329 17.41 20.38 22.37
CA ILE C 329 16.69 19.84 21.22
C ILE C 329 17.09 18.40 20.93
N SER C 330 18.39 18.09 21.02
CA SER C 330 18.86 16.74 20.69
CA SER C 330 18.84 16.74 20.68
C SER C 330 18.81 15.81 21.89
N SER C 331 18.35 16.28 23.04
CA SER C 331 18.23 15.40 24.20
C SER C 331 17.14 14.35 24.01
N ASN C 332 16.16 14.62 23.16
CA ASN C 332 15.05 13.72 22.93
C ASN C 332 15.26 12.77 21.75
N TYR C 333 16.38 12.90 21.03
CA TYR C 333 16.61 12.12 19.83
C TYR C 333 16.69 10.62 20.13
N PRO C 334 16.33 9.78 19.16
CA PRO C 334 16.70 8.36 19.22
C PRO C 334 18.12 8.17 18.68
N LEU C 335 18.59 6.92 18.78
CA LEU C 335 19.97 6.62 18.40
C LEU C 335 20.23 6.91 16.93
N CYS C 336 19.27 6.58 16.06
CA CYS C 336 19.47 6.79 14.62
C CYS C 336 19.75 8.26 14.31
N ILE C 337 18.92 9.16 14.83
CA ILE C 337 19.08 10.57 14.53
C ILE C 337 20.34 11.12 15.19
N LYS C 338 20.68 10.62 16.38
CA LYS C 338 21.92 11.04 17.02
C LYS C 338 23.13 10.68 16.17
N ASN C 339 23.15 9.46 15.64
CA ASN C 339 24.27 9.06 14.78
C ASN C 339 24.28 9.85 13.48
N LEU C 340 23.10 10.22 12.97
CA LEU C 340 23.04 11.00 11.74
C LEU C 340 23.56 12.42 11.96
N MET C 341 23.21 13.04 13.10
CA MET C 341 23.77 14.32 13.50
C MET C 341 25.29 14.23 13.68
N GLU C 342 25.75 13.15 14.30
CA GLU C 342 27.18 12.96 14.48
C GLU C 342 27.90 12.90 13.14
N GLY C 343 27.36 12.13 12.20
CA GLY C 343 27.97 12.04 10.88
C GLY C 343 27.96 13.36 10.14
N LEU C 344 26.84 14.09 10.22
CA LEU C 344 26.73 15.37 9.53
C LEU C 344 27.69 16.40 10.11
N LYS C 345 27.88 16.37 11.43
CA LYS C 345 28.85 17.25 12.06
C LYS C 345 30.28 16.85 11.69
N LYS C 346 30.58 15.55 11.73
CA LYS C 346 31.94 15.09 11.49
C LYS C 346 32.36 15.27 10.03
N ASN C 347 31.71 14.55 9.12
CA ASN C 347 32.13 14.51 7.73
C ASN C 347 31.71 15.73 6.95
N HIS C 348 30.82 16.56 7.49
CA HIS C 348 30.23 17.69 6.79
C HIS C 348 29.60 17.26 5.46
N HIS C 349 29.13 16.01 5.40
CA HIS C 349 28.45 15.46 4.24
C HIS C 349 27.94 14.07 4.60
N LEU C 350 26.73 13.77 4.11
CA LEU C 350 26.18 12.42 4.18
C LEU C 350 25.88 11.91 2.79
N ARG C 351 25.52 10.64 2.73
CA ARG C 351 25.11 10.00 1.51
C ARG C 351 23.58 10.02 1.43
N TYR C 352 23.06 9.61 0.26
CA TYR C 352 21.66 9.90 -0.07
C TYR C 352 20.70 9.41 1.01
N TYR C 353 20.93 8.20 1.53
CA TYR C 353 20.00 7.63 2.50
C TYR C 353 19.99 8.39 3.81
N GLY C 354 21.18 8.72 4.34
CA GLY C 354 21.23 9.51 5.56
C GLY C 354 20.61 10.87 5.39
N ARG C 355 20.88 11.52 4.25
CA ARG C 355 20.28 12.81 3.97
C ARG C 355 18.76 12.74 3.97
N GLN C 356 18.20 11.72 3.30
CA GLN C 356 16.75 11.61 3.22
C GLN C 356 16.13 11.29 4.58
N GLN C 357 16.70 10.31 5.29
CA GLN C 357 16.22 9.98 6.63
C GLN C 357 16.21 11.21 7.52
N LEU C 358 17.35 11.92 7.60
CA LEU C 358 17.47 13.06 8.49
C LEU C 358 16.55 14.20 8.06
N SER C 359 16.44 14.44 6.75
CA SER C 359 15.59 15.52 6.26
C SER C 359 14.13 15.28 6.61
N LEU C 360 13.63 14.08 6.33
CA LEU C 360 12.21 13.83 6.59
C LEU C 360 11.95 13.78 8.09
N PHE C 361 12.92 13.32 8.87
CA PHE C 361 12.78 13.40 10.32
C PHE C 361 12.65 14.85 10.79
N LEU C 362 13.56 15.72 10.34
CA LEU C 362 13.55 17.11 10.79
C LEU C 362 12.32 17.85 10.28
N LYS C 363 11.77 17.43 9.13
CA LYS C 363 10.46 17.92 8.73
C LYS C 363 9.38 17.47 9.71
N GLY C 364 9.43 16.19 10.10
CA GLY C 364 8.41 15.66 10.98
C GLY C 364 8.39 16.32 12.34
N ILE C 365 9.55 16.69 12.86
CA ILE C 365 9.57 17.39 14.15
C ILE C 365 9.14 18.84 14.01
N GLY C 366 9.19 19.42 12.82
CA GLY C 366 8.62 20.73 12.57
C GLY C 366 9.56 21.85 12.14
N LEU C 367 10.65 21.54 11.43
CA LEU C 367 11.56 22.59 10.97
C LEU C 367 10.98 23.26 9.73
N SER C 368 11.07 24.58 9.67
CA SER C 368 10.59 25.32 8.50
C SER C 368 11.52 25.09 7.31
N ALA C 369 10.96 25.30 6.12
CA ALA C 369 11.72 25.07 4.89
C ALA C 369 12.92 25.99 4.79
N ASP C 370 12.74 27.27 5.10
CA ASP C 370 13.85 28.22 5.01
C ASP C 370 14.92 27.92 6.06
N GLU C 371 14.51 27.60 7.28
CA GLU C 371 15.48 27.20 8.28
C GLU C 371 16.12 25.87 7.94
N ALA C 372 15.40 25.01 7.20
CA ALA C 372 16.01 23.78 6.71
C ALA C 372 17.13 24.09 5.71
N LEU C 373 16.84 24.95 4.73
CA LEU C 373 17.90 25.38 3.82
C LEU C 373 19.06 25.98 4.59
N LYS C 374 18.75 26.81 5.59
CA LYS C 374 19.79 27.43 6.40
C LYS C 374 20.69 26.40 7.05
N PHE C 375 20.10 25.44 7.77
CA PHE C 375 20.89 24.46 8.50
C PHE C 375 21.69 23.57 7.55
N TRP C 376 21.03 23.01 6.53
CA TRP C 376 21.74 22.13 5.61
C TRP C 376 22.90 22.87 4.93
N SER C 377 22.67 24.11 4.49
CA SER C 377 23.75 24.88 3.87
CA SER C 377 23.75 24.88 3.87
C SER C 377 24.87 25.17 4.86
N GLU C 378 24.52 25.40 6.13
CA GLU C 378 25.56 25.67 7.13
C GLU C 378 26.45 24.46 7.38
N ALA C 379 25.86 23.27 7.44
CA ALA C 379 26.65 22.10 7.82
C ALA C 379 27.80 21.84 6.85
N PHE C 380 27.67 22.28 5.60
CA PHE C 380 28.72 22.09 4.60
C PHE C 380 29.72 23.24 4.68
N THR C 381 30.60 23.15 5.69
CA THR C 381 31.65 24.15 5.84
C THR C 381 32.78 23.95 4.85
N THR C 387 30.96 24.53 -1.59
CA THR C 387 30.64 25.86 -2.07
C THR C 387 29.12 26.05 -2.24
N MET C 388 28.72 27.32 -2.24
CA MET C 388 27.32 27.68 -2.46
C MET C 388 26.89 27.39 -3.89
N GLU C 389 27.83 27.52 -4.83
CA GLU C 389 27.54 27.26 -6.24
C GLU C 389 27.08 25.81 -6.43
N LYS C 390 27.85 24.86 -5.91
CA LYS C 390 27.47 23.45 -6.03
C LYS C 390 26.17 23.18 -5.27
N PHE C 391 25.94 23.87 -4.15
CA PHE C 391 24.69 23.73 -3.44
C PHE C 391 23.50 24.08 -4.33
N ASN C 392 23.46 25.32 -4.80
CA ASN C 392 22.37 25.73 -5.69
C ASN C 392 22.31 24.86 -6.94
N LYS C 393 23.44 24.27 -7.33
CA LYS C 393 23.47 23.44 -8.53
C LYS C 393 22.78 22.09 -8.30
N GLU C 394 22.98 21.50 -7.11
CA GLU C 394 22.66 20.08 -6.95
C GLU C 394 21.77 19.75 -5.76
N TYR C 395 21.88 20.46 -4.63
CA TYR C 395 21.24 20.05 -3.40
C TYR C 395 19.98 20.84 -3.06
N ARG C 396 19.89 22.09 -3.50
CA ARG C 396 18.73 22.92 -3.19
CA ARG C 396 18.73 22.92 -3.18
C ARG C 396 17.46 22.32 -3.77
N TYR C 397 17.52 21.88 -5.03
CA TYR C 397 16.36 21.30 -5.68
C TYR C 397 15.92 20.02 -4.99
N SER C 398 16.88 19.17 -4.60
CA SER C 398 16.54 17.93 -3.91
CA SER C 398 16.55 17.94 -3.91
C SER C 398 15.92 18.21 -2.56
N PHE C 399 16.48 19.16 -1.81
CA PHE C 399 15.91 19.48 -0.49
C PHE C 399 14.50 20.04 -0.62
N ARG C 400 14.25 20.90 -1.62
CA ARG C 400 12.91 21.45 -1.79
C ARG C 400 11.95 20.37 -2.29
N HIS C 401 12.45 19.42 -3.08
CA HIS C 401 11.63 18.29 -3.49
C HIS C 401 11.23 17.44 -2.29
N ASN C 402 12.15 17.27 -1.34
CA ASN C 402 11.84 16.53 -0.11
C ASN C 402 10.65 17.13 0.63
N TYR C 403 10.57 18.44 0.79
CA TYR C 403 9.44 19.06 1.46
C TYR C 403 8.18 19.10 0.60
N GLY C 404 8.20 18.43 -0.56
CA GLY C 404 7.05 18.45 -1.43
C GLY C 404 6.87 19.76 -2.16
N LEU C 405 7.79 20.70 -1.96
CA LEU C 405 7.71 22.02 -2.56
C LEU C 405 8.19 22.03 -4.00
N GLU C 406 8.32 20.86 -4.61
CA GLU C 406 8.69 20.71 -6.02
C GLU C 406 7.88 19.58 -6.62
N GLY C 407 7.98 19.45 -7.94
CA GLY C 407 7.37 18.34 -8.65
C GLY C 407 5.87 18.19 -8.46
N ASN C 408 5.44 16.96 -8.19
CA ASN C 408 4.01 16.65 -8.05
C ASN C 408 3.39 17.22 -6.79
N ARG C 409 4.14 18.01 -6.01
CA ARG C 409 3.65 18.56 -4.75
C ARG C 409 3.22 17.44 -3.81
N ILE C 410 4.17 16.59 -3.44
CA ILE C 410 3.90 15.53 -2.47
C ILE C 410 4.78 15.75 -1.25
N ASN C 411 4.19 16.25 -0.16
CA ASN C 411 4.91 16.43 1.09
C ASN C 411 5.13 15.03 1.66
N TYR C 412 6.29 14.46 1.30
CA TYR C 412 6.56 13.06 1.61
C TYR C 412 6.59 12.84 3.11
N LYS C 413 5.68 12.01 3.59
CA LYS C 413 5.60 11.73 5.02
C LYS C 413 6.90 11.07 5.49
N PRO C 414 7.32 11.33 6.73
CA PRO C 414 8.65 10.87 7.15
C PRO C 414 8.74 9.36 7.12
N TRP C 415 9.95 8.87 6.84
CA TRP C 415 10.20 7.44 6.93
C TRP C 415 10.04 6.97 8.37
N ASP C 416 9.43 5.80 8.55
CA ASP C 416 9.34 5.23 9.88
C ASP C 416 10.52 4.28 10.10
N CYS C 417 10.58 3.70 11.30
CA CYS C 417 11.62 2.72 11.56
C CYS C 417 11.53 1.55 10.60
N HIS C 418 10.30 1.19 10.21
CA HIS C 418 10.11 0.11 9.23
C HIS C 418 10.68 0.48 7.87
N THR C 419 10.30 1.65 7.35
CA THR C 419 10.79 2.08 6.04
C THR C 419 12.29 2.34 6.06
N ILE C 420 12.78 2.90 7.17
CA ILE C 420 14.22 3.16 7.30
C ILE C 420 14.99 1.84 7.30
N LEU C 421 14.46 0.82 8.00
CA LEU C 421 15.08 -0.49 7.94
C LEU C 421 14.94 -1.13 6.56
N SER C 422 13.89 -0.77 5.83
CA SER C 422 13.71 -1.31 4.48
C SER C 422 14.76 -0.76 3.51
N LYS C 423 15.50 0.26 3.91
CA LYS C 423 16.54 0.81 3.07
C LYS C 423 17.73 -0.15 3.01
N PRO C 424 18.49 -0.12 1.92
CA PRO C 424 19.68 -0.99 1.83
C PRO C 424 20.65 -0.71 2.95
N ARG C 425 21.35 -1.76 3.38
CA ARG C 425 22.14 -1.70 4.60
C ARG C 425 23.26 -0.68 4.46
N PRO C 426 23.58 0.04 5.53
CA PRO C 426 24.64 1.07 5.45
C PRO C 426 26.02 0.44 5.33
N GLY C 427 26.93 1.20 4.72
CA GLY C 427 28.33 0.84 4.65
C GLY C 427 29.23 1.93 5.19
N ARG C 428 30.49 1.88 4.77
CA ARG C 428 31.44 2.92 5.13
C ARG C 428 31.02 4.25 4.50
N GLY C 429 30.99 5.30 5.31
CA GLY C 429 30.45 6.57 4.89
C GLY C 429 28.95 6.71 5.05
N ASP C 430 28.24 5.61 5.30
CA ASP C 430 26.82 5.64 5.61
C ASP C 430 26.60 5.72 7.11
N TYR C 431 25.47 6.33 7.49
CA TYR C 431 25.04 6.36 8.88
C TYR C 431 23.54 6.10 9.04
N HIS C 432 22.83 5.81 7.94
CA HIS C 432 21.40 5.61 7.96
C HIS C 432 21.05 4.20 8.43
N GLY C 433 19.80 4.03 8.84
CA GLY C 433 19.29 2.75 9.29
C GLY C 433 18.81 2.80 10.72
N CYS C 434 18.76 1.62 11.34
CA CYS C 434 18.48 1.50 12.76
C CYS C 434 19.73 1.02 13.47
N PRO C 435 20.39 1.88 14.25
CA PRO C 435 21.68 1.48 14.83
C PRO C 435 21.61 0.26 15.74
N PHE C 436 20.42 -0.09 16.24
CA PHE C 436 20.28 -1.34 16.96
C PHE C 436 20.55 -2.53 16.05
N ARG C 437 20.53 -2.30 14.74
CA ARG C 437 20.97 -3.27 13.74
C ARG C 437 22.37 -3.00 13.22
N ASP C 438 22.62 -1.78 12.73
CA ASP C 438 23.80 -1.50 11.94
C ASP C 438 25.06 -1.35 12.78
N TRP C 439 24.93 -1.29 14.10
CA TRP C 439 26.09 -1.20 14.96
C TRP C 439 26.43 -2.56 15.53
N SER C 440 27.52 -2.61 16.28
CA SER C 440 27.87 -3.80 17.02
C SER C 440 27.32 -3.70 18.45
N HIS C 441 27.25 -4.87 19.11
CA HIS C 441 26.92 -4.86 20.53
C HIS C 441 27.97 -4.10 21.33
N GLU C 442 29.20 -4.05 20.83
CA GLU C 442 30.25 -3.27 21.48
C GLU C 442 29.93 -1.78 21.45
N ARG C 443 29.66 -1.24 20.26
CA ARG C 443 29.35 0.19 20.15
C ARG C 443 28.01 0.51 20.79
N LEU C 444 26.99 -0.34 20.56
CA LEU C 444 25.69 -0.13 21.21
C LEU C 444 25.82 -0.12 22.72
N SER C 445 26.59 -1.06 23.28
CA SER C 445 26.72 -1.14 24.74
C SER C 445 27.51 0.03 25.30
N ALA C 446 28.57 0.44 24.60
CA ALA C 446 29.31 1.62 25.06
C ALA C 446 28.44 2.87 25.04
N GLU C 447 27.62 3.01 23.99
CA GLU C 447 26.70 4.15 23.93
C GLU C 447 25.66 4.09 25.03
N LEU C 448 25.14 2.89 25.32
CA LEU C 448 24.18 2.75 26.41
C LEU C 448 24.79 3.08 27.76
N ARG C 449 26.04 2.65 27.99
CA ARG C 449 26.74 3.04 29.21
C ARG C 449 26.91 4.55 29.28
N SER C 450 27.16 5.19 28.13
CA SER C 450 27.22 6.65 28.10
C SER C 450 25.87 7.27 28.44
N MET C 451 24.80 6.47 28.38
CA MET C 451 23.46 6.97 28.68
C MET C 451 23.07 6.66 30.11
N LYS C 452 24.06 6.26 30.92
CA LYS C 452 23.91 5.94 32.33
C LYS C 452 22.96 4.78 32.58
N LEU C 453 22.99 3.76 31.73
CA LEU C 453 22.15 2.59 31.93
C LEU C 453 22.86 1.56 32.80
N THR C 454 22.09 0.75 33.52
CA THR C 454 22.65 -0.29 34.36
C THR C 454 23.16 -1.44 33.50
N GLN C 455 23.70 -2.47 34.18
CA GLN C 455 24.14 -3.66 33.46
C GLN C 455 22.97 -4.46 32.93
N ALA C 456 22.07 -4.89 33.81
CA ALA C 456 20.91 -5.69 33.40
C ALA C 456 20.11 -4.99 32.31
N GLN C 457 20.06 -3.66 32.34
CA GLN C 457 19.44 -2.93 31.23
C GLN C 457 20.18 -3.18 29.93
N ILE C 458 21.51 -3.23 29.97
CA ILE C 458 22.29 -3.50 28.77
C ILE C 458 22.02 -4.90 28.25
N ILE C 459 21.98 -5.89 29.15
CA ILE C 459 21.63 -7.25 28.71
C ILE C 459 20.24 -7.28 28.10
N SER C 460 19.28 -6.55 28.68
CA SER C 460 17.93 -6.54 28.13
C SER C 460 17.90 -5.92 26.74
N VAL C 461 18.59 -4.80 26.55
CA VAL C 461 18.59 -4.13 25.24
C VAL C 461 19.26 -5.02 24.19
N LEU C 462 20.40 -5.63 24.54
CA LEU C 462 21.08 -6.49 23.58
C LEU C 462 20.31 -7.77 23.31
N ASP C 463 19.59 -8.30 24.30
CA ASP C 463 18.73 -9.45 24.06
C ASP C 463 17.61 -9.08 23.09
N SER C 464 17.03 -7.90 23.26
CA SER C 464 16.02 -7.43 22.31
C SER C 464 16.63 -7.30 20.91
N CYS C 465 17.84 -6.76 20.81
CA CYS C 465 18.48 -6.57 19.52
C CYS C 465 18.76 -7.89 18.82
N GLN C 466 19.26 -8.87 19.58
CA GLN C 466 19.74 -10.11 18.97
C GLN C 466 18.60 -10.89 18.31
N LYS C 467 17.38 -10.71 18.79
CA LYS C 467 16.24 -11.45 18.26
C LYS C 467 15.69 -10.85 16.97
N GLY C 468 16.46 -9.99 16.29
CA GLY C 468 15.94 -9.23 15.17
C GLY C 468 14.99 -8.13 15.58
N GLU C 469 14.85 -7.88 16.88
CA GLU C 469 13.87 -6.93 17.40
C GLU C 469 14.56 -5.62 17.76
N TYR C 470 14.75 -4.78 16.75
CA TYR C 470 15.42 -3.50 16.95
C TYR C 470 14.50 -2.48 17.62
N THR C 471 13.22 -2.48 17.24
CA THR C 471 12.28 -1.49 17.73
C THR C 471 12.02 -1.63 19.22
N ILE C 472 11.93 -2.86 19.73
CA ILE C 472 11.71 -3.04 21.16
C ILE C 472 12.93 -2.57 21.93
N ALA C 473 14.13 -2.76 21.36
CA ALA C 473 15.34 -2.20 21.97
C ALA C 473 15.29 -0.67 21.99
N CYS C 474 14.76 -0.07 20.92
CA CYS C 474 14.61 1.38 20.89
C CYS C 474 13.67 1.86 21.99
N THR C 475 12.48 1.26 22.09
CA THR C 475 11.54 1.69 23.14
C THR C 475 12.07 1.36 24.53
N LYS C 476 12.86 0.28 24.63
CA LYS C 476 13.57 -0.05 25.86
C LYS C 476 14.45 1.11 26.29
N VAL C 477 15.38 1.51 25.42
CA VAL C 477 16.32 2.57 25.76
C VAL C 477 15.57 3.86 26.02
N PHE C 478 14.43 4.06 25.34
CA PHE C 478 13.59 5.21 25.66
C PHE C 478 13.14 5.18 27.12
N GLU C 479 12.50 4.08 27.52
CA GLU C 479 11.92 4.02 28.85
C GLU C 479 13.00 4.06 29.92
N MET C 480 14.21 3.66 29.59
CA MET C 480 15.29 3.67 30.58
C MET C 480 16.09 4.97 30.61
N THR C 481 16.09 5.72 29.50
CA THR C 481 16.72 7.04 29.49
C THR C 481 15.75 8.17 29.80
N HIS C 482 14.47 7.87 29.98
CA HIS C 482 13.50 8.89 30.37
C HIS C 482 12.78 8.58 31.67
N HIS C 496 4.37 0.82 21.96
CA HIS C 496 5.49 0.36 21.15
C HIS C 496 5.86 1.41 20.10
N ILE C 497 7.12 1.83 20.09
CA ILE C 497 7.59 2.90 19.21
C ILE C 497 8.39 2.30 18.07
N ALA C 498 7.90 2.47 16.85
CA ALA C 498 8.62 2.13 15.63
C ALA C 498 8.66 3.34 14.71
N HIS C 499 8.76 4.52 15.30
CA HIS C 499 8.76 5.80 14.60
C HIS C 499 9.60 6.80 15.37
N PRO C 500 10.74 7.24 14.83
CA PRO C 500 11.58 8.20 15.57
C PRO C 500 10.87 9.49 15.91
N ASN C 501 9.97 9.94 15.02
CA ASN C 501 9.24 11.17 15.29
C ASN C 501 8.34 11.05 16.52
N LEU C 502 7.65 9.92 16.67
CA LEU C 502 6.83 9.74 17.87
C LEU C 502 7.71 9.48 19.09
N TYR C 503 8.91 8.93 18.88
CA TYR C 503 9.90 8.88 19.95
C TYR C 503 10.17 10.28 20.51
N PHE C 504 10.57 11.20 19.63
CA PHE C 504 10.77 12.59 20.03
C PHE C 504 9.50 13.20 20.61
N GLU C 505 8.34 12.86 20.05
CA GLU C 505 7.09 13.44 20.51
C GLU C 505 6.79 13.03 21.94
N ARG C 506 6.90 11.75 22.25
CA ARG C 506 6.68 11.28 23.62
C ARG C 506 7.73 11.86 24.55
N SER C 507 8.99 11.94 24.10
CA SER C 507 10.03 12.49 24.95
C SER C 507 9.74 13.94 25.31
N ARG C 508 9.33 14.74 24.33
CA ARG C 508 8.97 16.13 24.61
C ARG C 508 7.72 16.21 25.49
N GLN C 509 6.76 15.32 25.25
CA GLN C 509 5.54 15.33 26.04
CA GLN C 509 5.54 15.31 26.05
C GLN C 509 5.82 15.03 27.51
N LEU C 510 6.82 14.19 27.79
CA LEU C 510 7.21 13.95 29.18
C LEU C 510 7.69 15.22 29.88
N GLN C 511 8.26 16.16 29.13
CA GLN C 511 8.67 17.45 29.70
C GLN C 511 7.56 18.49 29.66
N LYS C 512 6.40 18.15 29.09
CA LYS C 512 5.31 19.11 28.93
C LYS C 512 4.02 18.61 29.57
N ARG D 248 -15.60 -26.19 16.72
CA ARG D 248 -14.25 -26.13 17.28
C ARG D 248 -13.14 -26.20 16.23
N THR D 249 -12.34 -25.15 16.17
CA THR D 249 -11.23 -25.07 15.24
C THR D 249 -10.15 -26.08 15.64
N MET D 250 -9.11 -26.18 14.82
CA MET D 250 -8.00 -27.09 15.06
C MET D 250 -6.89 -26.33 15.80
N ARG D 251 -7.10 -26.13 17.09
CA ARG D 251 -6.18 -25.35 17.90
C ARG D 251 -5.86 -26.10 19.19
N GLN D 252 -4.58 -26.07 19.54
CA GLN D 252 -4.07 -26.73 20.73
C GLN D 252 -3.45 -25.68 21.65
N ASN D 253 -4.07 -25.49 22.82
CA ASN D 253 -3.60 -24.52 23.79
C ASN D 253 -3.12 -25.26 25.02
N LEU D 254 -1.88 -24.95 25.44
CA LEU D 254 -1.29 -25.64 26.58
C LEU D 254 -2.01 -25.29 27.88
N GLN D 255 -2.39 -24.03 28.05
CA GLN D 255 -2.95 -23.60 29.32
C GLN D 255 -4.35 -24.15 29.54
N GLU D 256 -5.17 -24.19 28.50
CA GLU D 256 -6.51 -24.75 28.64
C GLU D 256 -6.46 -26.24 28.95
N ALA D 257 -5.52 -26.96 28.31
CA ALA D 257 -5.32 -28.36 28.63
C ALA D 257 -4.91 -28.53 30.09
N SER D 258 -4.00 -27.67 30.56
CA SER D 258 -3.62 -27.72 31.97
C SER D 258 -4.83 -27.48 32.86
N ASP D 259 -5.71 -26.57 32.46
CA ASP D 259 -6.93 -26.31 33.22
C ASP D 259 -7.79 -27.57 33.32
N VAL D 260 -7.95 -28.26 32.19
CA VAL D 260 -8.80 -29.47 32.19
C VAL D 260 -8.18 -30.55 33.08
N LEU D 261 -6.86 -30.70 33.03
CA LEU D 261 -6.23 -31.73 33.85
C LEU D 261 -6.31 -31.39 35.34
N ASP D 262 -6.20 -30.10 35.69
CA ASP D 262 -6.46 -29.72 37.08
C ASP D 262 -7.90 -30.03 37.47
N ASP D 263 -8.84 -29.78 36.55
N ASP D 263 -8.83 -29.76 36.55
CA ASP D 263 -10.25 -29.99 36.88
CA ASP D 263 -10.24 -30.00 36.82
C ASP D 263 -10.56 -31.46 37.12
C ASP D 263 -10.53 -31.45 37.12
N GLN D 264 -9.94 -32.37 36.37
CA GLN D 264 -10.18 -33.79 36.62
C GLN D 264 -9.74 -34.20 38.02
N ILE D 265 -8.56 -33.75 38.44
CA ILE D 265 -8.08 -34.05 39.78
C ILE D 265 -9.04 -33.48 40.82
N GLU D 266 -9.46 -32.21 40.63
CA GLU D 266 -10.35 -31.59 41.59
C GLU D 266 -11.66 -32.36 41.71
N SER D 267 -12.25 -32.72 40.57
CA SER D 267 -13.56 -33.38 40.57
C SER D 267 -13.48 -34.76 41.19
N PHE D 268 -12.44 -35.52 40.87
CA PHE D 268 -12.34 -36.85 41.47
C PHE D 268 -11.95 -36.78 42.93
N THR D 269 -11.22 -35.74 43.34
CA THR D 269 -10.97 -35.55 44.77
C THR D 269 -12.27 -35.29 45.51
N LYS D 270 -13.14 -34.45 44.94
CA LYS D 270 -14.45 -34.21 45.56
C LYS D 270 -15.29 -35.48 45.57
N ILE D 271 -15.24 -36.27 44.49
CA ILE D 271 -15.99 -37.52 44.44
C ILE D 271 -15.51 -38.47 45.51
N ILE D 272 -14.18 -38.57 45.68
CA ILE D 272 -13.62 -39.39 46.74
C ILE D 272 -14.08 -38.90 48.11
N GLN D 273 -14.00 -37.59 48.34
CA GLN D 273 -14.36 -37.04 49.64
C GLN D 273 -15.84 -37.22 49.93
N ASN D 274 -16.67 -37.26 48.89
CA ASN D 274 -18.09 -37.44 49.08
C ASN D 274 -18.45 -38.90 49.35
N HIS D 275 -17.99 -39.80 48.48
CA HIS D 275 -18.37 -41.21 48.64
C HIS D 275 -17.73 -41.81 49.88
N TYR D 276 -16.55 -41.35 50.25
CA TYR D 276 -15.90 -41.79 51.47
C TYR D 276 -16.13 -40.86 52.65
N LYS D 277 -16.90 -39.79 52.47
CA LYS D 277 -17.35 -38.94 53.57
C LYS D 277 -16.18 -38.35 54.34
N LEU D 278 -15.15 -37.95 53.61
CA LEU D 278 -13.94 -37.39 54.20
C LEU D 278 -13.93 -35.87 54.06
N SER D 279 -13.26 -35.21 55.03
CA SER D 279 -13.15 -33.76 55.14
C SER D 279 -11.89 -33.25 54.44
N PRO D 280 -11.93 -32.03 53.93
CA PRO D 280 -10.75 -31.48 53.25
C PRO D 280 -9.50 -31.42 54.11
N ASN D 281 -9.64 -31.17 55.41
CA ASN D 281 -8.48 -31.09 56.29
C ASN D 281 -7.70 -32.40 56.34
N ASP D 282 -8.37 -33.53 56.11
CA ASP D 282 -7.68 -34.81 56.09
C ASP D 282 -6.89 -35.03 54.80
N PHE D 283 -7.07 -34.16 53.81
CA PHE D 283 -6.27 -34.15 52.60
C PHE D 283 -5.25 -33.01 52.69
N ALA D 284 -4.04 -33.26 52.22
CA ALA D 284 -2.97 -32.27 52.30
C ALA D 284 -2.07 -32.40 51.09
N ASP D 285 -0.90 -31.76 51.16
CA ASP D 285 0.08 -31.80 50.10
C ASP D 285 0.97 -33.04 50.26
N PRO D 286 1.01 -33.93 49.28
CA PRO D 286 1.83 -35.13 49.40
C PRO D 286 3.27 -34.96 48.97
N THR D 287 3.62 -33.86 48.31
CA THR D 287 4.99 -33.68 47.86
C THR D 287 5.91 -33.20 48.97
N ILE D 288 5.37 -32.65 50.06
CA ILE D 288 6.18 -32.04 51.11
C ILE D 288 6.37 -33.06 52.22
N GLN D 289 7.39 -32.81 53.04
CA GLN D 289 7.61 -33.61 54.23
C GLN D 289 6.50 -33.38 55.23
N SER D 290 5.95 -34.47 55.77
CA SER D 290 4.95 -34.40 56.81
C SER D 290 5.14 -35.57 57.76
N GLN D 291 5.03 -35.27 59.06
CA GLN D 291 5.17 -36.30 60.08
C GLN D 291 3.88 -37.05 60.35
N SER D 292 2.81 -36.72 59.63
CA SER D 292 1.50 -37.33 59.82
C SER D 292 0.96 -37.86 58.51
N GLU D 293 0.17 -38.93 58.60
CA GLU D 293 -0.49 -39.48 57.43
C GLU D 293 -1.54 -38.51 56.88
N ILE D 294 -1.69 -38.51 55.55
CA ILE D 294 -2.66 -37.66 54.88
C ILE D 294 -3.32 -38.44 53.75
N TYR D 295 -4.42 -37.88 53.25
CA TYR D 295 -5.02 -38.33 52.00
C TYR D 295 -4.45 -37.51 50.84
N ALA D 296 -4.11 -38.20 49.76
CA ALA D 296 -3.56 -37.55 48.58
C ALA D 296 -4.24 -38.11 47.34
N VAL D 297 -4.61 -37.21 46.43
CA VAL D 297 -5.27 -37.59 45.19
C VAL D 297 -4.54 -36.91 44.04
N GLY D 298 -4.23 -37.68 43.00
CA GLY D 298 -3.55 -37.12 41.86
C GLY D 298 -3.47 -38.09 40.71
N ARG D 299 -2.76 -37.67 39.66
CA ARG D 299 -2.56 -38.45 38.46
C ARG D 299 -1.24 -39.20 38.55
N ILE D 300 -1.08 -40.21 37.69
CA ILE D 300 0.13 -41.01 37.71
C ILE D 300 0.99 -40.66 36.50
N VAL D 301 2.22 -40.25 36.75
CA VAL D 301 3.13 -39.82 35.68
C VAL D 301 4.49 -40.43 35.94
N PRO D 302 5.31 -40.59 34.90
CA PRO D 302 6.68 -41.07 35.11
C PRO D 302 7.51 -40.06 35.89
N ASP D 303 8.46 -40.58 36.65
CA ASP D 303 9.34 -39.73 37.44
C ASP D 303 10.25 -38.86 36.58
N SER D 304 10.38 -39.17 35.29
CA SER D 304 11.16 -38.40 34.36
C SER D 304 10.32 -38.07 33.13
N PRO D 305 10.24 -36.78 32.75
CA PRO D 305 9.48 -36.44 31.54
C PRO D 305 10.04 -37.08 30.28
N THR D 306 11.32 -37.42 30.25
CA THR D 306 11.91 -38.23 29.20
C THR D 306 12.13 -39.62 29.78
N TYR D 307 11.15 -40.49 29.54
CA TYR D 307 11.04 -41.77 30.24
C TYR D 307 11.05 -42.92 29.26
N ASP D 308 11.57 -44.05 29.73
CA ASP D 308 11.61 -45.27 28.92
C ASP D 308 10.20 -45.71 28.52
N LYS D 309 10.13 -46.58 27.52
CA LYS D 309 8.85 -47.11 27.09
C LYS D 309 8.19 -47.91 28.20
N PHE D 310 8.98 -48.71 28.92
CA PHE D 310 8.45 -49.65 29.91
C PHE D 310 8.56 -49.01 31.29
N LEU D 311 7.63 -49.38 32.18
CA LEU D 311 7.61 -48.82 33.52
C LEU D 311 7.54 -49.93 34.57
N ASN D 312 7.98 -49.59 35.77
CA ASN D 312 8.03 -50.50 36.90
C ASN D 312 7.43 -49.82 38.13
N PRO D 313 7.05 -50.55 39.17
CA PRO D 313 6.49 -49.90 40.36
C PRO D 313 7.50 -49.10 41.17
N GLU D 314 8.78 -49.13 40.81
CA GLU D 314 9.79 -48.33 41.47
C GLU D 314 10.11 -47.03 40.73
N SER D 315 9.38 -46.73 39.65
CA SER D 315 9.59 -45.53 38.87
C SER D 315 8.26 -44.90 38.46
N LEU D 316 7.34 -44.80 39.41
CA LEU D 316 6.06 -44.13 39.18
C LEU D 316 5.89 -42.99 40.18
N SER D 317 5.33 -41.88 39.70
CA SER D 317 5.18 -40.68 40.50
C SER D 317 3.73 -40.21 40.47
N LEU D 318 3.40 -39.34 41.43
CA LEU D 318 2.07 -38.77 41.56
C LEU D 318 2.16 -37.26 41.38
N GLU D 319 1.31 -36.71 40.50
CA GLU D 319 1.22 -35.27 40.31
C GLU D 319 0.02 -34.73 41.06
N THR D 320 0.19 -33.55 41.66
CA THR D 320 -0.86 -32.91 42.45
C THR D 320 -1.64 -31.91 41.61
N SER D 321 -2.84 -31.58 42.08
CA SER D 321 -3.63 -30.51 41.49
C SER D 321 -2.96 -29.17 41.74
N ARG D 322 -3.55 -28.12 41.16
CA ARG D 322 -3.01 -26.78 41.36
C ARG D 322 -3.08 -26.35 42.82
N MET D 323 -4.21 -26.60 43.48
CA MET D 323 -4.34 -26.13 44.86
C MET D 323 -3.84 -27.16 45.87
N GLY D 324 -3.79 -28.44 45.48
CA GLY D 324 -3.36 -29.46 46.41
C GLY D 324 -1.88 -29.35 46.76
N GLY D 325 -1.01 -29.60 45.78
CA GLY D 325 0.42 -29.56 46.02
C GLY D 325 1.16 -28.61 45.12
N VAL D 326 0.47 -27.59 44.62
CA VAL D 326 1.06 -26.55 43.76
C VAL D 326 1.65 -27.27 42.54
N GLY D 327 0.94 -28.30 42.08
CA GLY D 327 1.35 -29.02 40.89
C GLY D 327 2.70 -29.69 40.98
N ARG D 328 3.22 -29.92 42.18
CA ARG D 328 4.51 -30.56 42.31
C ARG D 328 4.36 -32.08 42.33
N ARG D 329 5.08 -32.75 41.44
CA ARG D 329 5.04 -34.19 41.31
C ARG D 329 5.94 -34.83 42.37
N VAL D 330 5.40 -35.85 43.04
CA VAL D 330 6.13 -36.56 44.08
C VAL D 330 6.25 -38.03 43.66
N ARG D 331 7.43 -38.58 43.83
CA ARG D 331 7.65 -39.98 43.51
C ARG D 331 6.85 -40.87 44.45
N LEU D 332 6.65 -42.12 44.06
CA LEU D 332 5.84 -43.07 44.81
C LEU D 332 6.68 -44.27 45.23
N ASP D 333 6.49 -44.72 46.46
CA ASP D 333 7.14 -45.92 46.98
C ASP D 333 6.05 -46.98 47.16
N LEU D 334 5.97 -47.90 46.21
CA LEU D 334 4.92 -48.90 46.17
C LEU D 334 5.31 -50.21 46.86
N SER D 335 6.49 -50.24 47.50
CA SER D 335 6.97 -51.47 48.11
C SER D 335 6.04 -52.01 49.19
N GLN D 336 5.35 -51.12 49.91
CA GLN D 336 4.42 -51.54 50.95
C GLN D 336 3.19 -52.26 50.38
N VAL D 337 2.65 -51.76 49.28
CA VAL D 337 1.41 -52.29 48.70
C VAL D 337 1.81 -53.43 47.77
N ASN D 338 1.29 -54.62 48.05
CA ASN D 338 1.55 -55.78 47.21
C ASN D 338 0.75 -55.78 45.92
N GLU D 339 -0.48 -55.28 45.93
CA GLU D 339 -1.38 -55.41 44.79
C GLU D 339 -1.73 -54.03 44.26
N LEU D 340 -1.45 -53.80 42.98
CA LEU D 340 -1.73 -52.50 42.38
C LEU D 340 -1.87 -52.66 40.88
N SER D 341 -2.68 -51.80 40.28
CA SER D 341 -2.90 -51.77 38.85
C SER D 341 -2.88 -50.33 38.40
N PHE D 342 -1.70 -49.84 38.01
CA PHE D 342 -1.50 -48.44 37.66
C PHE D 342 -1.15 -48.29 36.19
N PHE D 343 -1.52 -47.14 35.64
CA PHE D 343 -1.21 -46.79 34.27
C PHE D 343 -1.37 -45.29 34.09
N LEU D 344 -1.00 -44.81 32.91
CA LEU D 344 -0.89 -43.37 32.69
C LEU D 344 -2.25 -42.75 32.48
N GLY D 345 -2.47 -41.59 33.10
CA GLY D 345 -3.68 -40.83 32.94
C GLY D 345 -4.77 -41.15 33.92
N GLN D 346 -4.64 -42.22 34.70
CA GLN D 346 -5.66 -42.56 35.67
C GLN D 346 -5.66 -41.54 36.80
N ILE D 347 -6.58 -41.72 37.74
CA ILE D 347 -6.49 -41.05 39.03
C ILE D 347 -6.69 -42.07 40.13
N VAL D 348 -5.84 -42.00 41.16
CA VAL D 348 -5.90 -42.92 42.29
C VAL D 348 -5.79 -42.13 43.58
N ALA D 349 -6.36 -42.70 44.64
CA ALA D 349 -6.37 -42.07 45.95
C ALA D 349 -5.48 -42.86 46.90
N PHE D 350 -4.49 -42.19 47.47
CA PHE D 350 -3.53 -42.85 48.33
C PHE D 350 -3.71 -42.40 49.78
N LYS D 351 -3.67 -43.38 50.66
CA LYS D 351 -3.30 -43.20 52.05
C LYS D 351 -1.82 -43.55 52.21
N GLY D 352 -1.11 -42.74 52.98
CA GLY D 352 0.31 -42.96 53.15
C GLY D 352 0.92 -41.79 53.88
N LYS D 353 2.23 -41.62 53.72
CA LYS D 353 2.91 -40.51 54.35
C LYS D 353 4.22 -40.25 53.62
N ASN D 354 4.65 -38.99 53.65
CA ASN D 354 5.92 -38.60 53.03
C ASN D 354 6.96 -38.56 54.13
N ALA D 355 7.73 -39.65 54.24
CA ALA D 355 8.67 -39.78 55.35
C ALA D 355 9.86 -38.84 55.19
N ASN D 356 10.47 -38.79 54.00
CA ASN D 356 11.73 -38.10 53.82
C ASN D 356 11.63 -36.82 52.99
N GLY D 357 10.60 -36.66 52.16
CA GLY D 357 10.42 -35.48 51.33
C GLY D 357 10.40 -35.78 49.84
N ASP D 358 11.26 -36.67 49.36
CA ASP D 358 11.35 -36.99 47.95
C ASP D 358 10.53 -38.20 47.55
N TYR D 359 9.74 -38.76 48.45
CA TYR D 359 8.95 -39.94 48.15
C TYR D 359 7.67 -39.92 48.99
N PHE D 360 6.56 -40.27 48.35
CA PHE D 360 5.30 -40.45 49.05
C PHE D 360 4.99 -41.95 49.12
N THR D 361 5.13 -42.51 50.31
CA THR D 361 4.92 -43.94 50.52
C THR D 361 3.42 -44.24 50.47
N VAL D 362 3.05 -45.26 49.71
CA VAL D 362 1.65 -45.64 49.59
C VAL D 362 1.32 -46.67 50.66
N ASN D 363 0.53 -46.26 51.65
CA ASN D 363 0.11 -47.19 52.69
C ASN D 363 -1.07 -48.05 52.25
N SER D 364 -2.02 -47.46 51.54
CA SER D 364 -3.15 -48.21 51.01
C SER D 364 -3.73 -47.44 49.83
N ILE D 365 -4.51 -48.15 49.02
CA ILE D 365 -5.17 -47.56 47.87
C ILE D 365 -6.66 -47.46 48.17
N LEU D 366 -7.23 -46.29 47.92
CA LEU D 366 -8.67 -46.10 48.05
C LEU D 366 -9.31 -46.41 46.70
N PRO D 367 -9.93 -47.57 46.54
CA PRO D 367 -10.51 -47.90 45.23
C PRO D 367 -11.58 -46.91 44.84
N LEU D 368 -11.57 -46.52 43.57
CA LEU D 368 -12.53 -45.56 43.08
C LEU D 368 -13.92 -46.20 42.99
N PRO D 369 -14.94 -45.57 43.55
CA PRO D 369 -16.28 -46.14 43.49
C PRO D 369 -16.78 -46.26 42.06
N TYR D 370 -17.46 -47.37 41.80
CA TYR D 370 -18.02 -47.58 40.47
C TYR D 370 -19.23 -46.69 40.27
N PRO D 371 -19.35 -46.04 39.12
CA PRO D 371 -20.42 -45.07 38.92
C PRO D 371 -21.79 -45.72 38.93
N ASN D 372 -22.79 -44.90 39.23
CA ASN D 372 -24.16 -45.36 39.36
C ASN D 372 -24.67 -45.91 38.03
N SER D 373 -25.43 -46.97 38.12
CA SER D 373 -26.03 -47.36 36.85
C SER D 373 -27.33 -46.57 36.62
N PRO D 374 -27.71 -46.33 35.37
CA PRO D 374 -28.91 -45.52 35.12
C PRO D 374 -30.17 -46.27 35.49
N VAL D 375 -31.25 -45.51 35.65
CA VAL D 375 -32.56 -46.06 36.02
C VAL D 375 -33.59 -45.55 35.02
N SER D 376 -34.80 -46.12 35.11
CA SER D 376 -35.94 -45.68 34.32
C SER D 376 -37.21 -45.92 35.12
N THR D 377 -38.24 -45.15 34.79
CA THR D 377 -39.52 -45.27 35.49
C THR D 377 -40.34 -46.41 34.91
N SER D 378 -41.40 -46.77 35.65
CA SER D 378 -42.24 -47.88 35.23
C SER D 378 -42.94 -47.59 33.89
N GLN D 379 -43.45 -46.36 33.73
CA GLN D 379 -44.20 -46.04 32.52
C GLN D 379 -43.32 -46.10 31.28
N GLU D 380 -42.10 -45.59 31.37
CA GLU D 380 -41.20 -45.64 30.21
C GLU D 380 -40.84 -47.07 29.86
N LEU D 381 -40.59 -47.91 30.86
CA LEU D 381 -40.32 -49.32 30.59
C LEU D 381 -41.52 -50.00 29.95
N GLN D 382 -42.74 -49.68 30.39
CA GLN D 382 -43.92 -50.25 29.76
C GLN D 382 -44.05 -49.78 28.31
N GLU D 383 -43.72 -48.51 28.05
CA GLU D 383 -43.74 -48.01 26.68
C GLU D 383 -42.73 -48.75 25.81
N PHE D 384 -41.56 -49.04 26.36
CA PHE D 384 -40.57 -49.83 25.62
C PHE D 384 -41.09 -51.24 25.37
N GLN D 385 -41.81 -51.80 26.34
CA GLN D 385 -42.45 -53.09 26.15
C GLN D 385 -43.41 -53.05 24.97
N ALA D 386 -44.22 -51.99 24.88
CA ALA D 386 -45.14 -51.83 23.77
C ALA D 386 -44.38 -51.65 22.46
N ASN D 387 -43.26 -50.93 22.49
CA ASN D 387 -42.46 -50.73 21.30
C ASN D 387 -41.92 -52.06 20.78
N LEU D 388 -41.46 -52.92 21.68
CA LEU D 388 -40.97 -54.24 21.29
C LEU D 388 -42.07 -55.28 21.14
N GLU D 389 -43.30 -54.96 21.56
CA GLU D 389 -44.47 -55.80 21.30
C GLU D 389 -44.30 -57.22 21.84
N GLY D 390 -43.62 -57.32 22.98
CA GLY D 390 -43.34 -58.62 23.56
C GLY D 390 -42.08 -59.26 23.00
N SER D 391 -41.75 -58.91 21.76
CA SER D 391 -40.55 -59.45 21.10
C SER D 391 -39.29 -58.86 21.71
N SER D 392 -38.15 -59.51 21.47
CA SER D 392 -36.88 -59.05 21.99
C SER D 392 -36.26 -58.01 21.05
N LEU D 393 -35.27 -57.30 21.57
CA LEU D 393 -34.59 -56.27 20.80
C LEU D 393 -33.32 -56.84 20.17
N LYS D 394 -33.08 -56.50 18.91
CA LYS D 394 -31.91 -56.96 18.18
C LYS D 394 -31.09 -55.75 17.75
N VAL D 395 -29.85 -55.67 18.26
CA VAL D 395 -28.91 -54.63 17.86
C VAL D 395 -27.67 -55.29 17.30
N ILE D 396 -27.30 -54.94 16.07
CA ILE D 396 -26.15 -55.51 15.38
C ILE D 396 -25.04 -54.47 15.39
N VAL D 397 -23.81 -54.90 15.70
CA VAL D 397 -22.69 -54.00 15.91
C VAL D 397 -21.52 -54.44 15.06
N THR D 398 -20.98 -53.52 14.26
CA THR D 398 -19.84 -53.78 13.40
C THR D 398 -18.83 -52.64 13.51
N CYS D 399 -17.59 -52.92 13.09
N CYS D 399 -17.60 -52.93 13.08
CA CYS D 399 -16.53 -51.92 13.10
CA CYS D 399 -16.51 -51.96 13.10
C CYS D 399 -15.72 -52.03 11.82
C CYS D 399 -15.78 -52.00 11.76
N GLY D 400 -15.05 -50.94 11.46
CA GLY D 400 -14.22 -50.90 10.27
C GLY D 400 -12.81 -51.39 10.54
N PRO D 401 -11.99 -51.47 9.48
CA PRO D 401 -12.28 -51.21 8.07
C PRO D 401 -13.09 -52.35 7.45
N TYR D 402 -13.61 -52.17 6.23
CA TYR D 402 -14.50 -53.16 5.63
C TYR D 402 -13.98 -53.80 4.36
N PHE D 403 -12.74 -53.50 3.94
CA PHE D 403 -12.12 -54.16 2.81
C PHE D 403 -10.64 -54.42 3.10
N ALA D 404 -10.07 -55.36 2.35
CA ALA D 404 -8.74 -55.86 2.65
C ALA D 404 -7.67 -54.84 2.26
N ASN D 405 -6.43 -55.17 2.65
CA ASN D 405 -5.29 -54.30 2.43
C ASN D 405 -4.94 -54.16 0.96
N ASP D 406 -5.23 -55.15 0.13
CA ASP D 406 -4.77 -55.15 -1.26
C ASP D 406 -5.91 -55.12 -2.27
N ASN D 407 -7.15 -55.35 -1.87
CA ASN D 407 -8.24 -55.30 -2.83
C ASN D 407 -9.39 -54.50 -2.22
N PHE D 408 -10.35 -54.14 -3.08
CA PHE D 408 -11.43 -53.23 -2.70
C PHE D 408 -12.78 -53.89 -2.94
N SER D 409 -12.82 -55.21 -2.78
CA SER D 409 -14.05 -55.99 -2.93
C SER D 409 -14.85 -55.97 -1.64
N LEU D 410 -16.13 -55.62 -1.73
CA LEU D 410 -16.99 -55.50 -0.57
C LEU D 410 -18.04 -56.60 -0.51
N GLU D 411 -17.70 -57.79 -1.02
CA GLU D 411 -18.66 -58.89 -1.05
C GLU D 411 -19.07 -59.32 0.35
N LEU D 412 -18.13 -59.33 1.29
CA LEU D 412 -18.46 -59.68 2.67
C LEU D 412 -19.45 -58.68 3.26
N LEU D 413 -19.24 -57.39 3.02
CA LEU D 413 -20.17 -56.37 3.51
C LEU D 413 -21.54 -56.54 2.88
N GLN D 414 -21.59 -56.84 1.59
CA GLN D 414 -22.87 -57.05 0.91
C GLN D 414 -23.60 -58.25 1.48
N GLU D 415 -22.87 -59.34 1.75
CA GLU D 415 -23.48 -60.53 2.34
C GLU D 415 -24.03 -60.20 3.73
N PHE D 416 -23.27 -59.43 4.51
CA PHE D 416 -23.73 -59.02 5.83
C PHE D 416 -25.02 -58.21 5.73
N ILE D 417 -25.06 -57.27 4.78
CA ILE D 417 -26.25 -56.43 4.64
C ILE D 417 -27.46 -57.26 4.22
N ASP D 418 -27.25 -58.20 3.30
CA ASP D 418 -28.32 -59.10 2.90
C ASP D 418 -28.81 -59.88 4.10
N SER D 419 -27.89 -60.39 4.93
CA SER D 419 -28.28 -61.16 6.10
C SER D 419 -29.11 -60.32 7.06
N ILE D 420 -28.64 -59.11 7.38
CA ILE D 420 -29.36 -58.31 8.36
C ILE D 420 -30.70 -57.85 7.78
N ASN D 421 -30.79 -57.71 6.47
CA ASN D 421 -32.06 -57.30 5.87
C ASN D 421 -33.08 -58.43 5.88
N ASN D 422 -32.63 -59.67 5.64
CA ASN D 422 -33.57 -60.76 5.39
C ASN D 422 -33.78 -61.72 6.55
N GLU D 423 -32.75 -61.98 7.38
CA GLU D 423 -32.87 -63.02 8.39
C GLU D 423 -32.90 -62.45 9.80
N VAL D 424 -31.86 -61.68 10.16
CA VAL D 424 -31.76 -61.16 11.51
C VAL D 424 -32.87 -60.15 11.79
N LYS D 425 -33.11 -59.24 10.84
CA LYS D 425 -34.09 -58.17 10.97
C LYS D 425 -33.86 -57.38 12.26
N PRO D 426 -32.77 -56.64 12.36
CA PRO D 426 -32.47 -55.94 13.62
C PRO D 426 -33.13 -54.57 13.69
N HIS D 427 -33.47 -54.17 14.91
CA HIS D 427 -33.99 -52.83 15.15
C HIS D 427 -32.93 -51.77 14.95
N VAL D 428 -31.69 -52.03 15.37
CA VAL D 428 -30.61 -51.05 15.32
C VAL D 428 -29.37 -51.73 14.76
N LEU D 429 -28.67 -51.03 13.86
CA LEU D 429 -27.39 -51.48 13.33
C LEU D 429 -26.35 -50.41 13.63
N ILE D 430 -25.14 -50.84 14.02
CA ILE D 430 -24.07 -49.94 14.42
C ILE D 430 -22.86 -50.22 13.56
N MET D 431 -22.24 -49.16 13.04
CA MET D 431 -21.01 -49.26 12.25
C MET D 431 -20.07 -48.12 12.64
N PHE D 432 -18.92 -48.48 13.20
CA PHE D 432 -17.88 -47.52 13.52
C PHE D 432 -16.97 -47.31 12.33
N GLY D 433 -16.25 -46.19 12.33
CA GLY D 433 -15.22 -45.96 11.35
C GLY D 433 -13.89 -46.54 11.81
N PRO D 434 -12.87 -46.38 10.97
CA PRO D 434 -12.87 -45.75 9.64
C PRO D 434 -13.40 -46.67 8.56
N PHE D 435 -14.12 -46.12 7.57
CA PHE D 435 -14.60 -46.91 6.44
C PHE D 435 -13.51 -47.03 5.37
N ILE D 436 -13.00 -45.90 4.91
CA ILE D 436 -11.85 -45.85 4.02
C ILE D 436 -10.69 -45.30 4.84
N ASP D 437 -9.86 -46.20 5.36
CA ASP D 437 -8.78 -45.82 6.26
C ASP D 437 -7.74 -45.01 5.49
N ILE D 438 -6.95 -44.22 6.21
CA ILE D 438 -5.91 -43.43 5.55
C ILE D 438 -4.53 -43.94 5.95
N THR D 439 -4.47 -44.89 6.88
CA THR D 439 -3.29 -45.73 7.03
C THR D 439 -3.37 -46.95 6.12
N HIS D 440 -4.39 -47.02 5.28
CA HIS D 440 -4.53 -48.08 4.31
C HIS D 440 -3.33 -48.06 3.36
N PRO D 441 -2.63 -49.19 3.20
CA PRO D 441 -1.34 -49.16 2.47
C PRO D 441 -1.44 -48.68 1.03
N LEU D 442 -2.51 -49.05 0.31
CA LEU D 442 -2.59 -48.66 -1.10
C LEU D 442 -2.84 -47.17 -1.25
N ILE D 443 -3.77 -46.62 -0.47
CA ILE D 443 -4.04 -45.18 -0.54
C ILE D 443 -2.86 -44.40 0.02
N ALA D 444 -2.14 -44.99 0.98
CA ALA D 444 -0.91 -44.38 1.46
C ALA D 444 0.14 -44.28 0.36
N SER D 445 0.31 -45.36 -0.41
CA SER D 445 1.28 -45.37 -1.49
C SER D 445 0.66 -45.00 -2.83
N GLY D 446 -0.54 -44.45 -2.85
CA GLY D 446 -1.14 -43.97 -4.07
C GLY D 446 -1.51 -45.02 -5.09
N LYS D 447 -1.15 -46.28 -4.87
CA LYS D 447 -1.51 -47.35 -5.80
C LYS D 447 -3.02 -47.55 -5.75
N LEU D 448 -3.72 -46.67 -6.46
CA LEU D 448 -5.17 -46.71 -6.51
C LEU D 448 -5.64 -46.77 -7.96
N PRO D 449 -6.17 -47.91 -8.39
CA PRO D 449 -6.52 -48.10 -9.81
C PRO D 449 -7.94 -47.66 -10.13
N ASN D 450 -8.20 -47.59 -11.43
CA ASN D 450 -9.51 -47.17 -11.93
C ASN D 450 -10.58 -48.14 -11.46
N PHE D 451 -11.78 -47.63 -11.25
CA PHE D 451 -12.92 -48.49 -10.94
C PHE D 451 -13.84 -48.57 -12.14
N PRO D 452 -13.85 -49.68 -12.88
CA PRO D 452 -14.79 -49.81 -14.00
C PRO D 452 -16.24 -49.85 -13.57
N GLN D 453 -16.51 -50.14 -12.31
CA GLN D 453 -17.87 -50.10 -11.77
C GLN D 453 -18.33 -48.68 -11.44
N PHE D 454 -17.53 -47.67 -11.76
CA PHE D 454 -17.99 -46.29 -11.75
C PHE D 454 -18.02 -45.77 -13.18
N LYS D 455 -19.16 -45.22 -13.58
CA LYS D 455 -19.24 -44.61 -14.91
C LYS D 455 -18.25 -43.46 -15.05
N THR D 456 -18.29 -42.52 -14.11
CA THR D 456 -17.33 -41.43 -14.05
C THR D 456 -16.42 -41.70 -12.86
N GLN D 457 -15.11 -41.76 -13.12
CA GLN D 457 -14.18 -42.07 -12.05
C GLN D 457 -14.24 -40.96 -11.00
N PRO D 458 -14.03 -41.29 -9.73
CA PRO D 458 -14.02 -40.26 -8.69
C PRO D 458 -12.81 -39.35 -8.85
N LYS D 459 -12.66 -38.44 -7.89
CA LYS D 459 -11.48 -37.58 -7.86
C LYS D 459 -10.86 -37.45 -6.47
N THR D 460 -11.64 -37.64 -5.41
CA THR D 460 -11.14 -37.58 -4.04
C THR D 460 -11.67 -38.78 -3.28
N LEU D 461 -11.21 -38.94 -2.05
CA LEU D 461 -11.75 -40.01 -1.22
C LEU D 461 -13.20 -39.75 -0.83
N ASP D 462 -13.64 -38.49 -0.88
CA ASP D 462 -15.06 -38.20 -0.64
C ASP D 462 -15.93 -38.80 -1.74
N GLU D 463 -15.59 -38.50 -3.01
CA GLU D 463 -16.32 -39.11 -4.11
C GLU D 463 -16.07 -40.60 -4.20
N LEU D 464 -14.89 -41.05 -3.76
CA LEU D 464 -14.65 -42.49 -3.70
C LEU D 464 -15.64 -43.15 -2.76
N PHE D 465 -15.89 -42.54 -1.61
CA PHE D 465 -16.96 -42.99 -0.74
C PHE D 465 -18.30 -42.95 -1.45
N LEU D 466 -18.63 -41.80 -2.05
CA LEU D 466 -19.97 -41.59 -2.61
C LEU D 466 -20.31 -42.62 -3.67
N LYS D 467 -19.34 -42.99 -4.50
CA LYS D 467 -19.61 -43.99 -5.53
C LYS D 467 -19.39 -45.41 -5.06
N LEU D 468 -18.55 -45.63 -4.04
CA LEU D 468 -18.21 -46.95 -3.55
C LEU D 468 -19.10 -47.40 -2.40
N PHE D 469 -19.28 -46.56 -1.38
CA PHE D 469 -19.96 -47.00 -0.17
C PHE D 469 -21.42 -46.57 -0.15
N THR D 470 -21.75 -45.38 -0.65
CA THR D 470 -23.13 -44.93 -0.58
C THR D 470 -24.10 -45.86 -1.32
N PRO D 471 -23.91 -46.24 -2.62
CA PRO D 471 -24.59 -47.52 -3.19
C PRO D 471 -24.78 -48.68 -2.26
N ILE D 472 -23.69 -49.15 -1.61
CA ILE D 472 -23.83 -50.32 -0.75
C ILE D 472 -24.63 -49.99 0.49
N LEU D 473 -24.40 -48.83 1.11
CA LEU D 473 -25.11 -48.52 2.34
C LEU D 473 -26.59 -48.24 2.08
N LYS D 474 -26.94 -47.91 0.85
CA LYS D 474 -28.32 -47.59 0.53
C LYS D 474 -29.19 -48.83 0.48
N THR D 475 -28.59 -50.02 0.56
CA THR D 475 -29.31 -51.28 0.51
C THR D 475 -29.76 -51.78 1.87
N ILE D 476 -29.31 -51.15 2.96
CA ILE D 476 -29.76 -51.55 4.28
C ILE D 476 -31.23 -51.21 4.44
N SER D 477 -31.99 -52.12 5.02
CA SER D 477 -33.44 -52.02 5.03
C SER D 477 -33.89 -50.77 5.80
N PRO D 478 -34.92 -50.08 5.33
CA PRO D 478 -35.40 -48.88 6.05
C PRO D 478 -35.86 -49.18 7.46
N HIS D 479 -36.39 -50.37 7.73
CA HIS D 479 -36.79 -50.73 9.08
C HIS D 479 -35.60 -50.86 10.02
N ILE D 480 -34.38 -50.88 9.48
CA ILE D 480 -33.16 -50.97 10.28
C ILE D 480 -32.62 -49.56 10.45
N GLN D 481 -32.83 -48.97 11.63
CA GLN D 481 -32.21 -47.69 11.94
C GLN D 481 -30.72 -47.91 12.18
N THR D 482 -29.90 -47.18 11.43
CA THR D 482 -28.46 -47.40 11.41
C THR D 482 -27.74 -46.12 11.81
N VAL D 483 -26.74 -46.26 12.68
CA VAL D 483 -25.95 -45.13 13.17
C VAL D 483 -24.60 -45.15 12.46
N LEU D 484 -23.98 -43.98 12.33
CA LEU D 484 -22.64 -43.86 11.79
C LEU D 484 -21.72 -43.26 12.84
N ILE D 485 -20.54 -43.85 12.99
CA ILE D 485 -19.57 -43.38 13.96
C ILE D 485 -18.22 -43.19 13.26
N PRO D 486 -17.62 -42.00 13.33
CA PRO D 486 -16.30 -41.80 12.75
C PRO D 486 -15.22 -42.30 13.70
N SER D 487 -13.97 -42.24 13.23
CA SER D 487 -12.82 -42.67 14.00
C SER D 487 -11.65 -41.74 13.74
N THR D 488 -10.57 -41.98 14.48
CA THR D 488 -9.39 -41.13 14.41
C THR D 488 -8.63 -41.27 13.09
N LYS D 489 -9.11 -42.08 12.15
CA LYS D 489 -8.40 -42.31 10.90
C LYS D 489 -9.28 -42.21 9.66
N ASP D 490 -10.57 -41.94 9.82
CA ASP D 490 -11.48 -41.90 8.68
C ASP D 490 -11.15 -40.69 7.81
N ALA D 491 -10.84 -40.94 6.54
CA ALA D 491 -10.45 -39.85 5.65
C ALA D 491 -11.62 -38.98 5.27
N ILE D 492 -12.84 -39.50 5.34
CA ILE D 492 -14.02 -38.70 4.99
C ILE D 492 -14.17 -37.53 5.94
N SER D 493 -14.03 -37.76 7.24
CA SER D 493 -14.24 -36.71 8.23
C SER D 493 -13.18 -35.64 8.12
N ASN D 494 -13.61 -34.38 8.26
CA ASN D 494 -12.71 -33.24 8.34
C ASN D 494 -12.25 -32.99 9.77
N HIS D 495 -12.46 -33.97 10.66
CA HIS D 495 -12.03 -33.91 12.05
C HIS D 495 -11.01 -35.02 12.20
N ALA D 496 -9.79 -34.67 12.60
CA ALA D 496 -8.72 -35.65 12.79
C ALA D 496 -8.23 -35.71 14.22
N ALA D 497 -9.13 -35.64 15.20
CA ALA D 497 -8.73 -35.70 16.59
C ALA D 497 -9.80 -36.41 17.42
N TYR D 498 -9.38 -36.93 18.57
CA TYR D 498 -10.27 -37.51 19.57
C TYR D 498 -10.32 -36.59 20.79
N PRO D 499 -11.50 -36.15 21.24
CA PRO D 499 -12.86 -36.47 20.77
C PRO D 499 -13.12 -36.03 19.34
N GLN D 500 -14.03 -36.69 18.63
CA GLN D 500 -14.26 -36.41 17.22
C GLN D 500 -15.73 -36.07 17.01
N ALA D 501 -15.98 -35.06 16.18
CA ALA D 501 -17.33 -34.69 15.83
C ALA D 501 -17.91 -35.70 14.84
N SER D 502 -19.23 -35.63 14.66
CA SER D 502 -19.89 -36.54 13.75
C SER D 502 -19.62 -36.16 12.30
N LEU D 503 -19.96 -37.07 11.41
CA LEU D 503 -20.01 -36.76 9.99
C LEU D 503 -21.27 -35.96 9.67
N ILE D 504 -21.26 -35.30 8.53
CA ILE D 504 -22.42 -34.56 8.05
C ILE D 504 -23.18 -35.45 7.06
N ARG D 505 -24.39 -35.86 7.46
CA ARG D 505 -25.09 -36.90 6.74
C ARG D 505 -25.43 -36.47 5.30
N LYS D 506 -25.66 -35.18 5.10
CA LYS D 506 -26.03 -34.70 3.76
C LYS D 506 -24.90 -34.92 2.76
N ALA D 507 -23.70 -34.45 3.09
CA ALA D 507 -22.58 -34.60 2.16
C ALA D 507 -22.23 -36.07 1.95
N LEU D 508 -22.38 -36.89 2.99
CA LEU D 508 -22.25 -38.33 2.82
C LEU D 508 -23.37 -38.92 1.97
N GLN D 509 -24.45 -38.17 1.75
CA GLN D 509 -25.54 -38.56 0.86
C GLN D 509 -26.16 -39.90 1.30
N LEU D 510 -26.62 -39.94 2.53
CA LEU D 510 -27.45 -41.09 2.87
C LEU D 510 -28.89 -40.64 3.10
N PRO D 511 -29.87 -41.49 2.79
CA PRO D 511 -31.26 -41.10 3.00
C PRO D 511 -31.56 -40.86 4.47
N LYS D 512 -32.51 -39.95 4.72
CA LYS D 512 -32.86 -39.58 6.08
C LYS D 512 -33.62 -40.69 6.79
N ARG D 513 -34.13 -41.66 6.04
CA ARG D 513 -35.10 -42.61 6.58
C ARG D 513 -34.52 -43.49 7.68
N ASN D 514 -33.27 -43.94 7.52
CA ASN D 514 -32.77 -44.94 8.47
C ASN D 514 -31.32 -44.75 8.89
N PHE D 515 -30.69 -43.61 8.63
CA PHE D 515 -29.30 -43.39 9.03
C PHE D 515 -29.20 -42.14 9.88
N LYS D 516 -28.30 -42.19 10.88
CA LYS D 516 -27.99 -41.07 11.74
C LYS D 516 -26.48 -40.98 11.90
N CYS D 517 -25.97 -39.76 12.06
CA CYS D 517 -24.55 -39.54 12.29
C CYS D 517 -24.33 -39.10 13.73
N MET D 518 -23.62 -39.91 14.50
CA MET D 518 -23.36 -39.64 15.90
C MET D 518 -21.88 -39.37 16.12
N ALA D 519 -21.54 -39.05 17.37
CA ALA D 519 -20.20 -38.57 17.67
C ALA D 519 -19.32 -39.70 18.21
N ASN D 520 -18.01 -39.45 18.17
CA ASN D 520 -17.00 -40.39 18.64
C ASN D 520 -16.20 -39.75 19.76
N PRO D 521 -16.47 -40.09 21.02
CA PRO D 521 -17.46 -41.05 21.51
C PRO D 521 -18.84 -40.43 21.65
N SER D 522 -19.84 -41.22 22.02
CA SER D 522 -21.18 -40.73 22.30
C SER D 522 -21.94 -41.77 23.10
N SER D 523 -23.04 -41.34 23.70
CA SER D 523 -23.94 -42.25 24.42
C SER D 523 -25.36 -41.97 23.99
N PHE D 524 -26.18 -43.02 24.00
CA PHE D 524 -27.54 -42.93 23.48
C PHE D 524 -28.36 -44.05 24.10
N GLN D 525 -29.67 -43.93 23.97
CA GLN D 525 -30.60 -44.94 24.46
C GLN D 525 -31.36 -45.57 23.31
N ILE D 526 -31.33 -46.90 23.24
CA ILE D 526 -32.20 -47.68 22.39
C ILE D 526 -33.24 -48.30 23.32
N ASN D 527 -34.49 -47.85 23.21
CA ASN D 527 -35.54 -48.19 24.17
C ASN D 527 -35.01 -47.80 25.55
N GLU D 528 -34.81 -48.74 26.47
CA GLU D 528 -34.28 -48.40 27.79
C GLU D 528 -32.77 -48.55 27.89
N ILE D 529 -32.16 -49.38 27.04
CA ILE D 529 -30.75 -49.73 27.22
C ILE D 529 -29.89 -48.50 26.96
N TYR D 530 -29.02 -48.18 27.91
CA TYR D 530 -28.20 -46.99 27.84
C TYR D 530 -26.81 -47.35 27.32
N PHE D 531 -26.56 -47.05 26.05
CA PHE D 531 -25.35 -47.47 25.36
C PHE D 531 -24.22 -46.46 25.60
N GLY D 532 -22.99 -46.94 25.45
CA GLY D 532 -21.83 -46.08 25.37
C GLY D 532 -20.86 -46.55 24.30
N CYS D 533 -20.60 -45.71 23.30
CA CYS D 533 -19.76 -46.11 22.16
C CYS D 533 -18.47 -45.31 22.17
N SER D 534 -17.36 -45.98 21.86
CA SER D 534 -16.06 -45.35 21.72
C SER D 534 -15.21 -46.21 20.79
N ASN D 535 -14.45 -45.56 19.90
CA ASN D 535 -13.71 -46.25 18.86
C ASN D 535 -12.22 -45.88 18.91
N VAL D 536 -11.63 -45.98 20.09
CA VAL D 536 -10.19 -45.91 20.26
C VAL D 536 -9.74 -47.12 21.07
N ASP D 537 -8.68 -47.78 20.60
CA ASP D 537 -8.30 -49.09 21.11
C ASP D 537 -7.54 -48.94 22.44
N THR D 538 -8.33 -48.68 23.50
CA THR D 538 -7.76 -48.68 24.84
C THR D 538 -7.15 -50.03 25.18
N PHE D 539 -7.86 -51.11 24.84
CA PHE D 539 -7.42 -52.43 25.26
C PHE D 539 -6.03 -52.76 24.74
N LYS D 540 -5.75 -52.45 23.47
CA LYS D 540 -4.44 -52.75 22.91
C LYS D 540 -3.35 -51.86 23.48
N ASP D 541 -3.61 -50.55 23.62
CA ASP D 541 -2.54 -49.63 23.96
C ASP D 541 -2.38 -49.43 25.47
N LEU D 542 -3.46 -49.51 26.24
CA LEU D 542 -3.37 -49.33 27.69
C LEU D 542 -2.42 -50.38 28.25
N LYS D 543 -1.28 -49.93 28.77
CA LYS D 543 -0.26 -50.82 29.31
C LYS D 543 -0.19 -50.61 30.81
N GLU D 544 -0.38 -51.69 31.56
CA GLU D 544 -0.44 -51.59 33.01
C GLU D 544 0.91 -51.90 33.64
N VAL D 545 1.05 -51.51 34.91
CA VAL D 545 2.16 -51.94 35.74
C VAL D 545 1.54 -52.67 36.93
N ILE D 546 1.80 -53.98 37.03
CA ILE D 546 1.09 -54.85 37.95
C ILE D 546 2.06 -55.39 38.99
N LYS D 547 1.64 -55.30 40.26
CA LYS D 547 2.30 -55.98 41.37
C LYS D 547 1.29 -56.91 42.03
N GLY D 548 1.78 -58.02 42.56
CA GLY D 548 0.92 -58.93 43.30
C GLY D 548 0.29 -59.97 42.39
N GLY D 549 0.13 -61.18 42.94
CA GLY D 549 -0.35 -62.29 42.13
C GLY D 549 -1.80 -62.13 41.70
N THR D 550 -2.67 -61.67 42.61
CA THR D 550 -4.10 -61.73 42.36
C THR D 550 -4.49 -60.86 41.17
N THR D 551 -3.94 -59.65 41.09
CA THR D 551 -4.27 -58.76 39.97
C THR D 551 -3.83 -59.38 38.65
N SER D 552 -2.65 -60.01 38.63
CA SER D 552 -2.20 -60.67 37.42
C SER D 552 -3.09 -61.84 37.04
N SER D 553 -3.54 -62.61 38.03
CA SER D 553 -4.37 -63.78 37.79
C SER D 553 -5.64 -63.48 37.02
N ARG D 554 -6.24 -62.31 37.23
CA ARG D 554 -7.45 -61.95 36.54
C ARG D 554 -7.20 -61.81 35.04
N TYR D 555 -8.29 -61.80 34.27
CA TYR D 555 -8.21 -61.50 32.85
C TYR D 555 -7.83 -60.04 32.67
N ARG D 556 -6.97 -59.76 31.68
CA ARG D 556 -6.57 -58.39 31.42
C ARG D 556 -7.76 -57.52 31.01
N LEU D 557 -8.63 -58.07 30.17
CA LEU D 557 -9.77 -57.31 29.67
C LEU D 557 -10.65 -56.82 30.82
N ASP D 558 -10.88 -57.66 31.82
CA ASP D 558 -11.68 -57.26 32.97
C ASP D 558 -11.01 -56.13 33.73
N ARG D 559 -9.70 -56.23 33.93
CA ARG D 559 -8.96 -55.18 34.63
C ARG D 559 -9.09 -53.84 33.91
N VAL D 560 -8.89 -53.87 32.59
CA VAL D 560 -8.93 -52.63 31.82
C VAL D 560 -10.33 -52.06 31.79
N SER D 561 -11.35 -52.93 31.69
CA SER D 561 -12.72 -52.44 31.70
C SER D 561 -13.07 -51.81 33.05
N GLU D 562 -12.62 -52.41 34.14
CA GLU D 562 -12.86 -51.82 35.46
C GLU D 562 -12.11 -50.51 35.61
N HIS D 563 -10.92 -50.39 35.00
CA HIS D 563 -10.22 -49.10 35.01
C HIS D 563 -10.99 -48.05 34.22
N ILE D 564 -11.57 -48.43 33.09
CA ILE D 564 -12.38 -47.50 32.32
C ILE D 564 -13.58 -47.04 33.15
N LEU D 565 -14.20 -47.99 33.87
CA LEU D 565 -15.31 -47.63 34.75
C LEU D 565 -14.86 -46.67 35.85
N GLN D 566 -13.72 -46.95 36.47
CA GLN D 566 -13.24 -46.11 37.57
C GLN D 566 -12.90 -44.71 37.10
N GLN D 567 -12.32 -44.59 35.90
CA GLN D 567 -11.89 -43.28 35.43
C GLN D 567 -13.01 -42.47 34.81
N ARG D 568 -14.19 -43.06 34.64
CA ARG D 568 -15.37 -42.36 34.11
C ARG D 568 -15.10 -41.72 32.75
N ARG D 569 -14.12 -42.24 32.02
CA ARG D 569 -13.84 -41.75 30.68
C ARG D 569 -13.36 -42.91 29.83
N TYR D 570 -13.76 -42.91 28.56
CA TYR D 570 -13.55 -44.08 27.70
C TYR D 570 -12.08 -44.33 27.41
N TYR D 571 -11.23 -43.32 27.47
CA TYR D 571 -9.81 -43.46 27.13
C TYR D 571 -8.98 -42.85 28.24
N PRO D 572 -8.78 -43.58 29.34
CA PRO D 572 -8.01 -43.03 30.46
C PRO D 572 -6.52 -42.94 30.21
N ILE D 573 -6.06 -43.19 28.98
CA ILE D 573 -4.64 -43.09 28.68
C ILE D 573 -4.27 -41.64 28.44
N PHE D 574 -3.29 -41.15 29.19
CA PHE D 574 -2.71 -39.85 28.98
C PHE D 574 -1.28 -39.93 29.50
N PRO D 575 -0.26 -39.69 28.66
CA PRO D 575 -0.31 -39.19 27.27
C PRO D 575 -0.93 -40.17 26.28
N GLY D 576 -1.42 -39.68 25.15
CA GLY D 576 -2.13 -40.53 24.21
C GLY D 576 -1.21 -41.40 23.39
N SER D 577 -1.83 -42.30 22.62
CA SER D 577 -1.05 -43.29 21.88
C SER D 577 -0.41 -42.68 20.63
N ILE D 578 0.70 -43.29 20.21
CA ILE D 578 1.41 -42.90 19.00
C ILE D 578 1.84 -44.17 18.27
N ARG D 579 1.78 -44.12 16.94
CA ARG D 579 2.32 -45.17 16.09
C ARG D 579 3.46 -44.56 15.28
N THR D 580 4.65 -44.56 15.86
CA THR D 580 5.80 -43.90 15.26
C THR D 580 6.27 -44.61 14.00
N HIS D 606 5.95 -41.42 12.54
CA HIS D 606 4.56 -41.26 12.96
C HIS D 606 3.61 -41.57 11.82
N ILE D 607 2.60 -42.40 12.09
CA ILE D 607 1.65 -42.81 11.06
C ILE D 607 0.25 -42.43 11.52
N SER D 608 -0.10 -42.84 12.74
CA SER D 608 -1.40 -42.56 13.32
C SER D 608 -1.27 -42.65 14.84
N GLY D 609 -2.39 -42.52 15.54
CA GLY D 609 -2.38 -42.58 16.98
C GLY D 609 -3.76 -42.27 17.53
N ALA D 610 -3.80 -42.12 18.85
CA ALA D 610 -5.06 -41.77 19.50
C ALA D 610 -5.55 -40.39 19.08
N ASP D 611 -4.65 -39.41 19.06
CA ASP D 611 -4.98 -38.03 18.73
C ASP D 611 -5.96 -37.43 19.74
N LEU D 612 -5.51 -37.33 20.98
CA LEU D 612 -6.33 -36.76 22.05
C LEU D 612 -6.40 -35.24 21.95
N ASP D 613 -7.62 -34.73 21.93
CA ASP D 613 -7.87 -33.28 21.99
C ASP D 613 -8.09 -32.96 23.47
N VAL D 614 -6.98 -32.60 24.14
CA VAL D 614 -6.96 -32.57 25.59
C VAL D 614 -7.85 -31.47 26.14
N SER D 615 -7.86 -30.31 25.47
CA SER D 615 -8.72 -29.21 25.92
C SER D 615 -10.19 -29.60 25.90
N TYR D 616 -10.55 -30.62 25.12
CA TYR D 616 -11.91 -31.13 25.09
C TYR D 616 -12.01 -32.50 25.74
N LEU D 617 -11.09 -32.80 26.67
CA LEU D 617 -11.08 -34.10 27.34
C LEU D 617 -12.40 -34.38 28.06
N GLY D 618 -13.11 -33.34 28.47
CA GLY D 618 -14.39 -33.51 29.11
C GLY D 618 -15.43 -34.20 28.24
N LEU D 619 -15.33 -34.04 26.92
CA LEU D 619 -16.33 -34.61 26.03
C LEU D 619 -16.40 -36.13 26.10
N THR D 620 -15.30 -36.80 26.46
CA THR D 620 -15.28 -38.25 26.54
C THR D 620 -15.66 -38.77 27.92
N GLU D 621 -15.73 -37.90 28.91
CA GLU D 621 -16.12 -38.31 30.25
C GLU D 621 -17.58 -38.79 30.24
N PHE D 622 -17.87 -39.79 31.08
CA PHE D 622 -19.18 -40.42 31.08
C PHE D 622 -20.30 -39.39 31.12
N VAL D 623 -21.40 -39.69 30.42
CA VAL D 623 -22.50 -38.75 30.28
C VAL D 623 -23.21 -38.62 31.62
N GLY D 624 -22.95 -37.52 32.33
CA GLY D 624 -23.58 -37.26 33.59
C GLY D 624 -23.13 -38.12 34.75
N GLY D 625 -22.00 -38.82 34.62
CA GLY D 625 -21.59 -39.73 35.66
C GLY D 625 -22.27 -41.08 35.62
N PHE D 626 -23.08 -41.34 34.60
CA PHE D 626 -23.77 -42.61 34.45
C PHE D 626 -22.92 -43.58 33.64
N SER D 627 -22.47 -44.65 34.29
CA SER D 627 -21.91 -45.76 33.54
C SER D 627 -23.00 -46.36 32.66
N PRO D 628 -22.70 -46.70 31.41
CA PRO D 628 -23.74 -47.17 30.51
C PRO D 628 -24.09 -48.62 30.78
N ASP D 629 -25.23 -49.05 30.23
CA ASP D 629 -25.56 -50.47 30.28
C ASP D 629 -24.65 -51.28 29.37
N ILE D 630 -24.44 -50.81 28.14
CA ILE D 630 -23.56 -51.48 27.20
C ILE D 630 -22.49 -50.49 26.75
N MET D 631 -21.23 -50.92 26.80
CA MET D 631 -20.10 -50.12 26.36
C MET D 631 -19.30 -50.91 25.33
N ILE D 632 -19.36 -50.47 24.07
CA ILE D 632 -18.73 -51.17 22.95
C ILE D 632 -17.51 -50.37 22.52
N ILE D 633 -16.34 -50.98 22.66
CA ILE D 633 -15.09 -50.29 22.37
C ILE D 633 -14.23 -51.13 21.42
N PRO D 634 -14.36 -50.90 20.11
CA PRO D 634 -13.60 -51.69 19.14
C PRO D 634 -12.11 -51.70 19.43
N SER D 635 -11.52 -52.89 19.31
CA SER D 635 -10.09 -53.07 19.52
C SER D 635 -9.52 -53.91 18.39
N GLU D 636 -8.25 -53.68 18.09
CA GLU D 636 -7.55 -54.52 17.12
C GLU D 636 -7.15 -55.86 17.71
N LEU D 637 -7.51 -56.12 18.96
CA LEU D 637 -7.32 -57.42 19.58
C LEU D 637 -8.36 -58.42 19.06
N GLN D 638 -8.43 -59.57 19.72
CA GLN D 638 -9.44 -60.56 19.42
C GLN D 638 -10.80 -60.11 19.95
N HIS D 639 -11.86 -60.64 19.34
CA HIS D 639 -13.21 -60.35 19.80
C HIS D 639 -13.56 -61.17 21.04
N PHE D 640 -14.44 -60.61 21.87
CA PHE D 640 -14.83 -61.22 23.13
C PHE D 640 -16.16 -60.63 23.59
N ALA D 641 -16.80 -61.31 24.54
CA ALA D 641 -18.00 -60.80 25.19
C ALA D 641 -17.86 -60.99 26.70
N ARG D 642 -17.71 -59.89 27.43
CA ARG D 642 -17.41 -59.96 28.84
C ARG D 642 -18.27 -58.98 29.63
N VAL D 643 -18.69 -59.40 30.82
CA VAL D 643 -19.44 -58.55 31.74
C VAL D 643 -18.62 -58.35 33.01
N VAL D 644 -18.41 -57.10 33.39
CA VAL D 644 -17.67 -56.75 34.59
C VAL D 644 -18.43 -55.66 35.34
N GLN D 645 -18.50 -55.78 36.66
CA GLN D 645 -19.14 -54.77 37.50
C GLN D 645 -20.55 -54.44 37.00
N ASN D 646 -21.18 -55.41 36.34
CA ASN D 646 -22.52 -55.30 35.79
C ASN D 646 -22.63 -54.31 34.63
N VAL D 647 -21.60 -54.20 33.80
CA VAL D 647 -21.67 -53.45 32.55
C VAL D 647 -21.25 -54.37 31.41
N VAL D 648 -21.93 -54.26 30.27
CA VAL D 648 -21.67 -55.14 29.14
C VAL D 648 -20.60 -54.51 28.26
N VAL D 649 -19.37 -55.00 28.37
CA VAL D 649 -18.28 -54.62 27.49
C VAL D 649 -18.33 -55.53 26.27
N ILE D 650 -18.31 -54.92 25.08
CA ILE D 650 -18.39 -55.66 23.83
C ILE D 650 -17.26 -55.22 22.91
N ASN D 651 -16.53 -56.18 22.35
CA ASN D 651 -15.59 -55.94 21.27
C ASN D 651 -15.98 -56.81 20.09
N PRO D 652 -16.75 -56.31 19.12
CA PRO D 652 -17.17 -57.18 18.01
C PRO D 652 -16.06 -57.48 17.01
N GLY D 653 -14.84 -57.00 17.24
CA GLY D 653 -13.73 -57.27 16.35
C GLY D 653 -13.89 -56.57 15.01
N ARG D 654 -12.82 -56.65 14.21
CA ARG D 654 -12.84 -56.03 12.89
C ARG D 654 -13.62 -56.89 11.91
N PHE D 655 -14.46 -56.23 11.10
CA PHE D 655 -15.37 -56.95 10.21
C PHE D 655 -14.59 -57.78 9.19
N ILE D 656 -13.50 -57.24 8.66
CA ILE D 656 -12.66 -57.96 7.73
C ILE D 656 -11.20 -57.79 8.17
N ARG D 657 -10.44 -58.88 8.06
CA ARG D 657 -9.07 -58.87 8.53
C ARG D 657 -8.15 -58.18 7.52
N ALA D 658 -6.88 -58.04 7.91
CA ALA D 658 -5.89 -57.46 7.03
C ALA D 658 -5.72 -58.30 5.77
N THR D 659 -5.67 -59.62 5.92
CA THR D 659 -5.61 -60.50 4.76
C THR D 659 -6.88 -60.45 3.92
N GLY D 660 -8.00 -60.02 4.51
CA GLY D 660 -9.27 -60.01 3.84
C GLY D 660 -10.20 -61.14 4.22
N ASN D 661 -9.76 -62.06 5.08
CA ASN D 661 -10.61 -63.15 5.52
C ASN D 661 -11.75 -62.65 6.40
N ARG D 662 -12.60 -63.58 6.81
CA ARG D 662 -13.73 -63.28 7.67
C ARG D 662 -13.28 -62.62 8.97
N GLY D 663 -14.18 -61.85 9.57
CA GLY D 663 -13.96 -61.28 10.88
C GLY D 663 -15.04 -61.69 11.86
N SER D 664 -15.66 -60.72 12.52
CA SER D 664 -16.78 -61.00 13.42
C SER D 664 -17.59 -59.72 13.61
N TYR D 665 -18.83 -59.90 14.05
CA TYR D 665 -19.69 -58.77 14.40
C TYR D 665 -20.59 -59.21 15.54
N ALA D 666 -21.12 -58.23 16.26
CA ALA D 666 -21.89 -58.47 17.47
C ALA D 666 -23.38 -58.55 17.16
N GLN D 667 -24.04 -59.50 17.81
CA GLN D 667 -25.50 -59.60 17.79
C GLN D 667 -26.00 -59.60 19.23
N ILE D 668 -26.87 -58.66 19.55
CA ILE D 668 -27.34 -58.44 20.91
C ILE D 668 -28.82 -58.80 20.97
N THR D 669 -29.14 -59.83 21.76
CA THR D 669 -30.52 -60.26 21.96
C THR D 669 -30.92 -59.93 23.38
N VAL D 670 -31.63 -58.81 23.55
CA VAL D 670 -32.06 -58.34 24.85
C VAL D 670 -33.53 -58.68 25.03
N GLN D 671 -33.84 -59.35 26.13
CA GLN D 671 -35.23 -59.68 26.41
C GLN D 671 -36.04 -58.42 26.67
N CYS D 672 -37.27 -58.41 26.18
CA CYS D 672 -38.14 -57.27 26.36
C CYS D 672 -38.32 -56.97 27.85
N PRO D 673 -38.33 -55.71 28.25
CA PRO D 673 -38.39 -55.39 29.69
C PRO D 673 -39.67 -55.93 30.33
N THR D 681 -34.65 -54.64 38.90
CA THR D 681 -34.51 -54.26 40.30
C THR D 681 -35.21 -52.91 40.51
N LEU D 682 -35.87 -52.77 41.66
CA LEU D 682 -36.53 -51.51 42.00
C LEU D 682 -35.67 -50.73 42.97
N VAL D 683 -35.54 -49.43 42.75
CA VAL D 683 -34.75 -48.56 43.61
C VAL D 683 -35.67 -47.93 44.63
N GLU D 684 -35.29 -48.03 45.91
CA GLU D 684 -36.09 -47.42 46.97
C GLU D 684 -36.08 -45.91 46.83
N GLY D 685 -37.24 -45.30 47.05
CA GLY D 685 -37.40 -43.87 46.94
C GLY D 685 -38.84 -43.49 46.75
N GLU D 686 -39.15 -42.25 47.13
CA GLU D 686 -40.51 -41.74 46.95
C GLU D 686 -40.91 -41.76 45.48
N GLU D 687 -39.93 -41.61 44.59
CA GLU D 687 -40.18 -41.67 43.16
C GLU D 687 -39.70 -43.03 42.64
N PRO D 688 -40.60 -43.91 42.21
CA PRO D 688 -40.19 -45.27 41.82
C PRO D 688 -39.39 -45.27 40.52
N VAL D 689 -38.17 -45.77 40.59
CA VAL D 689 -37.31 -45.96 39.43
C VAL D 689 -36.74 -47.37 39.48
N TYR D 690 -36.15 -47.80 38.37
CA TYR D 690 -35.71 -49.17 38.21
C TYR D 690 -34.31 -49.21 37.60
N LEU D 691 -33.36 -49.76 38.36
CA LEU D 691 -32.01 -49.93 37.84
C LEU D 691 -32.04 -50.90 36.65
N HIS D 692 -31.41 -50.52 35.54
CA HIS D 692 -31.36 -51.39 34.39
C HIS D 692 -30.45 -52.58 34.65
N ASN D 693 -30.90 -53.76 34.25
CA ASN D 693 -30.12 -54.98 34.36
C ASN D 693 -30.04 -55.62 32.98
N VAL D 694 -29.06 -55.18 32.19
CA VAL D 694 -28.89 -55.72 30.84
C VAL D 694 -28.15 -57.04 30.89
N TRP D 695 -27.12 -57.13 31.74
CA TRP D 695 -26.31 -58.35 31.81
C TRP D 695 -27.13 -59.56 32.21
N LYS D 696 -28.27 -59.34 32.87
CA LYS D 696 -29.22 -60.42 33.11
C LYS D 696 -30.04 -60.76 31.87
N ARG D 697 -30.32 -59.77 31.01
CA ARG D 697 -31.33 -59.91 29.98
C ARG D 697 -30.77 -60.02 28.57
N ALA D 698 -29.53 -59.62 28.34
CA ALA D 698 -28.98 -59.55 26.99
C ALA D 698 -28.15 -60.78 26.68
N ARG D 699 -28.20 -61.21 25.42
CA ARG D 699 -27.38 -62.30 24.91
C ARG D 699 -26.53 -61.77 23.77
N VAL D 700 -25.23 -61.64 24.01
CA VAL D 700 -24.30 -61.06 23.04
C VAL D 700 -23.59 -62.20 22.33
N ASP D 701 -23.90 -62.38 21.05
CA ASP D 701 -23.31 -63.43 20.24
C ASP D 701 -22.36 -62.81 19.22
N LEU D 702 -21.15 -63.39 19.13
CA LEU D 702 -20.09 -62.89 18.27
C LEU D 702 -20.02 -63.79 17.04
N ILE D 703 -20.81 -63.46 16.02
CA ILE D 703 -20.93 -64.26 14.83
C ILE D 703 -19.96 -63.73 13.77
N ALA D 704 -19.30 -64.65 13.08
CA ALA D 704 -18.36 -64.26 12.03
C ALA D 704 -19.08 -63.51 10.93
N SER D 705 -18.35 -62.63 10.25
CA SER D 705 -18.89 -61.79 9.19
C SER D 705 -19.47 -62.60 8.03
FE1 SF4 G . 15.47 4.94 14.99
FE2 SF4 G . 16.35 2.36 15.14
FE3 SF4 G . 13.72 2.87 14.58
FE4 SF4 G . 14.71 3.37 17.09
S1 SF4 G . 14.53 1.35 16.07
S2 SF4 G . 13.37 4.74 15.86
S3 SF4 G . 16.83 4.06 16.59
S4 SF4 G . 15.52 3.42 13.30
#